data_1WGD
#
_entry.id   1WGD
#
_cell.length_a   1.000
_cell.length_b   1.000
_cell.length_c   1.000
_cell.angle_alpha   90.00
_cell.angle_beta   90.00
_cell.angle_gamma   90.00
#
_symmetry.space_group_name_H-M   'P 1'
#
_entity_poly.entity_id   1
_entity_poly.type   'polypeptide(L)'
_entity_poly.pdbx_seq_one_letter_code
;GSSGSSGVTLLVKSPNQRHRDLELSGDRGWSVGHLKAHLSRVYPERPRPEDQRLIYSGKLLLDHQCLRDLLPKQEKRHVL
HLVCNVKSGPSSG
;
_entity_poly.pdbx_strand_id   A
#
# COMPACT_ATOMS: atom_id res chain seq x y z
N GLY A 1 8.62 18.57 -5.44
CA GLY A 1 7.30 18.03 -5.13
C GLY A 1 6.54 18.96 -4.19
N SER A 2 5.86 19.92 -4.78
CA SER A 2 5.09 20.88 -4.01
C SER A 2 3.62 20.45 -3.96
N SER A 3 3.22 19.99 -2.78
CA SER A 3 1.85 19.54 -2.57
C SER A 3 1.53 19.48 -1.09
N GLY A 4 0.29 19.83 -0.76
CA GLY A 4 -0.15 19.81 0.62
C GLY A 4 -1.65 20.12 0.72
N SER A 5 -2.45 19.07 0.64
CA SER A 5 -3.89 19.21 0.72
C SER A 5 -4.45 18.32 1.83
N SER A 6 -4.19 17.03 1.67
CA SER A 6 -4.66 16.06 2.66
C SER A 6 -4.09 14.67 2.34
N GLY A 7 -4.42 14.19 1.15
CA GLY A 7 -3.94 12.89 0.71
C GLY A 7 -5.00 12.18 -0.14
N VAL A 8 -4.65 10.97 -0.57
CA VAL A 8 -5.55 10.19 -1.38
C VAL A 8 -5.93 8.90 -0.64
N THR A 9 -7.08 8.36 -0.98
CA THR A 9 -7.55 7.14 -0.35
C THR A 9 -7.14 5.92 -1.17
N LEU A 10 -6.31 5.09 -0.57
CA LEU A 10 -5.83 3.89 -1.23
C LEU A 10 -6.58 2.67 -0.68
N LEU A 11 -7.23 1.96 -1.60
CA LEU A 11 -8.00 0.78 -1.22
C LEU A 11 -7.09 -0.45 -1.30
N VAL A 12 -6.64 -0.88 -0.13
CA VAL A 12 -5.77 -2.04 -0.04
C VAL A 12 -6.59 -3.31 -0.22
N LYS A 13 -6.65 -3.78 -1.46
CA LYS A 13 -7.40 -4.98 -1.77
C LYS A 13 -6.44 -6.18 -1.84
N SER A 14 -7.04 -7.37 -1.81
CA SER A 14 -6.25 -8.60 -1.87
C SER A 14 -6.78 -9.50 -2.97
N PRO A 15 -5.82 -10.11 -3.73
CA PRO A 15 -6.17 -11.00 -4.81
C PRO A 15 -6.67 -12.35 -4.28
N ASN A 16 -7.84 -12.32 -3.67
CA ASN A 16 -8.43 -13.52 -3.12
C ASN A 16 -7.33 -14.35 -2.44
N GLN A 17 -6.78 -13.79 -1.37
CA GLN A 17 -5.73 -14.47 -0.63
C GLN A 17 -5.74 -14.03 0.83
N ARG A 18 -6.90 -13.52 1.25
CA ARG A 18 -7.06 -13.07 2.62
C ARG A 18 -8.46 -12.50 2.82
N HIS A 19 -8.94 -11.79 1.81
CA HIS A 19 -10.26 -11.19 1.86
C HIS A 19 -10.19 -9.88 2.64
N ARG A 20 -11.29 -9.14 2.59
CA ARG A 20 -11.37 -7.86 3.29
C ARG A 20 -10.47 -6.83 2.62
N ASP A 21 -10.78 -5.56 2.85
CA ASP A 21 -10.00 -4.48 2.27
C ASP A 21 -9.58 -3.52 3.39
N LEU A 22 -8.80 -2.53 3.00
CA LEU A 22 -8.31 -1.54 3.95
C LEU A 22 -8.02 -0.23 3.21
N GLU A 23 -8.72 0.82 3.63
CA GLU A 23 -8.56 2.12 3.02
C GLU A 23 -7.69 3.01 3.91
N LEU A 24 -6.55 3.42 3.36
CA LEU A 24 -5.62 4.27 4.09
C LEU A 24 -5.23 5.46 3.20
N SER A 25 -4.52 6.40 3.82
CA SER A 25 -4.07 7.58 3.10
C SER A 25 -2.95 7.20 2.13
N GLY A 26 -2.86 7.99 1.07
CA GLY A 26 -1.84 7.75 0.05
C GLY A 26 -1.34 9.08 -0.54
N ASP A 27 -1.03 10.00 0.35
CA ASP A 27 -0.54 11.30 -0.07
C ASP A 27 0.38 11.13 -1.27
N ARG A 28 0.21 12.04 -2.24
CA ARG A 28 1.01 12.00 -3.45
C ARG A 28 2.49 12.19 -3.12
N GLY A 29 2.73 12.62 -1.89
CA GLY A 29 4.09 12.85 -1.43
C GLY A 29 4.68 11.58 -0.82
N TRP A 30 3.80 10.70 -0.38
CA TRP A 30 4.22 9.45 0.22
C TRP A 30 5.15 8.74 -0.77
N SER A 31 5.56 7.53 -0.38
CA SER A 31 6.45 6.75 -1.22
C SER A 31 6.08 5.27 -1.11
N VAL A 32 5.91 4.64 -2.27
CA VAL A 32 5.57 3.24 -2.33
C VAL A 32 6.33 2.49 -1.23
N GLY A 33 7.64 2.70 -1.20
CA GLY A 33 8.49 2.06 -0.22
C GLY A 33 8.03 2.39 1.20
N HIS A 34 7.73 3.67 1.40
CA HIS A 34 7.28 4.13 2.71
C HIS A 34 5.89 3.58 3.00
N LEU A 35 4.97 3.86 2.09
CA LEU A 35 3.61 3.39 2.23
C LEU A 35 3.61 1.97 2.80
N LYS A 36 4.33 1.10 2.11
CA LYS A 36 4.43 -0.28 2.53
C LYS A 36 4.52 -0.35 4.06
N ALA A 37 5.62 0.17 4.57
CA ALA A 37 5.83 0.18 6.01
C ALA A 37 4.58 0.72 6.72
N HIS A 38 4.17 1.90 6.30
CA HIS A 38 2.99 2.53 6.88
C HIS A 38 1.84 1.51 6.91
N LEU A 39 1.71 0.78 5.81
CA LEU A 39 0.66 -0.22 5.70
C LEU A 39 0.87 -1.29 6.78
N SER A 40 2.04 -1.91 6.73
CA SER A 40 2.37 -2.95 7.69
C SER A 40 1.82 -2.59 9.07
N ARG A 41 1.76 -1.29 9.32
CA ARG A 41 1.25 -0.80 10.60
C ARG A 41 -0.24 -1.07 10.71
N VAL A 42 -1.00 -0.34 9.91
CA VAL A 42 -2.45 -0.49 9.92
C VAL A 42 -2.81 -1.97 9.73
N TYR A 43 -1.87 -2.70 9.15
CA TYR A 43 -2.08 -4.11 8.91
C TYR A 43 -1.77 -4.93 10.17
N PRO A 44 -2.80 -5.72 10.60
CA PRO A 44 -2.65 -6.55 11.77
C PRO A 44 -1.78 -7.78 11.49
N GLU A 45 -0.50 -7.63 11.79
CA GLU A 45 0.45 -8.72 11.56
C GLU A 45 1.89 -8.19 11.65
N ARG A 46 2.05 -6.94 11.24
CA ARG A 46 3.36 -6.31 11.26
C ARG A 46 4.29 -6.97 10.24
N PRO A 47 3.89 -6.87 8.95
CA PRO A 47 4.67 -7.45 7.87
C PRO A 47 5.93 -6.62 7.59
N ARG A 48 6.53 -6.89 6.44
CA ARG A 48 7.73 -6.17 6.05
C ARG A 48 7.43 -5.24 4.88
N PRO A 49 8.20 -4.12 4.83
CA PRO A 49 8.03 -3.14 3.77
C PRO A 49 8.62 -3.63 2.45
N GLU A 50 9.55 -4.57 2.58
CA GLU A 50 10.20 -5.15 1.41
C GLU A 50 9.38 -6.31 0.86
N ASP A 51 8.61 -6.92 1.76
CA ASP A 51 7.77 -8.05 1.38
C ASP A 51 6.44 -7.53 0.83
N GLN A 52 5.87 -6.58 1.56
CA GLN A 52 4.60 -6.00 1.16
C GLN A 52 4.62 -5.65 -0.34
N ARG A 53 3.85 -6.41 -1.09
CA ARG A 53 3.77 -6.19 -2.53
C ARG A 53 2.66 -5.20 -2.85
N LEU A 54 3.08 -4.01 -3.28
CA LEU A 54 2.13 -2.97 -3.62
C LEU A 54 1.82 -3.03 -5.13
N ILE A 55 0.56 -3.26 -5.43
CA ILE A 55 0.13 -3.36 -6.81
C ILE A 55 -1.04 -2.39 -7.04
N TYR A 56 -1.07 -1.83 -8.23
CA TYR A 56 -2.13 -0.89 -8.59
C TYR A 56 -2.71 -1.22 -9.97
N SER A 57 -3.84 -1.92 -9.94
CA SER A 57 -4.51 -2.31 -11.17
C SER A 57 -3.70 -3.39 -11.89
N GLY A 58 -3.03 -4.21 -11.09
CA GLY A 58 -2.22 -5.28 -11.63
C GLY A 58 -0.75 -4.86 -11.76
N LYS A 59 -0.56 -3.58 -12.05
CA LYS A 59 0.78 -3.04 -12.20
C LYS A 59 1.46 -3.01 -10.82
N LEU A 60 2.49 -3.84 -10.70
CA LEU A 60 3.23 -3.92 -9.46
C LEU A 60 3.99 -2.61 -9.23
N LEU A 61 3.98 -2.17 -7.99
CA LEU A 61 4.65 -0.94 -7.63
C LEU A 61 6.09 -1.24 -7.20
N LEU A 62 6.93 -0.22 -7.27
CA LEU A 62 8.32 -0.37 -6.90
C LEU A 62 8.49 -0.04 -5.42
N ASP A 63 8.89 1.20 -5.16
CA ASP A 63 9.09 1.66 -3.80
C ASP A 63 9.49 3.13 -3.80
N HIS A 64 10.40 3.47 -4.71
CA HIS A 64 10.88 4.83 -4.84
C HIS A 64 9.82 5.67 -5.56
N GLN A 65 9.05 5.00 -6.40
CA GLN A 65 8.01 5.67 -7.16
C GLN A 65 7.09 6.45 -6.22
N CYS A 66 6.60 7.58 -6.72
CA CYS A 66 5.71 8.41 -5.94
C CYS A 66 4.26 8.12 -6.36
N LEU A 67 3.36 8.26 -5.40
CA LEU A 67 1.95 8.00 -5.67
C LEU A 67 1.45 8.99 -6.72
N ARG A 68 1.92 10.22 -6.61
CA ARG A 68 1.53 11.27 -7.54
C ARG A 68 1.59 10.74 -8.98
N ASP A 69 2.77 10.25 -9.35
CA ASP A 69 2.97 9.72 -10.67
C ASP A 69 2.05 8.51 -10.88
N LEU A 70 2.15 7.57 -9.96
CA LEU A 70 1.34 6.36 -10.03
C LEU A 70 -0.14 6.75 -10.17
N LEU A 71 -0.73 7.12 -9.05
CA LEU A 71 -2.13 7.52 -9.03
C LEU A 71 -2.37 8.55 -10.13
N PRO A 72 -3.65 8.61 -10.59
CA PRO A 72 -4.03 9.55 -11.64
C PRO A 72 -4.12 10.98 -11.08
N LYS A 73 -4.69 11.85 -11.90
CA LYS A 73 -4.84 13.24 -11.51
C LYS A 73 -6.22 13.74 -11.93
N GLN A 74 -7.21 12.90 -11.68
CA GLN A 74 -8.58 13.23 -12.03
C GLN A 74 -9.56 12.35 -11.25
N GLU A 75 -9.48 11.05 -11.50
CA GLU A 75 -10.34 10.11 -10.82
C GLU A 75 -10.33 10.35 -9.31
N LYS A 76 -11.19 9.62 -8.61
CA LYS A 76 -11.29 9.75 -7.17
C LYS A 76 -10.90 8.43 -6.52
N ARG A 77 -10.26 8.53 -5.37
CA ARG A 77 -9.83 7.34 -4.64
C ARG A 77 -9.01 6.43 -5.55
N HIS A 78 -8.42 5.42 -4.93
CA HIS A 78 -7.60 4.46 -5.67
C HIS A 78 -7.72 3.08 -5.01
N VAL A 79 -7.61 2.06 -5.85
CA VAL A 79 -7.69 0.69 -5.36
C VAL A 79 -6.34 0.01 -5.54
N LEU A 80 -5.64 -0.16 -4.42
CA LEU A 80 -4.33 -0.80 -4.43
C LEU A 80 -4.48 -2.26 -4.02
N HIS A 81 -3.41 -3.01 -4.24
CA HIS A 81 -3.40 -4.42 -3.91
C HIS A 81 -2.11 -4.76 -3.14
N LEU A 82 -2.24 -4.78 -1.82
CA LEU A 82 -1.10 -5.08 -0.97
C LEU A 82 -1.07 -6.58 -0.68
N VAL A 83 -0.10 -7.24 -1.28
CA VAL A 83 0.05 -8.68 -1.10
C VAL A 83 1.12 -8.95 -0.03
N CYS A 84 0.71 -9.68 1.00
CA CYS A 84 1.61 -10.01 2.09
C CYS A 84 2.41 -11.25 1.68
N ASN A 85 3.69 -11.23 2.04
CA ASN A 85 4.58 -12.34 1.72
C ASN A 85 5.49 -12.62 2.92
N VAL A 86 5.37 -13.82 3.44
CA VAL A 86 6.18 -14.22 4.58
C VAL A 86 7.54 -14.72 4.09
N LYS A 87 8.13 -15.60 4.87
CA LYS A 87 9.43 -16.17 4.53
C LYS A 87 9.51 -17.60 5.04
N SER A 88 8.73 -18.47 4.41
CA SER A 88 8.71 -19.88 4.79
C SER A 88 8.19 -20.02 6.23
N GLY A 89 7.49 -21.12 6.46
CA GLY A 89 6.93 -21.39 7.78
C GLY A 89 7.41 -22.74 8.31
N PRO A 90 7.24 -22.93 9.64
CA PRO A 90 7.64 -24.17 10.27
C PRO A 90 6.64 -25.29 9.96
N SER A 91 6.78 -25.84 8.77
CA SER A 91 5.90 -26.92 8.34
C SER A 91 5.76 -27.96 9.45
N SER A 92 4.69 -28.73 9.36
CA SER A 92 4.42 -29.76 10.36
C SER A 92 4.27 -29.13 11.74
N GLY A 93 3.64 -29.88 12.63
CA GLY A 93 3.42 -29.40 13.99
C GLY A 93 2.01 -28.82 14.14
N GLY A 1 5.07 19.71 -2.15
CA GLY A 1 3.65 19.62 -2.46
C GLY A 1 3.22 20.83 -3.29
N SER A 2 2.03 21.33 -2.95
CA SER A 2 1.48 22.48 -3.65
C SER A 2 0.22 22.96 -2.95
N SER A 3 -0.76 22.07 -2.87
CA SER A 3 -2.02 22.39 -2.23
C SER A 3 -2.80 21.10 -1.93
N GLY A 4 -2.38 20.44 -0.86
CA GLY A 4 -3.02 19.20 -0.45
C GLY A 4 -2.34 18.60 0.78
N SER A 5 -3.15 18.21 1.74
CA SER A 5 -2.63 17.62 2.97
C SER A 5 -3.21 16.22 3.16
N SER A 6 -4.54 16.15 3.14
CA SER A 6 -5.23 14.89 3.31
C SER A 6 -4.60 13.82 2.41
N GLY A 7 -4.51 14.14 1.13
CA GLY A 7 -3.94 13.23 0.16
C GLY A 7 -5.03 12.42 -0.54
N VAL A 8 -4.65 11.22 -0.96
CA VAL A 8 -5.58 10.34 -1.65
C VAL A 8 -5.90 9.14 -0.75
N THR A 9 -6.83 8.32 -1.22
CA THR A 9 -7.24 7.14 -0.48
C THR A 9 -7.00 5.88 -1.31
N LEU A 10 -6.11 5.03 -0.80
CA LEU A 10 -5.78 3.80 -1.49
C LEU A 10 -6.54 2.64 -0.82
N LEU A 11 -7.17 1.83 -1.66
CA LEU A 11 -7.92 0.69 -1.16
C LEU A 11 -7.08 -0.57 -1.30
N VAL A 12 -6.60 -1.06 -0.18
CA VAL A 12 -5.77 -2.26 -0.17
C VAL A 12 -6.67 -3.49 -0.27
N LYS A 13 -6.53 -4.19 -1.39
CA LYS A 13 -7.32 -5.38 -1.64
C LYS A 13 -6.44 -6.61 -1.47
N SER A 14 -7.09 -7.72 -1.13
CA SER A 14 -6.38 -8.97 -0.93
C SER A 14 -6.82 -10.01 -1.97
N PRO A 15 -6.16 -9.94 -3.16
CA PRO A 15 -6.49 -10.86 -4.24
C PRO A 15 -5.92 -12.26 -3.97
N ASN A 16 -6.27 -12.77 -2.79
CA ASN A 16 -5.81 -14.09 -2.39
C ASN A 16 -5.89 -14.21 -0.87
N GLN A 17 -5.24 -13.28 -0.19
CA GLN A 17 -5.23 -13.28 1.26
C GLN A 17 -6.56 -12.73 1.79
N ARG A 18 -7.61 -13.51 1.57
CA ARG A 18 -8.94 -13.12 2.03
C ARG A 18 -9.27 -11.72 1.52
N HIS A 19 -10.11 -11.68 0.49
CA HIS A 19 -10.52 -10.42 -0.10
C HIS A 19 -10.81 -9.40 1.02
N ARG A 20 -9.91 -8.44 1.14
CA ARG A 20 -10.05 -7.41 2.15
C ARG A 20 -10.24 -6.04 1.50
N ASP A 21 -10.39 -5.04 2.33
CA ASP A 21 -10.58 -3.68 1.85
C ASP A 21 -10.13 -2.69 2.92
N LEU A 22 -8.87 -2.28 2.82
CA LEU A 22 -8.31 -1.33 3.78
C LEU A 22 -8.02 -0.02 3.07
N GLU A 23 -8.84 0.98 3.38
CA GLU A 23 -8.68 2.30 2.79
C GLU A 23 -7.85 3.20 3.71
N LEU A 24 -6.70 3.61 3.20
CA LEU A 24 -5.81 4.47 3.96
C LEU A 24 -5.41 5.67 3.10
N SER A 25 -4.71 6.60 3.73
CA SER A 25 -4.26 7.79 3.04
C SER A 25 -3.07 7.47 2.13
N GLY A 26 -3.07 8.08 0.96
CA GLY A 26 -2.01 7.87 0.01
C GLY A 26 -1.47 9.19 -0.54
N ASP A 27 -1.13 10.08 0.39
CA ASP A 27 -0.62 11.39 0.02
C ASP A 27 0.31 11.24 -1.20
N ARG A 28 0.12 12.13 -2.16
CA ARG A 28 0.91 12.10 -3.37
C ARG A 28 2.40 12.25 -3.03
N GLY A 29 2.65 12.69 -1.80
CA GLY A 29 4.02 12.88 -1.34
C GLY A 29 4.59 11.57 -0.78
N TRP A 30 3.70 10.75 -0.23
CA TRP A 30 4.10 9.48 0.35
C TRP A 30 5.01 8.78 -0.66
N SER A 31 5.65 7.72 -0.19
CA SER A 31 6.54 6.95 -1.03
C SER A 31 6.17 5.47 -0.98
N VAL A 32 6.10 4.85 -2.16
CA VAL A 32 5.77 3.45 -2.25
C VAL A 32 6.43 2.69 -1.11
N GLY A 33 7.76 2.69 -1.14
CA GLY A 33 8.52 2.00 -0.11
C GLY A 33 8.06 2.41 1.29
N HIS A 34 7.69 3.68 1.42
CA HIS A 34 7.22 4.21 2.68
C HIS A 34 5.85 3.64 3.00
N LEU A 35 4.92 3.87 2.08
CA LEU A 35 3.56 3.38 2.26
C LEU A 35 3.59 1.99 2.87
N LYS A 36 4.25 1.08 2.16
CA LYS A 36 4.37 -0.30 2.63
C LYS A 36 4.57 -0.30 4.14
N ALA A 37 5.66 0.34 4.55
CA ALA A 37 5.99 0.40 5.97
C ALA A 37 4.76 0.87 6.75
N HIS A 38 4.16 1.94 6.27
CA HIS A 38 2.97 2.49 6.91
C HIS A 38 1.87 1.43 6.94
N LEU A 39 1.68 0.78 5.80
CA LEU A 39 0.67 -0.24 5.68
C LEU A 39 0.88 -1.28 6.77
N SER A 40 2.00 -1.99 6.67
CA SER A 40 2.32 -3.02 7.64
C SER A 40 1.92 -2.55 9.05
N ARG A 41 1.96 -1.25 9.24
CA ARG A 41 1.61 -0.67 10.52
C ARG A 41 0.10 -0.76 10.74
N VAL A 42 -0.65 -0.25 9.77
CA VAL A 42 -2.10 -0.26 9.85
C VAL A 42 -2.60 -1.69 9.66
N TYR A 43 -1.72 -2.53 9.10
CA TYR A 43 -2.07 -3.92 8.87
C TYR A 43 -1.80 -4.76 10.11
N PRO A 44 -2.86 -5.51 10.54
CA PRO A 44 -2.75 -6.37 11.70
C PRO A 44 -1.95 -7.63 11.39
N GLU A 45 -0.66 -7.57 11.70
CA GLU A 45 0.22 -8.70 11.47
C GLU A 45 1.68 -8.25 11.54
N ARG A 46 1.91 -7.01 11.12
CA ARG A 46 3.26 -6.45 11.14
C ARG A 46 4.13 -7.17 10.11
N PRO A 47 3.75 -7.02 8.82
CA PRO A 47 4.48 -7.64 7.73
C PRO A 47 5.79 -6.89 7.46
N ARG A 48 6.34 -7.14 6.28
CA ARG A 48 7.58 -6.49 5.89
C ARG A 48 7.34 -5.52 4.73
N PRO A 49 8.15 -4.44 4.71
CA PRO A 49 8.02 -3.43 3.67
C PRO A 49 8.61 -3.93 2.35
N GLU A 50 9.49 -4.92 2.46
CA GLU A 50 10.12 -5.50 1.29
C GLU A 50 9.26 -6.62 0.72
N ASP A 51 8.51 -7.26 1.60
CA ASP A 51 7.63 -8.34 1.20
C ASP A 51 6.31 -7.76 0.69
N GLN A 52 5.77 -6.83 1.47
CA GLN A 52 4.51 -6.20 1.11
C GLN A 52 4.50 -5.83 -0.37
N ARG A 53 3.73 -6.59 -1.14
CA ARG A 53 3.62 -6.36 -2.56
C ARG A 53 2.47 -5.40 -2.86
N LEU A 54 2.81 -4.22 -3.34
CA LEU A 54 1.82 -3.21 -3.67
C LEU A 54 1.48 -3.30 -5.15
N ILE A 55 0.25 -3.72 -5.43
CA ILE A 55 -0.21 -3.85 -6.81
C ILE A 55 -1.41 -2.93 -7.02
N TYR A 56 -1.21 -1.96 -7.90
CA TYR A 56 -2.27 -1.01 -8.21
C TYR A 56 -3.14 -1.51 -9.38
N SER A 57 -2.69 -2.60 -9.97
CA SER A 57 -3.40 -3.18 -11.09
C SER A 57 -2.46 -4.08 -11.91
N GLY A 58 -2.38 -5.33 -11.50
CA GLY A 58 -1.53 -6.29 -12.18
C GLY A 58 -0.17 -5.68 -12.51
N LYS A 59 0.20 -4.68 -11.72
CA LYS A 59 1.47 -4.00 -11.91
C LYS A 59 1.97 -3.47 -10.57
N LEU A 60 2.93 -4.21 -10.01
CA LEU A 60 3.50 -3.84 -8.73
C LEU A 60 4.18 -2.47 -8.86
N LEU A 61 4.18 -1.74 -7.75
CA LEU A 61 4.79 -0.42 -7.73
C LEU A 61 6.25 -0.55 -7.29
N LEU A 62 7.00 0.53 -7.50
CA LEU A 62 8.40 0.55 -7.13
C LEU A 62 8.62 1.58 -6.01
N ASP A 63 9.74 1.43 -5.32
CA ASP A 63 10.08 2.33 -4.23
C ASP A 63 10.55 3.67 -4.81
N HIS A 64 11.19 3.58 -5.97
CA HIS A 64 11.70 4.77 -6.64
C HIS A 64 10.57 5.43 -7.44
N GLN A 65 9.45 5.64 -6.76
CA GLN A 65 8.30 6.27 -7.39
C GLN A 65 7.51 7.09 -6.37
N CYS A 66 6.63 7.93 -6.89
CA CYS A 66 5.82 8.78 -6.05
C CYS A 66 4.34 8.48 -6.33
N LEU A 67 3.54 8.56 -5.28
CA LEU A 67 2.11 8.29 -5.41
C LEU A 67 1.52 9.20 -6.49
N ARG A 68 1.89 10.47 -6.43
CA ARG A 68 1.42 11.44 -7.40
C ARG A 68 1.39 10.83 -8.80
N ASP A 69 2.58 10.59 -9.32
CA ASP A 69 2.71 10.01 -10.65
C ASP A 69 1.95 8.68 -10.70
N LEU A 70 2.33 7.79 -9.78
CA LEU A 70 1.69 6.48 -9.71
C LEU A 70 0.20 6.63 -9.97
N LEU A 71 -0.50 7.18 -8.98
CA LEU A 71 -1.93 7.39 -9.09
C LEU A 71 -2.21 8.41 -10.19
N PRO A 72 -3.33 8.17 -10.92
CA PRO A 72 -3.73 9.05 -12.00
C PRO A 72 -4.32 10.35 -11.45
N LYS A 73 -4.32 11.37 -12.31
CA LYS A 73 -4.84 12.67 -11.92
C LYS A 73 -6.14 12.94 -12.68
N GLN A 74 -7.22 12.36 -12.17
CA GLN A 74 -8.53 12.51 -12.79
C GLN A 74 -9.59 11.75 -12.01
N GLU A 75 -9.39 10.44 -11.94
CA GLU A 75 -10.31 9.57 -11.22
C GLU A 75 -10.30 9.90 -9.73
N LYS A 76 -11.28 9.36 -9.02
CA LYS A 76 -11.39 9.58 -7.59
C LYS A 76 -10.84 8.36 -6.85
N ARG A 77 -10.12 8.64 -5.77
CA ARG A 77 -9.54 7.58 -4.97
C ARG A 77 -8.79 6.58 -5.86
N HIS A 78 -8.24 5.57 -5.22
CA HIS A 78 -7.49 4.55 -5.94
C HIS A 78 -7.57 3.22 -5.18
N VAL A 79 -7.54 2.14 -5.93
CA VAL A 79 -7.61 0.82 -5.35
C VAL A 79 -6.27 0.10 -5.54
N LEU A 80 -5.64 -0.22 -4.43
CA LEU A 80 -4.36 -0.89 -4.46
C LEU A 80 -4.53 -2.34 -4.00
N HIS A 81 -3.46 -3.11 -4.13
CA HIS A 81 -3.48 -4.51 -3.74
C HIS A 81 -2.19 -4.85 -2.99
N LEU A 82 -2.29 -4.87 -1.67
CA LEU A 82 -1.15 -5.18 -0.84
C LEU A 82 -1.09 -6.70 -0.62
N VAL A 83 -0.28 -7.36 -1.44
CA VAL A 83 -0.11 -8.80 -1.35
C VAL A 83 1.07 -9.12 -0.43
N CYS A 84 0.80 -9.96 0.55
CA CYS A 84 1.83 -10.36 1.50
C CYS A 84 2.60 -11.53 0.91
N ASN A 85 3.89 -11.57 1.23
CA ASN A 85 4.75 -12.64 0.74
C ASN A 85 5.48 -13.27 1.92
N VAL A 86 5.14 -14.53 2.18
CA VAL A 86 5.75 -15.27 3.27
C VAL A 86 6.91 -16.10 2.73
N LYS A 87 7.74 -15.46 1.90
CA LYS A 87 8.88 -16.13 1.32
C LYS A 87 9.83 -16.58 2.42
N SER A 88 10.34 -17.80 2.26
CA SER A 88 11.25 -18.36 3.24
C SER A 88 12.52 -18.85 2.55
N GLY A 89 13.65 -18.63 3.21
CA GLY A 89 14.92 -19.05 2.66
C GLY A 89 15.92 -19.39 3.79
N PRO A 90 17.08 -19.97 3.37
CA PRO A 90 18.10 -20.35 4.33
C PRO A 90 18.85 -19.11 4.84
N SER A 91 19.35 -18.32 3.90
CA SER A 91 20.08 -17.12 4.25
C SER A 91 21.29 -17.47 5.12
N SER A 92 22.43 -17.60 4.48
CA SER A 92 23.66 -17.93 5.18
C SER A 92 24.87 -17.75 4.26
N GLY A 93 24.82 -18.45 3.13
CA GLY A 93 25.90 -18.37 2.16
C GLY A 93 25.80 -19.50 1.14
N GLY A 1 3.76 20.11 14.10
CA GLY A 1 3.69 20.46 12.69
C GLY A 1 2.25 20.38 12.18
N SER A 2 2.05 20.96 11.00
CA SER A 2 0.73 20.96 10.40
C SER A 2 0.67 19.94 9.25
N SER A 3 1.62 20.07 8.34
CA SER A 3 1.69 19.16 7.19
C SER A 3 0.54 19.46 6.23
N GLY A 4 -0.67 19.17 6.69
CA GLY A 4 -1.85 19.39 5.88
C GLY A 4 -2.53 18.06 5.54
N SER A 5 -3.86 18.12 5.45
CA SER A 5 -4.63 16.94 5.11
C SER A 5 -5.14 17.03 3.68
N SER A 6 -4.23 16.78 2.74
CA SER A 6 -4.57 16.83 1.33
C SER A 6 -3.85 15.71 0.58
N GLY A 7 -4.45 14.53 0.62
CA GLY A 7 -3.87 13.38 -0.05
C GLY A 7 -4.95 12.57 -0.76
N VAL A 8 -4.75 11.26 -0.78
CA VAL A 8 -5.69 10.36 -1.43
C VAL A 8 -5.94 9.14 -0.53
N THR A 9 -6.86 8.31 -0.96
CA THR A 9 -7.20 7.10 -0.21
C THR A 9 -7.04 5.87 -1.09
N LEU A 10 -6.08 5.03 -0.70
CA LEU A 10 -5.82 3.81 -1.43
C LEU A 10 -6.55 2.64 -0.78
N LEU A 11 -7.20 1.84 -1.61
CA LEU A 11 -7.95 0.70 -1.12
C LEU A 11 -7.10 -0.57 -1.27
N VAL A 12 -6.62 -1.07 -0.15
CA VAL A 12 -5.80 -2.27 -0.15
C VAL A 12 -6.71 -3.50 -0.31
N LYS A 13 -6.62 -4.10 -1.49
CA LYS A 13 -7.41 -5.28 -1.78
C LYS A 13 -6.55 -6.53 -1.61
N SER A 14 -7.17 -7.59 -1.11
CA SER A 14 -6.47 -8.84 -0.90
C SER A 14 -7.02 -9.92 -1.84
N PRO A 15 -6.35 -10.05 -3.01
CA PRO A 15 -6.76 -11.03 -4.01
C PRO A 15 -6.36 -12.44 -3.57
N ASN A 16 -7.16 -12.99 -2.66
CA ASN A 16 -6.91 -14.33 -2.16
C ASN A 16 -7.97 -14.69 -1.12
N GLN A 17 -9.19 -14.91 -1.62
CA GLN A 17 -10.30 -15.26 -0.74
C GLN A 17 -10.22 -14.47 0.55
N ARG A 18 -10.29 -13.15 0.41
CA ARG A 18 -10.23 -12.27 1.57
C ARG A 18 -11.41 -11.29 1.54
N HIS A 19 -11.61 -10.67 0.38
CA HIS A 19 -12.68 -9.72 0.21
C HIS A 19 -12.36 -8.43 0.99
N ARG A 20 -12.24 -8.59 2.30
CA ARG A 20 -11.94 -7.47 3.16
C ARG A 20 -10.92 -6.55 2.49
N ASP A 21 -11.02 -5.26 2.80
CA ASP A 21 -10.11 -4.27 2.24
C ASP A 21 -9.62 -3.36 3.35
N LEU A 22 -8.75 -2.43 2.97
CA LEU A 22 -8.19 -1.49 3.93
C LEU A 22 -7.93 -0.15 3.23
N GLU A 23 -8.75 0.83 3.58
CA GLU A 23 -8.64 2.16 2.99
C GLU A 23 -7.77 3.05 3.88
N LEU A 24 -6.62 3.43 3.36
CA LEU A 24 -5.70 4.29 4.08
C LEU A 24 -5.32 5.48 3.21
N SER A 25 -4.60 6.42 3.83
CA SER A 25 -4.16 7.61 3.12
C SER A 25 -3.08 7.25 2.11
N GLY A 26 -3.07 7.98 1.00
CA GLY A 26 -2.09 7.75 -0.05
C GLY A 26 -1.59 9.08 -0.62
N ASP A 27 -1.19 9.96 0.29
CA ASP A 27 -0.68 11.26 -0.11
C ASP A 27 0.18 11.11 -1.37
N ARG A 28 -0.03 12.02 -2.31
CA ARG A 28 0.73 11.99 -3.55
C ARG A 28 2.22 12.17 -3.28
N GLY A 29 2.51 12.58 -2.06
CA GLY A 29 3.90 12.80 -1.66
C GLY A 29 4.49 11.53 -1.05
N TRP A 30 3.62 10.72 -0.48
CA TRP A 30 4.04 9.47 0.14
C TRP A 30 5.01 8.77 -0.82
N SER A 31 5.66 7.75 -0.30
CA SER A 31 6.61 6.99 -1.10
C SER A 31 6.27 5.49 -1.04
N VAL A 32 6.26 4.87 -2.20
CA VAL A 32 5.96 3.45 -2.30
C VAL A 32 6.59 2.72 -1.09
N GLY A 33 7.91 2.77 -1.05
CA GLY A 33 8.65 2.12 0.03
C GLY A 33 8.10 2.55 1.40
N HIS A 34 7.76 3.83 1.49
CA HIS A 34 7.22 4.38 2.73
C HIS A 34 5.84 3.77 2.99
N LEU A 35 4.94 3.97 2.03
CA LEU A 35 3.59 3.46 2.16
C LEU A 35 3.63 2.08 2.80
N LYS A 36 4.30 1.15 2.12
CA LYS A 36 4.42 -0.20 2.62
C LYS A 36 4.59 -0.17 4.14
N ALA A 37 5.69 0.42 4.57
CA ALA A 37 5.98 0.53 5.99
C ALA A 37 4.72 1.00 6.73
N HIS A 38 4.11 2.04 6.19
CA HIS A 38 2.91 2.59 6.78
C HIS A 38 1.80 1.53 6.78
N LEU A 39 1.71 0.81 5.67
CA LEU A 39 0.71 -0.23 5.53
C LEU A 39 0.94 -1.29 6.61
N SER A 40 2.11 -1.91 6.53
CA SER A 40 2.47 -2.96 7.48
C SER A 40 1.97 -2.58 8.88
N ARG A 41 1.90 -1.29 9.13
CA ARG A 41 1.44 -0.78 10.41
C ARG A 41 -0.05 -1.06 10.58
N VAL A 42 -0.84 -0.33 9.81
CA VAL A 42 -2.29 -0.49 9.86
C VAL A 42 -2.64 -1.96 9.71
N TYR A 43 -1.72 -2.71 9.11
CA TYR A 43 -1.93 -4.13 8.89
C TYR A 43 -1.55 -4.93 10.13
N PRO A 44 -2.52 -5.75 10.61
CA PRO A 44 -2.31 -6.57 11.79
C PRO A 44 -1.42 -7.77 11.47
N GLU A 45 -0.14 -7.62 11.79
CA GLU A 45 0.82 -8.69 11.53
C GLU A 45 2.24 -8.11 11.52
N ARG A 46 2.34 -6.85 11.15
CA ARG A 46 3.62 -6.18 11.09
C ARG A 46 4.50 -6.82 10.01
N PRO A 47 3.99 -6.78 8.76
CA PRO A 47 4.72 -7.36 7.64
C PRO A 47 5.89 -6.45 7.22
N ARG A 48 6.85 -7.07 6.53
CA ARG A 48 8.02 -6.33 6.08
C ARG A 48 7.66 -5.45 4.89
N PRO A 49 8.36 -4.28 4.80
CA PRO A 49 8.13 -3.34 3.72
C PRO A 49 8.73 -3.84 2.42
N GLU A 50 9.80 -4.62 2.56
CA GLU A 50 10.48 -5.17 1.39
C GLU A 50 9.76 -6.43 0.90
N ASP A 51 8.70 -6.78 1.62
CA ASP A 51 7.92 -7.95 1.28
C ASP A 51 6.55 -7.52 0.76
N GLN A 52 5.95 -6.58 1.47
CA GLN A 52 4.64 -6.08 1.09
C GLN A 52 4.61 -5.76 -0.40
N ARG A 53 3.78 -6.50 -1.11
CA ARG A 53 3.64 -6.30 -2.54
C ARG A 53 2.47 -5.35 -2.84
N LEU A 54 2.82 -4.15 -3.28
CA LEU A 54 1.83 -3.14 -3.60
C LEU A 54 1.49 -3.23 -5.09
N ILE A 55 0.25 -3.63 -5.36
CA ILE A 55 -0.21 -3.75 -6.74
C ILE A 55 -1.40 -2.82 -6.96
N TYR A 56 -1.20 -1.86 -7.85
CA TYR A 56 -2.25 -0.90 -8.16
C TYR A 56 -3.14 -1.40 -9.30
N SER A 57 -2.71 -2.50 -9.90
CA SER A 57 -3.45 -3.09 -10.99
C SER A 57 -2.53 -3.98 -11.83
N GLY A 58 -2.43 -5.24 -11.40
CA GLY A 58 -1.59 -6.20 -12.10
C GLY A 58 -0.22 -5.60 -12.42
N LYS A 59 0.14 -4.59 -11.65
CA LYS A 59 1.42 -3.92 -11.84
C LYS A 59 1.92 -3.40 -10.48
N LEU A 60 2.93 -4.09 -9.96
CA LEU A 60 3.51 -3.72 -8.69
C LEU A 60 4.19 -2.35 -8.83
N LEU A 61 4.21 -1.63 -7.72
CA LEU A 61 4.82 -0.31 -7.69
C LEU A 61 6.31 -0.45 -7.34
N LEU A 62 7.03 0.63 -7.56
CA LEU A 62 8.46 0.65 -7.28
C LEU A 62 8.74 1.65 -6.15
N ASP A 63 9.95 1.57 -5.63
CA ASP A 63 10.35 2.47 -4.55
C ASP A 63 10.76 3.82 -5.15
N HIS A 64 11.27 3.77 -6.37
CA HIS A 64 11.69 4.98 -7.05
C HIS A 64 10.50 5.59 -7.80
N GLN A 65 9.38 5.67 -7.10
CA GLN A 65 8.18 6.23 -7.66
C GLN A 65 7.40 7.01 -6.60
N CYS A 66 6.60 7.96 -7.08
CA CYS A 66 5.79 8.78 -6.19
C CYS A 66 4.32 8.52 -6.49
N LEU A 67 3.53 8.53 -5.43
CA LEU A 67 2.10 8.30 -5.57
C LEU A 67 1.53 9.23 -6.64
N ARG A 68 1.89 10.50 -6.52
CA ARG A 68 1.42 11.49 -7.48
C ARG A 68 1.53 10.96 -8.90
N ASP A 69 2.69 10.36 -9.19
CA ASP A 69 2.93 9.81 -10.51
C ASP A 69 2.16 8.50 -10.65
N LEU A 70 2.37 7.61 -9.70
CA LEU A 70 1.72 6.32 -9.70
C LEU A 70 0.22 6.51 -9.97
N LEU A 71 -0.42 7.21 -9.04
CA LEU A 71 -1.84 7.48 -9.16
C LEU A 71 -2.07 8.54 -10.23
N PRO A 72 -3.30 8.51 -10.83
CA PRO A 72 -3.65 9.45 -11.87
C PRO A 72 -3.95 10.83 -11.28
N LYS A 73 -4.03 11.82 -12.17
CA LYS A 73 -4.31 13.18 -11.75
C LYS A 73 -5.52 13.19 -10.82
N GLN A 74 -6.66 12.84 -11.40
CA GLN A 74 -7.90 12.81 -10.63
C GLN A 74 -8.90 11.84 -11.29
N GLU A 75 -9.34 10.88 -10.50
CA GLU A 75 -10.29 9.89 -10.98
C GLU A 75 -10.77 9.00 -9.83
N LYS A 76 -11.50 9.61 -8.92
CA LYS A 76 -12.02 8.89 -7.77
C LYS A 76 -10.86 8.24 -7.01
N ARG A 77 -11.17 7.75 -5.82
CA ARG A 77 -10.17 7.10 -4.99
C ARG A 77 -9.39 6.07 -5.82
N HIS A 78 -8.32 5.56 -5.23
CA HIS A 78 -7.49 4.57 -5.89
C HIS A 78 -7.58 3.24 -5.15
N VAL A 79 -7.58 2.16 -5.93
CA VAL A 79 -7.68 0.83 -5.37
C VAL A 79 -6.34 0.11 -5.56
N LEU A 80 -5.72 -0.23 -4.43
CA LEU A 80 -4.45 -0.92 -4.46
C LEU A 80 -4.64 -2.36 -4.00
N HIS A 81 -3.57 -3.14 -4.11
CA HIS A 81 -3.61 -4.53 -3.71
C HIS A 81 -2.30 -4.90 -3.00
N LEU A 82 -2.38 -4.89 -1.67
CA LEU A 82 -1.22 -5.22 -0.86
C LEU A 82 -1.18 -6.73 -0.61
N VAL A 83 -0.32 -7.40 -1.36
CA VAL A 83 -0.18 -8.84 -1.23
C VAL A 83 0.95 -9.15 -0.24
N CYS A 84 0.67 -10.11 0.64
CA CYS A 84 1.64 -10.51 1.64
C CYS A 84 2.53 -11.60 1.03
N ASN A 85 3.82 -11.52 1.36
CA ASN A 85 4.79 -12.48 0.86
C ASN A 85 5.24 -13.38 2.00
N VAL A 86 6.43 -13.94 1.83
CA VAL A 86 6.99 -14.81 2.84
C VAL A 86 7.23 -14.03 4.13
N LYS A 87 6.21 -14.03 4.98
CA LYS A 87 6.30 -13.32 6.25
C LYS A 87 7.56 -13.77 7.00
N SER A 88 7.77 -13.17 8.16
CA SER A 88 8.93 -13.48 8.97
C SER A 88 8.68 -13.07 10.43
N GLY A 89 8.06 -13.98 11.16
CA GLY A 89 7.75 -13.74 12.56
C GLY A 89 8.35 -14.81 13.46
N PRO A 90 8.46 -14.48 14.77
CA PRO A 90 9.02 -15.41 15.74
C PRO A 90 8.01 -16.51 16.08
N SER A 91 6.83 -16.09 16.49
CA SER A 91 5.78 -17.03 16.83
C SER A 91 4.40 -16.37 16.69
N SER A 92 3.55 -17.01 15.91
CA SER A 92 2.22 -16.49 15.67
C SER A 92 2.27 -15.30 14.72
N GLY A 93 3.04 -14.29 15.12
CA GLY A 93 3.18 -13.10 14.32
C GLY A 93 3.09 -11.83 15.18
N GLY A 1 -4.59 13.19 13.88
CA GLY A 1 -5.75 13.81 13.26
C GLY A 1 -5.39 14.44 11.91
N SER A 2 -6.40 14.96 11.24
CA SER A 2 -6.20 15.60 9.95
C SER A 2 -7.29 16.65 9.71
N SER A 3 -6.85 17.87 9.44
CA SER A 3 -7.78 18.96 9.20
C SER A 3 -7.15 19.96 8.23
N GLY A 4 -7.61 19.92 6.99
CA GLY A 4 -7.11 20.81 5.97
C GLY A 4 -5.91 20.20 5.23
N SER A 5 -6.19 19.13 4.51
CA SER A 5 -5.16 18.43 3.76
C SER A 5 -5.77 17.70 2.57
N SER A 6 -5.09 17.81 1.44
CA SER A 6 -5.56 17.17 0.21
C SER A 6 -4.82 15.85 0.01
N GLY A 7 -5.35 14.80 0.63
CA GLY A 7 -4.75 13.49 0.51
C GLY A 7 -5.57 12.58 -0.41
N VAL A 8 -5.16 11.33 -0.48
CA VAL A 8 -5.85 10.36 -1.32
C VAL A 8 -6.30 9.18 -0.45
N THR A 9 -7.06 8.29 -1.08
CA THR A 9 -7.56 7.12 -0.37
C THR A 9 -7.23 5.85 -1.16
N LEU A 10 -6.29 5.09 -0.61
CA LEU A 10 -5.87 3.84 -1.24
C LEU A 10 -6.63 2.68 -0.62
N LEU A 11 -7.18 1.84 -1.50
CA LEU A 11 -7.94 0.69 -1.05
C LEU A 11 -7.08 -0.57 -1.18
N VAL A 12 -6.49 -0.96 -0.07
CA VAL A 12 -5.64 -2.14 -0.06
C VAL A 12 -6.50 -3.40 -0.18
N LYS A 13 -6.58 -3.91 -1.40
CA LYS A 13 -7.37 -5.10 -1.66
C LYS A 13 -6.46 -6.33 -1.63
N SER A 14 -7.10 -7.49 -1.54
CA SER A 14 -6.36 -8.74 -1.50
C SER A 14 -6.87 -9.68 -2.59
N PRO A 15 -5.95 -10.03 -3.53
CA PRO A 15 -6.29 -10.92 -4.63
C PRO A 15 -6.39 -12.37 -4.14
N ASN A 16 -5.53 -12.71 -3.20
CA ASN A 16 -5.51 -14.06 -2.65
C ASN A 16 -6.43 -14.11 -1.43
N GLN A 17 -6.15 -13.25 -0.47
CA GLN A 17 -6.94 -13.19 0.74
C GLN A 17 -8.43 -13.07 0.40
N ARG A 18 -8.73 -12.11 -0.46
CA ARG A 18 -10.10 -11.86 -0.87
C ARG A 18 -11.05 -12.05 0.32
N HIS A 19 -11.10 -11.04 1.16
CA HIS A 19 -11.96 -11.07 2.33
C HIS A 19 -12.46 -9.66 2.65
N ARG A 20 -11.53 -8.85 3.13
CA ARG A 20 -11.85 -7.47 3.49
C ARG A 20 -10.77 -6.52 2.96
N ASP A 21 -11.21 -5.33 2.57
CA ASP A 21 -10.30 -4.33 2.04
C ASP A 21 -9.86 -3.42 3.18
N LEU A 22 -8.79 -2.67 2.91
CA LEU A 22 -8.26 -1.75 3.91
C LEU A 22 -7.98 -0.40 3.24
N GLU A 23 -8.77 0.59 3.63
CA GLU A 23 -8.63 1.93 3.08
C GLU A 23 -7.80 2.80 4.02
N LEU A 24 -6.72 3.35 3.48
CA LEU A 24 -5.84 4.20 4.26
C LEU A 24 -5.35 5.35 3.39
N SER A 25 -4.86 6.39 4.05
CA SER A 25 -4.36 7.55 3.35
C SER A 25 -3.23 7.15 2.40
N GLY A 26 -3.04 7.95 1.37
CA GLY A 26 -2.00 7.70 0.38
C GLY A 26 -1.00 8.85 0.31
N ASP A 27 -1.53 10.03 0.04
CA ASP A 27 -0.70 11.22 -0.06
C ASP A 27 0.26 11.07 -1.24
N ARG A 28 0.19 12.03 -2.15
CA ARG A 28 1.05 12.02 -3.32
C ARG A 28 2.50 12.28 -2.93
N GLY A 29 2.67 12.69 -1.68
CA GLY A 29 4.00 12.99 -1.17
C GLY A 29 4.59 11.78 -0.45
N TRP A 30 3.81 10.69 -0.44
CA TRP A 30 4.25 9.47 0.21
C TRP A 30 5.24 8.77 -0.72
N SER A 31 5.62 7.55 -0.33
CA SER A 31 6.56 6.77 -1.10
C SER A 31 6.17 5.29 -1.06
N VAL A 32 6.03 4.72 -2.25
CA VAL A 32 5.65 3.31 -2.36
C VAL A 32 6.40 2.51 -1.29
N GLY A 33 7.69 2.80 -1.17
CA GLY A 33 8.52 2.12 -0.19
C GLY A 33 8.06 2.42 1.23
N HIS A 34 7.76 3.68 1.47
CA HIS A 34 7.30 4.12 2.78
C HIS A 34 5.90 3.55 3.05
N LEU A 35 5.00 3.83 2.11
CA LEU A 35 3.63 3.36 2.23
C LEU A 35 3.63 1.93 2.78
N LYS A 36 4.40 1.07 2.12
CA LYS A 36 4.50 -0.31 2.52
C LYS A 36 4.51 -0.39 4.06
N ALA A 37 5.54 0.21 4.63
CA ALA A 37 5.69 0.22 6.08
C ALA A 37 4.40 0.74 6.72
N HIS A 38 4.06 1.97 6.38
CA HIS A 38 2.86 2.59 6.91
C HIS A 38 1.73 1.57 6.94
N LEU A 39 1.65 0.79 5.86
CA LEU A 39 0.61 -0.22 5.74
C LEU A 39 0.81 -1.27 6.84
N SER A 40 1.99 -1.88 6.82
CA SER A 40 2.30 -2.91 7.80
C SER A 40 1.78 -2.49 9.18
N ARG A 41 1.72 -1.19 9.39
CA ARG A 41 1.24 -0.65 10.65
C ARG A 41 -0.26 -0.90 10.80
N VAL A 42 -1.04 -0.18 9.98
CA VAL A 42 -2.47 -0.31 10.01
C VAL A 42 -2.86 -1.79 9.91
N TYR A 43 -1.94 -2.57 9.34
CA TYR A 43 -2.16 -4.00 9.18
C TYR A 43 -1.83 -4.75 10.47
N PRO A 44 -2.83 -5.51 10.97
CA PRO A 44 -2.66 -6.28 12.19
C PRO A 44 -1.80 -7.52 11.93
N GLU A 45 -0.51 -7.38 12.21
CA GLU A 45 0.42 -8.48 12.02
C GLU A 45 1.85 -7.95 11.95
N ARG A 46 1.96 -6.70 11.56
CA ARG A 46 3.26 -6.07 11.45
C ARG A 46 4.16 -6.85 10.48
N PRO A 47 3.73 -6.85 9.18
CA PRO A 47 4.48 -7.55 8.16
C PRO A 47 5.75 -6.78 7.77
N ARG A 48 6.35 -7.21 6.68
CA ARG A 48 7.57 -6.57 6.19
C ARG A 48 7.28 -5.78 4.92
N PRO A 49 7.90 -4.57 4.85
CA PRO A 49 7.71 -3.70 3.69
C PRO A 49 8.51 -4.22 2.49
N GLU A 50 9.68 -4.76 2.78
CA GLU A 50 10.54 -5.30 1.74
C GLU A 50 9.82 -6.42 0.99
N ASP A 51 8.73 -6.89 1.58
CA ASP A 51 7.96 -7.96 0.98
C ASP A 51 6.63 -7.38 0.45
N GLN A 52 6.05 -6.51 1.25
CA GLN A 52 4.79 -5.88 0.89
C GLN A 52 4.77 -5.58 -0.61
N ARG A 53 3.95 -6.33 -1.33
CA ARG A 53 3.82 -6.16 -2.76
C ARG A 53 2.66 -5.22 -3.08
N LEU A 54 3.01 -4.03 -3.56
CA LEU A 54 2.01 -3.04 -3.91
C LEU A 54 1.66 -3.18 -5.39
N ILE A 55 0.39 -3.44 -5.65
CA ILE A 55 -0.09 -3.59 -7.00
C ILE A 55 -1.26 -2.64 -7.24
N TYR A 56 -1.06 -1.73 -8.18
CA TYR A 56 -2.08 -0.76 -8.51
C TYR A 56 -2.79 -1.13 -9.82
N SER A 57 -3.93 -1.80 -9.66
CA SER A 57 -4.70 -2.23 -10.81
C SER A 57 -3.93 -3.28 -11.61
N GLY A 58 -2.98 -3.91 -10.94
CA GLY A 58 -2.16 -4.93 -11.57
C GLY A 58 -0.73 -4.45 -11.76
N LYS A 59 -0.57 -3.13 -11.75
CA LYS A 59 0.75 -2.53 -11.92
C LYS A 59 1.51 -2.61 -10.59
N LEU A 60 2.54 -3.44 -10.58
CA LEU A 60 3.35 -3.61 -9.40
C LEU A 60 4.15 -2.33 -9.14
N LEU A 61 4.23 -1.97 -7.86
CA LEU A 61 4.95 -0.77 -7.48
C LEU A 61 6.35 -1.15 -7.01
N LEU A 62 7.28 -0.21 -7.17
CA LEU A 62 8.66 -0.44 -6.78
C LEU A 62 8.81 -0.12 -5.29
N ASP A 63 8.85 1.17 -5.00
CA ASP A 63 9.01 1.63 -3.63
C ASP A 63 9.48 3.07 -3.62
N HIS A 64 10.63 3.29 -4.25
CA HIS A 64 11.21 4.63 -4.32
C HIS A 64 10.31 5.52 -5.17
N GLN A 65 9.39 4.88 -5.89
CA GLN A 65 8.47 5.61 -6.75
C GLN A 65 7.67 6.61 -5.94
N CYS A 66 6.77 7.31 -6.63
CA CYS A 66 5.94 8.30 -5.99
C CYS A 66 4.47 8.00 -6.34
N LEU A 67 3.60 8.33 -5.41
CA LEU A 67 2.17 8.09 -5.60
C LEU A 67 1.66 9.03 -6.68
N ARG A 68 2.13 10.27 -6.64
CA ARG A 68 1.73 11.28 -7.61
C ARG A 68 1.60 10.65 -9.00
N ASP A 69 2.74 10.22 -9.52
CA ASP A 69 2.78 9.60 -10.83
C ASP A 69 1.84 8.39 -10.86
N LEU A 70 2.14 7.43 -9.99
CA LEU A 70 1.34 6.23 -9.90
C LEU A 70 -0.14 6.60 -10.02
N LEU A 71 -0.65 7.23 -8.98
CA LEU A 71 -2.04 7.64 -8.95
C LEU A 71 -2.29 8.63 -10.09
N PRO A 72 -3.53 8.57 -10.64
CA PRO A 72 -3.91 9.46 -11.74
C PRO A 72 -4.18 10.86 -11.22
N LYS A 73 -4.77 11.68 -12.09
CA LYS A 73 -5.09 13.05 -11.74
C LYS A 73 -6.12 13.05 -10.59
N GLN A 74 -5.92 13.97 -9.66
CA GLN A 74 -6.81 14.08 -8.53
C GLN A 74 -8.25 13.88 -8.96
N GLU A 75 -8.74 12.67 -8.71
CA GLU A 75 -10.11 12.33 -9.08
C GLU A 75 -10.47 10.94 -8.54
N LYS A 76 -11.47 10.92 -7.68
CA LYS A 76 -11.92 9.67 -7.07
C LYS A 76 -10.77 9.05 -6.28
N ARG A 77 -11.10 7.97 -5.58
CA ARG A 77 -10.11 7.27 -4.78
C ARG A 77 -9.31 6.30 -5.65
N HIS A 78 -8.34 5.64 -5.02
CA HIS A 78 -7.51 4.69 -5.72
C HIS A 78 -7.59 3.32 -5.03
N VAL A 79 -7.56 2.28 -5.85
CA VAL A 79 -7.63 0.92 -5.33
C VAL A 79 -6.29 0.23 -5.55
N LEU A 80 -5.64 -0.09 -4.43
CA LEU A 80 -4.35 -0.75 -4.48
C LEU A 80 -4.51 -2.21 -4.02
N HIS A 81 -3.43 -2.96 -4.18
CA HIS A 81 -3.44 -4.36 -3.77
C HIS A 81 -2.11 -4.71 -3.11
N LEU A 82 -2.13 -4.75 -1.79
CA LEU A 82 -0.94 -5.06 -1.02
C LEU A 82 -0.89 -6.57 -0.77
N VAL A 83 -0.01 -7.23 -1.51
CA VAL A 83 0.16 -8.67 -1.38
C VAL A 83 1.12 -8.97 -0.24
N CYS A 84 0.64 -9.76 0.72
CA CYS A 84 1.46 -10.13 1.86
C CYS A 84 2.26 -11.38 1.49
N ASN A 85 3.55 -11.33 1.81
CA ASN A 85 4.43 -12.45 1.51
C ASN A 85 3.80 -13.74 2.03
N VAL A 86 3.10 -14.40 1.12
CA VAL A 86 2.44 -15.65 1.47
C VAL A 86 3.49 -16.76 1.62
N LYS A 87 4.34 -16.58 2.61
CA LYS A 87 5.40 -17.55 2.87
C LYS A 87 5.29 -18.03 4.32
N SER A 88 6.24 -18.87 4.69
CA SER A 88 6.28 -19.40 6.05
C SER A 88 7.56 -20.20 6.26
N GLY A 89 8.25 -19.86 7.35
CA GLY A 89 9.50 -20.53 7.69
C GLY A 89 9.27 -22.02 7.92
N PRO A 90 10.07 -22.58 8.87
CA PRO A 90 9.97 -23.99 9.19
C PRO A 90 8.71 -24.28 10.02
N SER A 91 8.02 -25.35 9.64
CA SER A 91 6.81 -25.74 10.35
C SER A 91 6.34 -27.11 9.85
N SER A 92 6.19 -27.22 8.54
CA SER A 92 5.75 -28.47 7.93
C SER A 92 6.03 -28.44 6.43
N GLY A 93 5.46 -27.45 5.78
CA GLY A 93 5.64 -27.30 4.34
C GLY A 93 6.52 -26.09 4.02
N GLY A 1 1.22 11.90 15.44
CA GLY A 1 1.25 13.14 14.69
C GLY A 1 0.33 13.07 13.47
N SER A 2 0.90 12.54 12.39
CA SER A 2 0.15 12.41 11.15
C SER A 2 -0.32 13.78 10.67
N SER A 3 0.42 14.33 9.72
CA SER A 3 0.10 15.63 9.17
C SER A 3 -0.04 15.53 7.65
N GLY A 4 -0.73 16.51 7.09
CA GLY A 4 -0.95 16.55 5.65
C GLY A 4 -1.92 17.67 5.27
N SER A 5 -2.75 17.39 4.27
CA SER A 5 -3.72 18.36 3.80
C SER A 5 -5.01 17.65 3.38
N SER A 6 -4.86 16.76 2.41
CA SER A 6 -6.00 16.01 1.91
C SER A 6 -5.58 14.57 1.60
N GLY A 7 -4.58 14.46 0.73
CA GLY A 7 -4.08 13.15 0.34
C GLY A 7 -5.15 12.35 -0.42
N VAL A 8 -4.75 11.16 -0.85
CA VAL A 8 -5.67 10.30 -1.58
C VAL A 8 -6.00 9.08 -0.73
N THR A 9 -6.95 8.28 -1.23
CA THR A 9 -7.36 7.08 -0.53
C THR A 9 -6.97 5.84 -1.32
N LEU A 10 -6.22 4.97 -0.67
CA LEU A 10 -5.78 3.74 -1.31
C LEU A 10 -6.49 2.55 -0.66
N LEU A 11 -7.17 1.78 -1.50
CA LEU A 11 -7.91 0.61 -1.02
C LEU A 11 -7.03 -0.63 -1.22
N VAL A 12 -6.55 -1.15 -0.09
CA VAL A 12 -5.71 -2.34 -0.13
C VAL A 12 -6.58 -3.58 -0.34
N LYS A 13 -6.65 -4.00 -1.59
CA LYS A 13 -7.44 -5.16 -1.95
C LYS A 13 -6.56 -6.41 -1.91
N SER A 14 -7.21 -7.56 -1.90
CA SER A 14 -6.51 -8.82 -1.87
C SER A 14 -6.85 -9.66 -3.10
N PRO A 15 -5.83 -9.85 -3.98
CA PRO A 15 -6.02 -10.62 -5.20
C PRO A 15 -6.08 -12.12 -4.90
N ASN A 16 -7.15 -12.50 -4.21
CA ASN A 16 -7.35 -13.89 -3.85
C ASN A 16 -8.82 -14.25 -4.00
N GLN A 17 -9.67 -13.41 -3.43
CA GLN A 17 -11.10 -13.63 -3.50
C GLN A 17 -11.85 -12.50 -2.78
N ARG A 18 -11.58 -12.39 -1.49
CA ARG A 18 -12.21 -11.35 -0.68
C ARG A 18 -11.64 -11.36 0.74
N HIS A 19 -10.33 -11.19 0.81
CA HIS A 19 -9.65 -11.18 2.10
C HIS A 19 -10.22 -10.07 2.97
N ARG A 20 -9.80 -8.85 2.68
CA ARG A 20 -10.26 -7.69 3.43
C ARG A 20 -10.07 -6.42 2.61
N ASP A 21 -10.66 -5.34 3.10
CA ASP A 21 -10.56 -4.06 2.43
C ASP A 21 -10.05 -2.99 3.41
N LEU A 22 -8.91 -2.42 3.06
CA LEU A 22 -8.32 -1.39 3.89
C LEU A 22 -8.10 -0.12 3.07
N GLU A 23 -8.72 0.96 3.54
CA GLU A 23 -8.61 2.24 2.86
C GLU A 23 -7.85 3.24 3.73
N LEU A 24 -6.57 3.41 3.40
CA LEU A 24 -5.72 4.33 4.13
C LEU A 24 -5.36 5.52 3.23
N SER A 25 -4.67 6.48 3.83
CA SER A 25 -4.25 7.66 3.09
C SER A 25 -3.14 7.31 2.11
N GLY A 26 -3.11 8.03 1.01
CA GLY A 26 -2.10 7.81 -0.01
C GLY A 26 -1.54 9.13 -0.53
N ASP A 27 -1.14 9.98 0.41
CA ASP A 27 -0.58 11.28 0.05
C ASP A 27 0.29 11.13 -1.19
N ARG A 28 0.09 12.05 -2.13
CA ARG A 28 0.86 12.03 -3.36
C ARG A 28 2.34 12.20 -3.07
N GLY A 29 2.63 12.61 -1.84
CA GLY A 29 4.00 12.81 -1.42
C GLY A 29 4.60 11.53 -0.82
N TRP A 30 3.71 10.68 -0.35
CA TRP A 30 4.12 9.42 0.24
C TRP A 30 5.06 8.71 -0.74
N SER A 31 5.51 7.54 -0.34
CA SER A 31 6.40 6.75 -1.18
C SER A 31 6.03 5.27 -1.10
N VAL A 32 5.86 4.67 -2.27
CA VAL A 32 5.51 3.27 -2.35
C VAL A 32 6.27 2.49 -1.28
N GLY A 33 7.57 2.71 -1.26
CA GLY A 33 8.43 2.03 -0.30
C GLY A 33 8.02 2.37 1.13
N HIS A 34 7.70 3.65 1.34
CA HIS A 34 7.29 4.11 2.65
C HIS A 34 5.91 3.55 2.98
N LEU A 35 4.96 3.82 2.10
CA LEU A 35 3.60 3.35 2.29
C LEU A 35 3.63 1.92 2.84
N LYS A 36 4.37 1.07 2.14
CA LYS A 36 4.50 -0.33 2.56
C LYS A 36 4.58 -0.40 4.08
N ALA A 37 5.65 0.18 4.61
CA ALA A 37 5.86 0.19 6.04
C ALA A 37 4.61 0.71 6.74
N HIS A 38 4.20 1.91 6.33
CA HIS A 38 3.03 2.54 6.91
C HIS A 38 1.88 1.53 6.94
N LEU A 39 1.78 0.76 5.86
CA LEU A 39 0.73 -0.24 5.76
C LEU A 39 0.88 -1.25 6.90
N SER A 40 2.05 -1.89 6.93
CA SER A 40 2.33 -2.88 7.95
C SER A 40 1.75 -2.43 9.29
N ARG A 41 1.70 -1.12 9.46
CA ARG A 41 1.17 -0.54 10.69
C ARG A 41 -0.33 -0.79 10.79
N VAL A 42 -1.07 -0.11 9.92
CA VAL A 42 -2.52 -0.25 9.91
C VAL A 42 -2.89 -1.73 9.81
N TYR A 43 -1.94 -2.51 9.31
CA TYR A 43 -2.15 -3.94 9.16
C TYR A 43 -1.83 -4.68 10.46
N PRO A 44 -2.85 -5.43 10.95
CA PRO A 44 -2.68 -6.19 12.18
C PRO A 44 -1.82 -7.43 11.95
N GLU A 45 -0.55 -7.30 12.29
CA GLU A 45 0.39 -8.40 12.12
C GLU A 45 1.82 -7.87 12.12
N ARG A 46 1.96 -6.61 11.74
CA ARG A 46 3.26 -5.98 11.69
C ARG A 46 4.19 -6.74 10.73
N PRO A 47 3.78 -6.75 9.43
CA PRO A 47 4.55 -7.43 8.41
C PRO A 47 5.80 -6.63 8.03
N ARG A 48 6.38 -6.98 6.90
CA ARG A 48 7.57 -6.31 6.42
C ARG A 48 7.27 -5.58 5.11
N PRO A 49 7.92 -4.39 4.96
CA PRO A 49 7.74 -3.59 3.77
C PRO A 49 8.49 -4.18 2.58
N GLU A 50 9.51 -4.96 2.90
CA GLU A 50 10.32 -5.59 1.87
C GLU A 50 9.56 -6.76 1.25
N ASP A 51 8.48 -7.14 1.91
CA ASP A 51 7.66 -8.25 1.44
C ASP A 51 6.34 -7.69 0.88
N GLN A 52 5.89 -6.61 1.50
CA GLN A 52 4.65 -5.98 1.08
C GLN A 52 4.66 -5.71 -0.43
N ARG A 53 3.82 -6.45 -1.13
CA ARG A 53 3.73 -6.31 -2.57
C ARG A 53 2.62 -5.31 -2.94
N LEU A 54 3.05 -4.12 -3.34
CA LEU A 54 2.11 -3.08 -3.72
C LEU A 54 1.86 -3.14 -5.23
N ILE A 55 0.59 -3.25 -5.58
CA ILE A 55 0.21 -3.31 -6.99
C ILE A 55 -0.97 -2.37 -7.24
N TYR A 56 -0.89 -1.68 -8.36
CA TYR A 56 -1.94 -0.74 -8.74
C TYR A 56 -2.36 -0.95 -10.19
N SER A 57 -3.58 -1.45 -10.36
CA SER A 57 -4.11 -1.69 -11.68
C SER A 57 -3.50 -2.97 -12.27
N GLY A 58 -2.74 -3.66 -11.43
CA GLY A 58 -2.11 -4.90 -11.85
C GLY A 58 -0.58 -4.75 -11.88
N LYS A 59 -0.15 -3.54 -12.20
CA LYS A 59 1.29 -3.25 -12.27
C LYS A 59 1.83 -3.10 -10.85
N LEU A 60 2.81 -3.92 -10.54
CA LEU A 60 3.43 -3.89 -9.23
C LEU A 60 4.20 -2.58 -9.05
N LEU A 61 4.07 -2.00 -7.87
CA LEU A 61 4.73 -0.75 -7.56
C LEU A 61 6.17 -1.03 -7.12
N LEU A 62 6.98 0.02 -7.15
CA LEU A 62 8.37 -0.10 -6.77
C LEU A 62 8.52 0.27 -5.28
N ASP A 63 9.09 1.44 -5.05
CA ASP A 63 9.30 1.92 -3.70
C ASP A 63 9.62 3.41 -3.73
N HIS A 64 10.49 3.78 -4.66
CA HIS A 64 10.88 5.17 -4.81
C HIS A 64 9.80 5.94 -5.54
N GLN A 65 9.07 5.22 -6.40
CA GLN A 65 8.00 5.83 -7.15
C GLN A 65 7.05 6.59 -6.23
N CYS A 66 6.67 7.78 -6.67
CA CYS A 66 5.78 8.62 -5.90
C CYS A 66 4.34 8.31 -6.31
N LEU A 67 3.44 8.41 -5.35
CA LEU A 67 2.03 8.14 -5.59
C LEU A 67 1.51 9.09 -6.67
N ARG A 68 2.00 10.32 -6.60
CA ARG A 68 1.59 11.34 -7.56
C ARG A 68 1.49 10.73 -8.96
N ASP A 69 2.63 10.25 -9.44
CA ASP A 69 2.69 9.65 -10.76
C ASP A 69 1.81 8.39 -10.79
N LEU A 70 2.14 7.46 -9.90
CA LEU A 70 1.38 6.22 -9.82
C LEU A 70 -0.11 6.52 -9.98
N LEU A 71 -0.65 7.21 -9.00
CA LEU A 71 -2.06 7.57 -9.03
C LEU A 71 -2.29 8.63 -10.10
N PRO A 72 -3.55 8.65 -10.63
CA PRO A 72 -3.90 9.62 -11.65
C PRO A 72 -4.11 11.02 -11.05
N LYS A 73 -4.73 11.88 -11.83
CA LYS A 73 -4.99 13.24 -11.40
C LYS A 73 -5.87 13.21 -10.15
N GLN A 74 -6.77 12.23 -10.13
CA GLN A 74 -7.67 12.08 -9.00
C GLN A 74 -8.56 10.84 -9.20
N GLU A 75 -9.49 10.96 -10.14
CA GLU A 75 -10.39 9.86 -10.43
C GLU A 75 -10.82 9.17 -9.14
N LYS A 76 -11.37 9.96 -8.24
CA LYS A 76 -11.82 9.43 -6.96
C LYS A 76 -10.70 8.61 -6.31
N ARG A 77 -10.98 8.09 -5.13
CA ARG A 77 -10.00 7.30 -4.41
C ARG A 77 -9.34 6.28 -5.34
N HIS A 78 -8.30 5.65 -4.83
CA HIS A 78 -7.57 4.66 -5.61
C HIS A 78 -7.63 3.31 -4.90
N VAL A 79 -7.57 2.25 -5.70
CA VAL A 79 -7.62 0.90 -5.17
C VAL A 79 -6.27 0.22 -5.40
N LEU A 80 -5.61 -0.09 -4.30
CA LEU A 80 -4.31 -0.75 -4.37
C LEU A 80 -4.48 -2.22 -3.99
N HIS A 81 -3.38 -2.96 -4.15
CA HIS A 81 -3.39 -4.38 -3.83
C HIS A 81 -2.09 -4.75 -3.12
N LEU A 82 -2.17 -4.80 -1.80
CA LEU A 82 -1.01 -5.14 -0.99
C LEU A 82 -0.97 -6.65 -0.78
N VAL A 83 -0.16 -7.30 -1.61
CA VAL A 83 -0.02 -8.75 -1.52
C VAL A 83 1.08 -9.09 -0.52
N CYS A 84 0.82 -10.13 0.27
CA CYS A 84 1.77 -10.57 1.27
C CYS A 84 2.78 -11.50 0.60
N ASN A 85 4.03 -11.37 1.01
CA ASN A 85 5.09 -12.19 0.46
C ASN A 85 5.18 -13.49 1.26
N VAL A 86 4.18 -13.71 2.10
CA VAL A 86 4.14 -14.91 2.92
C VAL A 86 5.24 -14.84 3.97
N LYS A 87 4.93 -15.35 5.16
CA LYS A 87 5.87 -15.36 6.25
C LYS A 87 5.99 -16.77 6.82
N SER A 88 7.22 -17.18 7.09
CA SER A 88 7.47 -18.50 7.63
C SER A 88 8.97 -18.69 7.85
N GLY A 89 9.72 -18.58 6.76
CA GLY A 89 11.16 -18.74 6.83
C GLY A 89 11.75 -18.01 8.04
N PRO A 90 12.53 -18.78 8.84
CA PRO A 90 13.15 -18.22 10.03
C PRO A 90 14.33 -17.32 9.66
N SER A 91 14.01 -16.14 9.17
CA SER A 91 15.03 -15.18 8.76
C SER A 91 15.17 -14.09 9.84
N SER A 92 16.25 -14.17 10.59
CA SER A 92 16.51 -13.19 11.63
C SER A 92 16.14 -11.79 11.15
N GLY A 93 15.06 -11.26 11.72
CA GLY A 93 14.60 -9.94 11.36
C GLY A 93 13.47 -10.02 10.32
N GLY A 1 0.15 14.74 11.38
CA GLY A 1 -1.02 15.55 11.06
C GLY A 1 -0.87 16.97 11.61
N SER A 2 -1.78 17.32 12.52
CA SER A 2 -1.75 18.64 13.13
C SER A 2 -2.01 19.71 12.08
N SER A 3 -3.29 19.91 11.78
CA SER A 3 -3.69 20.90 10.80
C SER A 3 -3.10 20.53 9.43
N GLY A 4 -3.88 19.79 8.67
CA GLY A 4 -3.45 19.36 7.35
C GLY A 4 -4.39 18.30 6.78
N SER A 5 -3.85 17.10 6.61
CA SER A 5 -4.63 16.00 6.07
C SER A 5 -5.12 16.34 4.67
N SER A 6 -4.22 16.18 3.71
CA SER A 6 -4.54 16.47 2.33
C SER A 6 -3.80 15.49 1.41
N GLY A 7 -4.37 14.29 1.29
CA GLY A 7 -3.78 13.26 0.45
C GLY A 7 -4.87 12.50 -0.31
N VAL A 8 -4.59 11.21 -0.53
CA VAL A 8 -5.52 10.36 -1.25
C VAL A 8 -5.82 9.12 -0.40
N THR A 9 -6.85 8.41 -0.81
CA THR A 9 -7.26 7.20 -0.10
C THR A 9 -7.02 5.97 -0.97
N LEU A 10 -6.12 5.12 -0.51
CA LEU A 10 -5.80 3.90 -1.24
C LEU A 10 -6.62 2.73 -0.67
N LEU A 11 -7.17 1.95 -1.58
CA LEU A 11 -7.98 0.81 -1.19
C LEU A 11 -7.16 -0.48 -1.35
N VAL A 12 -6.65 -0.96 -0.23
CA VAL A 12 -5.85 -2.17 -0.24
C VAL A 12 -6.77 -3.39 -0.35
N LYS A 13 -6.94 -3.85 -1.58
CA LYS A 13 -7.78 -5.01 -1.84
C LYS A 13 -6.94 -6.28 -1.78
N SER A 14 -7.63 -7.39 -1.61
CA SER A 14 -6.95 -8.68 -1.54
C SER A 14 -7.11 -9.43 -2.86
N PRO A 15 -5.97 -9.52 -3.61
CA PRO A 15 -5.97 -10.21 -4.89
C PRO A 15 -6.01 -11.73 -4.70
N ASN A 16 -7.19 -12.22 -4.35
CA ASN A 16 -7.37 -13.65 -4.14
C ASN A 16 -8.84 -14.01 -4.40
N GLN A 17 -9.72 -13.20 -3.83
CA GLN A 17 -11.15 -13.42 -4.00
C GLN A 17 -11.94 -12.35 -3.27
N ARG A 18 -11.55 -11.10 -3.49
CA ARG A 18 -12.21 -9.97 -2.87
C ARG A 18 -12.59 -10.31 -1.43
N HIS A 19 -11.64 -10.08 -0.53
CA HIS A 19 -11.86 -10.35 0.88
C HIS A 19 -11.35 -9.19 1.72
N ARG A 20 -12.26 -8.59 2.49
CA ARG A 20 -11.92 -7.46 3.33
C ARG A 20 -11.25 -6.36 2.50
N ASP A 21 -11.10 -5.21 3.14
CA ASP A 21 -10.48 -4.07 2.47
C ASP A 21 -9.88 -3.14 3.53
N LEU A 22 -8.89 -2.37 3.09
CA LEU A 22 -8.23 -1.43 3.98
C LEU A 22 -8.00 -0.11 3.26
N GLU A 23 -8.68 0.91 3.73
CA GLU A 23 -8.57 2.24 3.13
C GLU A 23 -7.65 3.12 3.98
N LEU A 24 -6.47 3.39 3.44
CA LEU A 24 -5.50 4.22 4.12
C LEU A 24 -5.11 5.39 3.22
N SER A 25 -4.46 6.37 3.83
CA SER A 25 -4.03 7.55 3.09
C SER A 25 -2.95 7.17 2.09
N GLY A 26 -2.83 8.01 1.06
CA GLY A 26 -1.84 7.77 0.01
C GLY A 26 -1.32 9.09 -0.56
N ASP A 27 -0.96 9.98 0.34
CA ASP A 27 -0.44 11.29 -0.06
C ASP A 27 0.47 11.12 -1.27
N ARG A 28 0.26 11.98 -2.25
CA ARG A 28 1.04 11.93 -3.47
C ARG A 28 2.54 12.05 -3.15
N GLY A 29 2.81 12.50 -1.93
CA GLY A 29 4.18 12.66 -1.47
C GLY A 29 4.73 11.35 -0.90
N TRP A 30 3.82 10.56 -0.36
CA TRP A 30 4.20 9.29 0.23
C TRP A 30 5.15 8.58 -0.75
N SER A 31 5.81 7.55 -0.24
CA SER A 31 6.76 6.80 -1.05
C SER A 31 6.39 5.31 -1.02
N VAL A 32 6.40 4.71 -2.20
CA VAL A 32 6.06 3.30 -2.33
C VAL A 32 6.67 2.54 -1.15
N GLY A 33 7.98 2.69 -1.00
CA GLY A 33 8.69 2.02 0.07
C GLY A 33 8.13 2.42 1.44
N HIS A 34 7.79 3.70 1.56
CA HIS A 34 7.24 4.22 2.79
C HIS A 34 5.84 3.63 3.02
N LEU A 35 4.98 3.84 2.04
CA LEU A 35 3.62 3.34 2.12
C LEU A 35 3.63 1.95 2.76
N LYS A 36 4.36 1.05 2.11
CA LYS A 36 4.46 -0.32 2.60
C LYS A 36 4.52 -0.31 4.12
N ALA A 37 5.57 0.31 4.65
CA ALA A 37 5.76 0.39 6.08
C ALA A 37 4.45 0.85 6.73
N HIS A 38 4.01 2.02 6.32
CA HIS A 38 2.77 2.58 6.86
C HIS A 38 1.68 1.51 6.87
N LEU A 39 1.59 0.80 5.74
CA LEU A 39 0.59 -0.25 5.60
C LEU A 39 0.83 -1.32 6.67
N SER A 40 2.03 -1.90 6.63
CA SER A 40 2.38 -2.94 7.58
C SER A 40 1.83 -2.59 8.96
N ARG A 41 1.73 -1.29 9.22
CA ARG A 41 1.21 -0.81 10.49
C ARG A 41 -0.27 -1.13 10.62
N VAL A 42 -1.07 -0.45 9.80
CA VAL A 42 -2.50 -0.66 9.82
C VAL A 42 -2.81 -2.14 9.60
N TYR A 43 -1.82 -2.84 9.05
CA TYR A 43 -1.97 -4.26 8.79
C TYR A 43 -1.65 -5.09 10.04
N PRO A 44 -2.62 -5.94 10.43
CA PRO A 44 -2.46 -6.79 11.61
C PRO A 44 -1.50 -7.94 11.31
N GLU A 45 -0.24 -7.75 11.70
CA GLU A 45 0.77 -8.77 11.48
C GLU A 45 2.16 -8.16 11.57
N ARG A 46 2.25 -6.88 11.19
CA ARG A 46 3.51 -6.18 11.23
C ARG A 46 4.49 -6.77 10.21
N PRO A 47 4.07 -6.70 8.92
CA PRO A 47 4.90 -7.24 7.84
C PRO A 47 6.08 -6.31 7.54
N ARG A 48 6.99 -6.80 6.72
CA ARG A 48 8.17 -6.03 6.36
C ARG A 48 7.85 -5.13 5.15
N PRO A 49 8.52 -3.94 5.14
CA PRO A 49 8.32 -2.99 4.06
C PRO A 49 9.04 -3.45 2.79
N GLU A 50 10.06 -4.26 2.99
CA GLU A 50 10.83 -4.77 1.87
C GLU A 50 10.23 -6.10 1.38
N ASP A 51 8.92 -6.20 1.49
CA ASP A 51 8.23 -7.41 1.07
C ASP A 51 6.81 -7.04 0.63
N GLN A 52 6.14 -6.26 1.47
CA GLN A 52 4.79 -5.83 1.17
C GLN A 52 4.67 -5.44 -0.30
N ARG A 53 4.20 -6.40 -1.10
CA ARG A 53 4.02 -6.17 -2.52
C ARG A 53 2.84 -5.23 -2.77
N LEU A 54 3.16 -4.09 -3.36
CA LEU A 54 2.14 -3.11 -3.66
C LEU A 54 1.73 -3.22 -5.13
N ILE A 55 0.50 -3.66 -5.34
CA ILE A 55 -0.03 -3.82 -6.69
C ILE A 55 -1.22 -2.89 -6.89
N TYR A 56 -0.99 -1.84 -7.68
CA TYR A 56 -2.03 -0.87 -7.96
C TYR A 56 -3.01 -1.40 -9.00
N SER A 57 -2.56 -2.41 -9.73
CA SER A 57 -3.38 -3.01 -10.77
C SER A 57 -2.54 -3.93 -11.65
N GLY A 58 -2.51 -5.21 -11.28
CA GLY A 58 -1.75 -6.18 -12.02
C GLY A 58 -0.35 -5.65 -12.37
N LYS A 59 0.09 -4.69 -11.58
CA LYS A 59 1.39 -4.08 -11.79
C LYS A 59 1.95 -3.59 -10.45
N LEU A 60 2.94 -4.32 -9.96
CA LEU A 60 3.58 -3.97 -8.69
C LEU A 60 4.26 -2.62 -8.83
N LEU A 61 4.30 -1.90 -7.72
CA LEU A 61 4.93 -0.58 -7.69
C LEU A 61 6.40 -0.73 -7.28
N LEU A 62 7.15 0.33 -7.54
CA LEU A 62 8.57 0.32 -7.19
C LEU A 62 8.83 1.36 -6.10
N ASP A 63 10.03 1.30 -5.55
CA ASP A 63 10.42 2.22 -4.49
C ASP A 63 10.78 3.57 -5.11
N HIS A 64 11.45 3.51 -6.26
CA HIS A 64 11.87 4.70 -6.95
C HIS A 64 10.69 5.27 -7.75
N GLN A 65 9.59 5.48 -7.05
CA GLN A 65 8.39 6.00 -7.68
C GLN A 65 7.69 7.00 -6.74
N CYS A 66 6.63 7.59 -7.24
CA CYS A 66 5.87 8.55 -6.46
C CYS A 66 4.37 8.26 -6.66
N LEU A 67 3.62 8.46 -5.58
CA LEU A 67 2.19 8.21 -5.62
C LEU A 67 1.54 9.13 -6.66
N ARG A 68 2.03 10.37 -6.70
CA ARG A 68 1.51 11.34 -7.64
C ARG A 68 1.37 10.72 -9.03
N ASP A 69 2.51 10.41 -9.62
CA ASP A 69 2.52 9.81 -10.95
C ASP A 69 1.69 8.52 -10.93
N LEU A 70 2.07 7.63 -10.02
CA LEU A 70 1.38 6.37 -9.89
C LEU A 70 -0.13 6.58 -10.04
N LEU A 71 -0.71 7.17 -9.00
CA LEU A 71 -2.14 7.45 -9.00
C LEU A 71 -2.45 8.47 -10.10
N PRO A 72 -3.65 8.30 -10.73
CA PRO A 72 -4.08 9.18 -11.78
C PRO A 72 -4.53 10.53 -11.21
N LYS A 73 -4.97 11.40 -12.11
CA LYS A 73 -5.44 12.72 -11.71
C LYS A 73 -6.54 12.56 -10.67
N GLN A 74 -6.96 13.70 -10.12
CA GLN A 74 -8.01 13.71 -9.11
C GLN A 74 -9.36 13.41 -9.74
N GLU A 75 -10.14 12.59 -9.05
CA GLU A 75 -11.45 12.22 -9.53
C GLU A 75 -12.14 11.28 -8.54
N LYS A 76 -11.52 10.13 -8.32
CA LYS A 76 -12.06 9.15 -7.40
C LYS A 76 -10.91 8.48 -6.65
N ARG A 77 -11.26 7.80 -5.56
CA ARG A 77 -10.27 7.12 -4.76
C ARG A 77 -9.55 6.05 -5.59
N HIS A 78 -8.42 5.60 -5.05
CA HIS A 78 -7.63 4.59 -5.74
C HIS A 78 -7.75 3.25 -5.00
N VAL A 79 -7.58 2.18 -5.75
CA VAL A 79 -7.67 0.85 -5.18
C VAL A 79 -6.35 0.11 -5.42
N LEU A 80 -5.61 -0.08 -4.34
CA LEU A 80 -4.34 -0.77 -4.41
C LEU A 80 -4.52 -2.22 -3.98
N HIS A 81 -3.45 -2.99 -4.13
CA HIS A 81 -3.48 -4.40 -3.76
C HIS A 81 -2.16 -4.77 -3.07
N LEU A 82 -2.22 -4.79 -1.75
CA LEU A 82 -1.04 -5.13 -0.96
C LEU A 82 -0.99 -6.65 -0.74
N VAL A 83 0.02 -7.26 -1.32
CA VAL A 83 0.19 -8.70 -1.21
C VAL A 83 1.22 -9.00 -0.11
N CYS A 84 0.86 -9.95 0.74
CA CYS A 84 1.74 -10.33 1.84
C CYS A 84 2.81 -11.28 1.29
N ASN A 85 4.00 -11.18 1.85
CA ASN A 85 5.11 -12.01 1.43
C ASN A 85 6.23 -11.92 2.46
N VAL A 86 6.89 -13.06 2.67
CA VAL A 86 7.98 -13.11 3.63
C VAL A 86 9.00 -14.16 3.16
N LYS A 87 10.22 -13.70 2.97
CA LYS A 87 11.29 -14.59 2.53
C LYS A 87 11.97 -15.21 3.76
N SER A 88 11.69 -16.50 3.94
CA SER A 88 12.26 -17.23 5.07
C SER A 88 13.72 -16.82 5.27
N GLY A 89 14.10 -16.71 6.54
CA GLY A 89 15.45 -16.33 6.89
C GLY A 89 15.48 -15.58 8.21
N PRO A 90 16.71 -15.14 8.60
CA PRO A 90 16.89 -14.40 9.85
C PRO A 90 16.39 -12.96 9.71
N SER A 91 15.78 -12.48 10.78
CA SER A 91 15.26 -11.13 10.80
C SER A 91 16.37 -10.14 11.15
N SER A 92 16.37 -9.02 10.44
CA SER A 92 17.36 -7.98 10.67
C SER A 92 16.84 -6.64 10.17
N GLY A 93 17.51 -5.58 10.60
CA GLY A 93 17.13 -4.24 10.21
C GLY A 93 18.27 -3.24 10.46
N GLY A 1 -10.95 23.26 12.08
CA GLY A 1 -10.35 23.37 10.76
C GLY A 1 -9.04 24.16 10.82
N SER A 2 -8.01 23.49 11.33
CA SER A 2 -6.70 24.10 11.44
C SER A 2 -5.67 23.28 10.70
N SER A 3 -5.57 22.01 11.08
CA SER A 3 -4.63 21.10 10.45
C SER A 3 -5.18 20.59 9.13
N GLY A 4 -4.47 20.89 8.05
CA GLY A 4 -4.89 20.47 6.73
C GLY A 4 -4.52 19.01 6.48
N SER A 5 -3.59 18.82 5.55
CA SER A 5 -3.13 17.48 5.21
C SER A 5 -4.27 16.69 4.58
N SER A 6 -4.27 16.66 3.26
CA SER A 6 -5.30 15.94 2.52
C SER A 6 -4.66 15.04 1.46
N GLY A 7 -4.57 13.76 1.79
CA GLY A 7 -3.99 12.78 0.88
C GLY A 7 -5.07 12.06 0.08
N VAL A 8 -4.65 10.99 -0.59
CA VAL A 8 -5.57 10.20 -1.40
C VAL A 8 -5.99 8.95 -0.61
N THR A 9 -7.03 8.31 -1.10
CA THR A 9 -7.54 7.11 -0.46
C THR A 9 -7.08 5.86 -1.22
N LEU A 10 -6.25 5.07 -0.56
CA LEU A 10 -5.73 3.86 -1.16
C LEU A 10 -6.48 2.66 -0.59
N LEU A 11 -7.20 1.97 -1.48
CA LEU A 11 -7.97 0.80 -1.07
C LEU A 11 -7.11 -0.44 -1.27
N VAL A 12 -6.60 -0.96 -0.16
CA VAL A 12 -5.77 -2.15 -0.18
C VAL A 12 -6.66 -3.38 -0.34
N LYS A 13 -6.53 -4.03 -1.48
CA LYS A 13 -7.32 -5.22 -1.76
C LYS A 13 -6.38 -6.43 -1.86
N SER A 14 -6.68 -7.43 -1.06
CA SER A 14 -5.88 -8.64 -1.04
C SER A 14 -6.61 -9.77 -1.77
N PRO A 15 -6.13 -10.07 -3.02
CA PRO A 15 -6.74 -11.12 -3.82
C PRO A 15 -6.35 -12.50 -3.30
N ASN A 16 -6.64 -12.72 -2.02
CA ASN A 16 -6.33 -13.99 -1.39
C ASN A 16 -7.13 -14.13 -0.10
N GLN A 17 -8.28 -13.49 -0.09
CA GLN A 17 -9.16 -13.53 1.08
C GLN A 17 -8.32 -13.37 2.35
N ARG A 18 -8.00 -12.13 2.67
CA ARG A 18 -7.23 -11.84 3.86
C ARG A 18 -8.04 -10.99 4.84
N HIS A 19 -8.59 -9.90 4.32
CA HIS A 19 -9.38 -9.00 5.14
C HIS A 19 -10.12 -8.01 4.23
N ARG A 20 -11.05 -7.28 4.83
CA ARG A 20 -11.83 -6.30 4.10
C ARG A 20 -10.92 -5.20 3.56
N ASP A 21 -11.39 -4.56 2.50
CA ASP A 21 -10.63 -3.49 1.87
C ASP A 21 -10.13 -2.52 2.96
N LEU A 22 -8.85 -2.23 2.91
CA LEU A 22 -8.23 -1.33 3.87
C LEU A 22 -7.94 0.00 3.19
N GLU A 23 -8.72 1.01 3.57
CA GLU A 23 -8.55 2.34 3.01
C GLU A 23 -7.66 3.19 3.93
N LEU A 24 -6.54 3.63 3.37
CA LEU A 24 -5.60 4.45 4.11
C LEU A 24 -5.17 5.64 3.25
N SER A 25 -4.52 6.59 3.90
CA SER A 25 -4.06 7.78 3.20
C SER A 25 -2.91 7.42 2.26
N GLY A 26 -2.88 8.11 1.12
CA GLY A 26 -1.85 7.88 0.13
C GLY A 26 -1.34 9.19 -0.46
N ASP A 27 -1.04 10.13 0.43
CA ASP A 27 -0.55 11.43 0.00
C ASP A 27 0.37 11.26 -1.20
N ARG A 28 0.19 12.12 -2.19
CA ARG A 28 1.00 12.08 -3.39
C ARG A 28 2.48 12.28 -3.04
N GLY A 29 2.71 12.72 -1.82
CA GLY A 29 4.07 12.96 -1.35
C GLY A 29 4.67 11.69 -0.74
N TRP A 30 3.78 10.80 -0.32
CA TRP A 30 4.21 9.54 0.28
C TRP A 30 5.15 8.86 -0.70
N SER A 31 5.67 7.71 -0.26
CA SER A 31 6.58 6.94 -1.09
C SER A 31 6.18 5.47 -1.08
N VAL A 32 6.11 4.89 -2.27
CA VAL A 32 5.74 3.50 -2.41
C VAL A 32 6.39 2.69 -1.29
N GLY A 33 7.70 2.82 -1.18
CA GLY A 33 8.45 2.12 -0.15
C GLY A 33 7.94 2.47 1.24
N HIS A 34 7.70 3.76 1.44
CA HIS A 34 7.21 4.24 2.72
C HIS A 34 5.81 3.67 2.98
N LEU A 35 4.92 3.92 2.03
CA LEU A 35 3.55 3.44 2.14
C LEU A 35 3.57 2.02 2.72
N LYS A 36 4.26 1.14 2.04
CA LYS A 36 4.37 -0.25 2.47
C LYS A 36 4.47 -0.30 3.99
N ALA A 37 5.58 0.24 4.49
CA ALA A 37 5.81 0.27 5.93
C ALA A 37 4.53 0.73 6.64
N HIS A 38 4.09 1.92 6.27
CA HIS A 38 2.89 2.49 6.87
C HIS A 38 1.79 1.43 6.90
N LEU A 39 1.56 0.81 5.75
CA LEU A 39 0.55 -0.21 5.63
C LEU A 39 0.78 -1.28 6.69
N SER A 40 1.95 -1.90 6.62
CA SER A 40 2.31 -2.94 7.58
C SER A 40 1.79 -2.58 8.96
N ARG A 41 1.83 -1.29 9.26
CA ARG A 41 1.36 -0.80 10.54
C ARG A 41 -0.14 -1.08 10.72
N VAL A 42 -0.93 -0.34 9.95
CA VAL A 42 -2.38 -0.50 10.02
C VAL A 42 -2.72 -1.99 9.88
N TYR A 43 -1.92 -2.68 9.09
CA TYR A 43 -2.13 -4.10 8.86
C TYR A 43 -1.86 -4.90 10.14
N PRO A 44 -2.88 -5.71 10.53
CA PRO A 44 -2.76 -6.53 11.73
C PRO A 44 -1.85 -7.74 11.47
N GLU A 45 -0.58 -7.57 11.83
CA GLU A 45 0.39 -8.63 11.64
C GLU A 45 1.81 -8.08 11.72
N ARG A 46 1.95 -6.83 11.28
CA ARG A 46 3.24 -6.17 11.29
C ARG A 46 4.19 -6.84 10.30
N PRO A 47 3.80 -6.77 9.00
CA PRO A 47 4.60 -7.36 7.94
C PRO A 47 5.83 -6.51 7.65
N ARG A 48 6.43 -6.76 6.49
CA ARG A 48 7.62 -6.03 6.10
C ARG A 48 7.32 -5.17 4.86
N PRO A 49 8.08 -4.06 4.73
CA PRO A 49 7.90 -3.15 3.61
C PRO A 49 8.50 -3.74 2.34
N GLU A 50 9.45 -4.64 2.53
CA GLU A 50 10.11 -5.27 1.40
C GLU A 50 9.30 -6.48 0.93
N ASP A 51 8.47 -6.98 1.82
CA ASP A 51 7.64 -8.13 1.51
C ASP A 51 6.27 -7.64 1.00
N GLN A 52 5.82 -6.55 1.60
CA GLN A 52 4.53 -5.98 1.22
C GLN A 52 4.53 -5.62 -0.28
N ARG A 53 3.86 -6.46 -1.05
CA ARG A 53 3.77 -6.25 -2.48
C ARG A 53 2.61 -5.31 -2.80
N LEU A 54 2.96 -4.12 -3.25
CA LEU A 54 1.97 -3.11 -3.60
C LEU A 54 1.66 -3.21 -5.10
N ILE A 55 0.42 -3.57 -5.38
CA ILE A 55 -0.01 -3.71 -6.77
C ILE A 55 -1.14 -2.71 -7.04
N TYR A 56 -0.89 -1.85 -8.01
CA TYR A 56 -1.87 -0.83 -8.39
C TYR A 56 -2.50 -1.15 -9.74
N SER A 57 -3.74 -1.65 -9.69
CA SER A 57 -4.45 -2.00 -10.90
C SER A 57 -3.80 -3.22 -11.56
N GLY A 58 -2.97 -3.89 -10.79
CA GLY A 58 -2.27 -5.07 -11.30
C GLY A 58 -0.80 -4.76 -11.56
N LYS A 59 -0.45 -3.50 -11.37
CA LYS A 59 0.92 -3.06 -11.58
C LYS A 59 1.63 -2.92 -10.24
N LEU A 60 2.66 -3.72 -10.06
CA LEU A 60 3.43 -3.69 -8.81
C LEU A 60 4.19 -2.37 -8.72
N LEU A 61 4.49 -1.98 -7.49
CA LEU A 61 5.21 -0.75 -7.25
C LEU A 61 6.64 -1.07 -6.83
N LEU A 62 7.52 -0.10 -7.02
CA LEU A 62 8.92 -0.27 -6.68
C LEU A 62 9.12 0.07 -5.20
N ASP A 63 9.16 1.37 -4.93
CA ASP A 63 9.33 1.85 -3.57
C ASP A 63 9.84 3.29 -3.59
N HIS A 64 10.73 3.56 -4.55
CA HIS A 64 11.28 4.89 -4.69
C HIS A 64 10.45 5.69 -5.69
N GLN A 65 9.15 5.42 -5.69
CA GLN A 65 8.24 6.10 -6.58
C GLN A 65 7.22 6.90 -5.77
N CYS A 66 6.74 7.98 -6.40
CA CYS A 66 5.76 8.84 -5.75
C CYS A 66 4.37 8.41 -6.21
N LEU A 67 3.41 8.56 -5.30
CA LEU A 67 2.04 8.20 -5.59
C LEU A 67 1.47 9.16 -6.64
N ARG A 68 1.96 10.39 -6.59
CA ARG A 68 1.51 11.41 -7.53
C ARG A 68 1.59 10.88 -8.96
N ASP A 69 2.68 10.19 -9.24
CA ASP A 69 2.90 9.64 -10.57
C ASP A 69 1.99 8.41 -10.76
N LEU A 70 2.14 7.46 -9.85
CA LEU A 70 1.35 6.25 -9.90
C LEU A 70 -0.13 6.61 -10.08
N LEU A 71 -0.70 7.12 -9.00
CA LEU A 71 -2.10 7.52 -9.02
C LEU A 71 -2.34 8.48 -10.18
N PRO A 72 -3.62 8.51 -10.66
CA PRO A 72 -3.99 9.38 -11.75
C PRO A 72 -4.09 10.83 -11.30
N LYS A 73 -4.48 11.69 -12.23
CA LYS A 73 -4.62 13.10 -11.94
C LYS A 73 -6.08 13.52 -12.13
N GLN A 74 -6.95 12.89 -11.37
CA GLN A 74 -8.37 13.18 -11.45
C GLN A 74 -9.04 12.98 -10.09
N GLU A 75 -10.30 13.41 -10.01
CA GLU A 75 -11.04 13.27 -8.78
C GLU A 75 -11.67 11.87 -8.67
N LYS A 76 -10.96 10.99 -8.00
CA LYS A 76 -11.41 9.62 -7.83
C LYS A 76 -10.46 8.88 -6.88
N ARG A 77 -11.03 7.95 -6.14
CA ARG A 77 -10.25 7.16 -5.21
C ARG A 77 -9.35 6.18 -5.96
N HIS A 78 -8.46 5.54 -5.21
CA HIS A 78 -7.54 4.58 -5.79
C HIS A 78 -7.69 3.24 -5.08
N VAL A 79 -7.38 2.17 -5.81
CA VAL A 79 -7.47 0.83 -5.27
C VAL A 79 -6.13 0.11 -5.45
N LEU A 80 -5.49 -0.17 -4.33
CA LEU A 80 -4.21 -0.84 -4.36
C LEU A 80 -4.39 -2.29 -3.90
N HIS A 81 -3.38 -3.10 -4.19
CA HIS A 81 -3.42 -4.51 -3.82
C HIS A 81 -2.14 -4.88 -3.07
N LEU A 82 -2.25 -4.91 -1.75
CA LEU A 82 -1.12 -5.24 -0.91
C LEU A 82 -1.07 -6.76 -0.70
N VAL A 83 -0.17 -7.40 -1.45
CA VAL A 83 -0.02 -8.83 -1.36
C VAL A 83 1.08 -9.17 -0.34
N CYS A 84 0.70 -9.98 0.63
CA CYS A 84 1.64 -10.37 1.67
C CYS A 84 2.47 -11.55 1.16
N ASN A 85 3.77 -11.42 1.31
CA ASN A 85 4.68 -12.46 0.87
C ASN A 85 5.74 -12.72 1.95
N VAL A 86 5.67 -13.90 2.52
CA VAL A 86 6.62 -14.28 3.57
C VAL A 86 6.90 -15.78 3.47
N LYS A 87 8.18 -16.11 3.38
CA LYS A 87 8.59 -17.49 3.29
C LYS A 87 9.13 -17.95 4.65
N SER A 88 8.80 -19.18 4.99
CA SER A 88 9.24 -19.76 6.26
C SER A 88 8.99 -21.27 6.26
N GLY A 89 9.93 -21.99 5.66
CA GLY A 89 9.83 -23.43 5.60
C GLY A 89 8.54 -23.86 4.90
N PRO A 90 8.45 -25.18 4.62
CA PRO A 90 7.28 -25.74 3.96
C PRO A 90 6.10 -25.83 4.92
N SER A 91 5.02 -25.13 4.56
CA SER A 91 3.82 -25.12 5.38
C SER A 91 3.48 -26.55 5.83
N SER A 92 3.29 -27.41 4.83
CA SER A 92 2.96 -28.80 5.11
C SER A 92 3.68 -29.71 4.12
N GLY A 93 4.45 -30.64 4.66
CA GLY A 93 5.19 -31.57 3.84
C GLY A 93 4.87 -33.02 4.23
N GLY A 1 -2.63 27.62 11.18
CA GLY A 1 -3.50 27.03 10.18
C GLY A 1 -2.73 26.04 9.30
N SER A 2 -3.48 25.21 8.59
CA SER A 2 -2.88 24.23 7.71
C SER A 2 -3.89 23.78 6.65
N SER A 3 -3.49 23.91 5.40
CA SER A 3 -4.34 23.52 4.29
C SER A 3 -5.08 22.23 4.63
N GLY A 4 -6.19 22.01 3.92
CA GLY A 4 -6.99 20.82 4.13
C GLY A 4 -6.16 19.55 3.90
N SER A 5 -6.84 18.41 4.00
CA SER A 5 -6.19 17.13 3.80
C SER A 5 -5.85 16.93 2.33
N SER A 6 -4.57 17.00 2.02
CA SER A 6 -4.10 16.83 0.66
C SER A 6 -3.54 15.42 0.47
N GLY A 7 -4.46 14.46 0.37
CA GLY A 7 -4.07 13.08 0.19
C GLY A 7 -5.12 12.32 -0.62
N VAL A 8 -4.80 11.06 -0.91
CA VAL A 8 -5.70 10.22 -1.68
C VAL A 8 -6.05 8.98 -0.88
N THR A 9 -7.08 8.28 -1.33
CA THR A 9 -7.52 7.07 -0.66
C THR A 9 -7.06 5.83 -1.43
N LEU A 10 -6.36 4.95 -0.72
CA LEU A 10 -5.85 3.74 -1.32
C LEU A 10 -6.59 2.54 -0.73
N LEU A 11 -7.40 1.90 -1.57
CA LEU A 11 -8.17 0.75 -1.14
C LEU A 11 -7.31 -0.51 -1.29
N VAL A 12 -6.76 -0.96 -0.16
CA VAL A 12 -5.92 -2.14 -0.16
C VAL A 12 -6.81 -3.38 -0.26
N LYS A 13 -6.71 -4.03 -1.42
CA LYS A 13 -7.49 -5.24 -1.66
C LYS A 13 -6.58 -6.46 -1.56
N SER A 14 -7.20 -7.61 -1.38
CA SER A 14 -6.46 -8.86 -1.27
C SER A 14 -6.96 -9.86 -2.31
N PRO A 15 -6.16 -10.00 -3.41
CA PRO A 15 -6.51 -10.92 -4.48
C PRO A 15 -6.27 -12.37 -4.06
N ASN A 16 -6.96 -12.77 -3.01
CA ASN A 16 -6.83 -14.12 -2.49
C ASN A 16 -7.62 -14.25 -1.20
N GLN A 17 -7.16 -13.53 -0.18
CA GLN A 17 -7.81 -13.56 1.11
C GLN A 17 -9.29 -13.19 0.97
N ARG A 18 -9.54 -12.15 0.19
CA ARG A 18 -10.89 -11.69 -0.03
C ARG A 18 -11.71 -11.80 1.26
N HIS A 19 -11.45 -10.88 2.17
CA HIS A 19 -12.14 -10.86 3.44
C HIS A 19 -12.64 -9.44 3.73
N ARG A 20 -11.69 -8.53 3.83
CA ARG A 20 -12.01 -7.13 4.11
C ARG A 20 -11.14 -6.21 3.26
N ASP A 21 -11.56 -4.96 3.18
CA ASP A 21 -10.83 -3.97 2.41
C ASP A 21 -10.24 -2.94 3.36
N LEU A 22 -8.94 -2.70 3.19
CA LEU A 22 -8.23 -1.74 4.04
C LEU A 22 -7.99 -0.46 3.24
N GLU A 23 -8.58 0.62 3.72
CA GLU A 23 -8.43 1.91 3.07
C GLU A 23 -7.60 2.85 3.93
N LEU A 24 -6.57 3.43 3.31
CA LEU A 24 -5.69 4.35 4.01
C LEU A 24 -5.32 5.51 3.07
N SER A 25 -4.69 6.52 3.66
CA SER A 25 -4.27 7.68 2.89
C SER A 25 -3.19 7.28 1.88
N GLY A 26 -3.07 8.09 0.84
CA GLY A 26 -2.09 7.83 -0.20
C GLY A 26 -1.50 9.14 -0.73
N ASP A 27 -1.04 9.97 0.20
CA ASP A 27 -0.45 11.25 -0.16
C ASP A 27 0.40 11.08 -1.42
N ARG A 28 0.15 11.95 -2.38
CA ARG A 28 0.88 11.91 -3.63
C ARG A 28 2.38 12.06 -3.38
N GLY A 29 2.70 12.52 -2.18
CA GLY A 29 4.09 12.71 -1.80
C GLY A 29 4.68 11.44 -1.20
N TRP A 30 3.80 10.65 -0.58
CA TRP A 30 4.22 9.40 0.04
C TRP A 30 5.08 8.64 -0.97
N SER A 31 5.69 7.56 -0.49
CA SER A 31 6.54 6.74 -1.35
C SER A 31 6.14 5.27 -1.21
N VAL A 32 6.14 4.59 -2.34
CA VAL A 32 5.78 3.18 -2.36
C VAL A 32 6.57 2.43 -1.29
N GLY A 33 7.79 2.93 -1.06
CA GLY A 33 8.66 2.32 -0.06
C GLY A 33 8.26 2.75 1.35
N HIS A 34 7.63 3.91 1.42
CA HIS A 34 7.19 4.45 2.69
C HIS A 34 5.80 3.91 3.03
N LEU A 35 4.92 3.99 2.05
CA LEU A 35 3.55 3.51 2.23
C LEU A 35 3.58 2.15 2.91
N LYS A 36 4.29 1.22 2.28
CA LYS A 36 4.41 -0.13 2.82
C LYS A 36 4.56 -0.05 4.34
N ALA A 37 5.69 0.48 4.77
CA ALA A 37 5.97 0.62 6.19
C ALA A 37 4.70 1.04 6.92
N HIS A 38 4.09 2.09 6.39
CA HIS A 38 2.86 2.62 6.99
C HIS A 38 1.77 1.54 6.94
N LEU A 39 1.69 0.87 5.80
CA LEU A 39 0.70 -0.18 5.62
C LEU A 39 0.95 -1.29 6.65
N SER A 40 2.14 -1.87 6.56
CA SER A 40 2.52 -2.94 7.46
C SER A 40 2.01 -2.64 8.87
N ARG A 41 1.91 -1.35 9.16
CA ARG A 41 1.45 -0.92 10.47
C ARG A 41 -0.05 -1.22 10.62
N VAL A 42 -0.84 -0.50 9.84
CA VAL A 42 -2.30 -0.68 9.88
C VAL A 42 -2.62 -2.16 9.66
N TYR A 43 -1.67 -2.86 9.06
CA TYR A 43 -1.86 -4.27 8.78
C TYR A 43 -1.47 -5.12 10.00
N PRO A 44 -2.43 -5.98 10.42
CA PRO A 44 -2.20 -6.85 11.57
C PRO A 44 -1.27 -8.01 11.20
N GLU A 45 0.00 -7.83 11.55
CA GLU A 45 1.00 -8.85 11.26
C GLU A 45 2.40 -8.25 11.27
N ARG A 46 2.44 -6.94 11.00
CA ARG A 46 3.71 -6.23 10.97
C ARG A 46 4.62 -6.82 9.89
N PRO A 47 4.12 -6.76 8.64
CA PRO A 47 4.88 -7.28 7.51
C PRO A 47 6.02 -6.33 7.12
N ARG A 48 7.10 -6.92 6.65
CA ARG A 48 8.27 -6.13 6.25
C ARG A 48 7.91 -5.23 5.08
N PRO A 49 8.59 -4.04 5.04
CA PRO A 49 8.35 -3.08 3.98
C PRO A 49 9.01 -3.53 2.67
N GLU A 50 10.08 -4.30 2.81
CA GLU A 50 10.79 -4.81 1.65
C GLU A 50 10.19 -6.14 1.20
N ASP A 51 8.87 -6.21 1.26
CA ASP A 51 8.16 -7.41 0.85
C ASP A 51 6.74 -7.04 0.42
N GLN A 52 6.10 -6.22 1.23
CA GLN A 52 4.75 -5.78 0.94
C GLN A 52 4.61 -5.42 -0.54
N ARG A 53 4.03 -6.35 -1.29
CA ARG A 53 3.83 -6.15 -2.71
C ARG A 53 2.64 -5.22 -2.95
N LEU A 54 2.95 -4.07 -3.54
CA LEU A 54 1.91 -3.08 -3.83
C LEU A 54 1.52 -3.19 -5.30
N ILE A 55 0.26 -3.58 -5.52
CA ILE A 55 -0.25 -3.73 -6.86
C ILE A 55 -1.40 -2.73 -7.08
N TYR A 56 -1.21 -1.86 -8.06
CA TYR A 56 -2.21 -0.86 -8.38
C TYR A 56 -2.96 -1.22 -9.65
N SER A 57 -4.15 -1.76 -9.47
CA SER A 57 -4.98 -2.15 -10.61
C SER A 57 -4.30 -3.26 -11.40
N GLY A 58 -3.38 -3.95 -10.72
CA GLY A 58 -2.64 -5.04 -11.34
C GLY A 58 -1.21 -4.61 -11.66
N LYS A 59 -0.97 -3.32 -11.58
CA LYS A 59 0.34 -2.77 -11.86
C LYS A 59 1.18 -2.81 -10.56
N LEU A 60 2.18 -3.66 -10.58
CA LEU A 60 3.06 -3.80 -9.43
C LEU A 60 3.87 -2.51 -9.25
N LEU A 61 4.02 -2.10 -8.00
CA LEU A 61 4.77 -0.90 -7.70
C LEU A 61 6.20 -1.28 -7.30
N LEU A 62 7.13 -0.36 -7.57
CA LEU A 62 8.52 -0.60 -7.26
C LEU A 62 8.77 -0.24 -5.79
N ASP A 63 9.05 1.04 -5.57
CA ASP A 63 9.31 1.52 -4.22
C ASP A 63 9.64 3.02 -4.28
N HIS A 64 10.64 3.34 -5.09
CA HIS A 64 11.07 4.72 -5.23
C HIS A 64 9.93 5.54 -5.84
N GLN A 65 9.15 4.88 -6.69
CA GLN A 65 8.03 5.54 -7.34
C GLN A 65 7.20 6.32 -6.32
N CYS A 66 6.66 7.44 -6.78
CA CYS A 66 5.85 8.27 -5.91
C CYS A 66 4.37 8.08 -6.29
N LEU A 67 3.51 8.19 -5.29
CA LEU A 67 2.09 8.02 -5.51
C LEU A 67 1.62 9.03 -6.57
N ARG A 68 2.19 10.22 -6.49
CA ARG A 68 1.84 11.27 -7.44
C ARG A 68 1.80 10.72 -8.86
N ASP A 69 2.95 10.27 -9.32
CA ASP A 69 3.05 9.72 -10.66
C ASP A 69 2.16 8.47 -10.77
N LEU A 70 2.43 7.52 -9.89
CA LEU A 70 1.65 6.29 -9.87
C LEU A 70 0.18 6.61 -10.11
N LEU A 71 -0.46 7.10 -9.06
CA LEU A 71 -1.87 7.45 -9.14
C LEU A 71 -2.06 8.53 -10.21
N PRO A 72 -3.28 8.54 -10.81
CA PRO A 72 -3.60 9.52 -11.83
C PRO A 72 -3.85 10.90 -11.23
N LYS A 73 -4.48 11.75 -12.01
CA LYS A 73 -4.80 13.10 -11.56
C LYS A 73 -5.98 13.05 -10.60
N GLN A 74 -5.77 12.40 -9.47
CA GLN A 74 -6.82 12.28 -8.46
C GLN A 74 -7.94 11.38 -8.98
N GLU A 75 -8.72 11.92 -9.90
CA GLU A 75 -9.83 11.18 -10.48
C GLU A 75 -10.83 10.78 -9.39
N LYS A 76 -10.53 9.65 -8.76
CA LYS A 76 -11.38 9.14 -7.69
C LYS A 76 -10.58 8.17 -6.83
N ARG A 77 -11.23 7.70 -5.77
CA ARG A 77 -10.60 6.77 -4.85
C ARG A 77 -9.79 5.73 -5.63
N HIS A 78 -8.57 5.52 -5.18
CA HIS A 78 -7.68 4.55 -5.82
C HIS A 78 -7.79 3.21 -5.10
N VAL A 79 -7.67 2.14 -5.88
CA VAL A 79 -7.75 0.80 -5.33
C VAL A 79 -6.40 0.10 -5.52
N LEU A 80 -5.75 -0.17 -4.39
CA LEU A 80 -4.46 -0.83 -4.42
C LEU A 80 -4.61 -2.27 -3.93
N HIS A 81 -3.60 -3.07 -4.21
CA HIS A 81 -3.61 -4.47 -3.80
C HIS A 81 -2.30 -4.81 -3.09
N LEU A 82 -2.34 -4.76 -1.77
CA LEU A 82 -1.16 -5.07 -0.98
C LEU A 82 -1.13 -6.57 -0.68
N VAL A 83 -0.26 -7.27 -1.40
CA VAL A 83 -0.12 -8.69 -1.22
C VAL A 83 0.87 -8.97 -0.09
N CYS A 84 0.56 -9.99 0.69
CA CYS A 84 1.41 -10.37 1.82
C CYS A 84 2.45 -11.36 1.31
N ASN A 85 3.69 -11.14 1.74
CA ASN A 85 4.79 -12.00 1.34
C ASN A 85 4.62 -13.37 2.01
N VAL A 86 3.94 -14.26 1.29
CA VAL A 86 3.71 -15.61 1.80
C VAL A 86 5.03 -16.38 1.80
N LYS A 87 5.93 -15.95 2.66
CA LYS A 87 7.24 -16.58 2.77
C LYS A 87 7.41 -17.15 4.18
N SER A 88 7.20 -18.45 4.29
CA SER A 88 7.32 -19.12 5.57
C SER A 88 6.66 -18.29 6.67
N GLY A 89 5.34 -18.40 6.73
CA GLY A 89 4.58 -17.67 7.72
C GLY A 89 4.99 -18.06 9.14
N PRO A 90 4.78 -17.09 10.09
CA PRO A 90 5.13 -17.33 11.47
C PRO A 90 4.13 -18.26 12.14
N SER A 91 4.65 -19.07 13.07
CA SER A 91 3.82 -20.02 13.78
C SER A 91 2.55 -19.32 14.30
N SER A 92 2.77 -18.22 15.00
CA SER A 92 1.67 -17.44 15.55
C SER A 92 0.82 -18.34 16.45
N GLY A 93 -0.02 -17.69 17.25
CA GLY A 93 -0.89 -18.40 18.16
C GLY A 93 -1.56 -19.59 17.47
N GLY A 1 3.67 24.30 13.73
CA GLY A 1 2.35 24.19 14.34
C GLY A 1 1.25 24.21 13.28
N SER A 2 1.04 23.05 12.66
CA SER A 2 0.03 22.94 11.63
C SER A 2 -0.34 21.46 11.43
N SER A 3 -1.58 21.24 11.02
CA SER A 3 -2.06 19.89 10.79
C SER A 3 -3.34 19.93 9.95
N GLY A 4 -3.20 19.53 8.70
CA GLY A 4 -4.33 19.51 7.78
C GLY A 4 -4.04 18.62 6.58
N SER A 5 -4.71 18.94 5.47
CA SER A 5 -4.54 18.17 4.25
C SER A 5 -5.06 16.74 4.45
N SER A 6 -5.83 16.29 3.48
CA SER A 6 -6.39 14.94 3.54
C SER A 6 -5.53 13.99 2.71
N GLY A 7 -5.56 14.20 1.40
CA GLY A 7 -4.80 13.36 0.49
C GLY A 7 -5.71 12.49 -0.36
N VAL A 8 -5.27 11.26 -0.60
CA VAL A 8 -6.04 10.33 -1.40
C VAL A 8 -6.39 9.11 -0.55
N THR A 9 -7.24 8.25 -1.12
CA THR A 9 -7.66 7.05 -0.42
C THR A 9 -7.18 5.80 -1.18
N LEU A 10 -6.34 5.04 -0.51
CA LEU A 10 -5.80 3.83 -1.10
C LEU A 10 -6.58 2.62 -0.57
N LEU A 11 -7.20 1.90 -1.48
CA LEU A 11 -7.97 0.72 -1.12
C LEU A 11 -7.09 -0.53 -1.27
N VAL A 12 -6.56 -0.97 -0.15
CA VAL A 12 -5.71 -2.15 -0.13
C VAL A 12 -6.58 -3.41 -0.24
N LYS A 13 -6.57 -3.99 -1.42
CA LYS A 13 -7.35 -5.20 -1.66
C LYS A 13 -6.47 -6.43 -1.46
N SER A 14 -7.12 -7.57 -1.35
CA SER A 14 -6.40 -8.83 -1.15
C SER A 14 -6.89 -9.87 -2.15
N PRO A 15 -6.04 -10.12 -3.18
CA PRO A 15 -6.38 -11.08 -4.21
C PRO A 15 -6.21 -12.51 -3.70
N ASN A 16 -6.89 -12.79 -2.59
CA ASN A 16 -6.82 -14.12 -2.00
C ASN A 16 -7.86 -14.22 -0.87
N GLN A 17 -8.97 -13.53 -1.08
CA GLN A 17 -10.05 -13.53 -0.09
C GLN A 17 -9.47 -13.55 1.31
N ARG A 18 -8.75 -12.48 1.64
CA ARG A 18 -8.15 -12.35 2.96
C ARG A 18 -9.21 -11.99 4.00
N HIS A 19 -9.70 -10.76 3.90
CA HIS A 19 -10.71 -10.28 4.83
C HIS A 19 -10.97 -8.80 4.57
N ARG A 20 -12.15 -8.53 4.01
CA ARG A 20 -12.53 -7.16 3.71
C ARG A 20 -11.37 -6.41 3.04
N ASP A 21 -11.56 -5.10 2.91
CA ASP A 21 -10.54 -4.27 2.30
C ASP A 21 -9.96 -3.32 3.35
N LEU A 22 -8.78 -2.81 3.06
CA LEU A 22 -8.11 -1.89 3.96
C LEU A 22 -7.88 -0.56 3.25
N GLU A 23 -8.61 0.45 3.71
CA GLU A 23 -8.50 1.78 3.13
C GLU A 23 -7.70 2.70 4.06
N LEU A 24 -6.65 3.29 3.50
CA LEU A 24 -5.81 4.19 4.26
C LEU A 24 -5.38 5.36 3.36
N SER A 25 -4.72 6.33 3.99
CA SER A 25 -4.25 7.50 3.27
C SER A 25 -3.25 7.08 2.20
N GLY A 26 -3.10 7.94 1.20
CA GLY A 26 -2.18 7.67 0.11
C GLY A 26 -1.15 8.80 -0.03
N ASP A 27 -1.66 10.02 -0.15
CA ASP A 27 -0.80 11.18 -0.29
C ASP A 27 0.02 11.05 -1.57
N ARG A 28 -0.06 12.07 -2.40
CA ARG A 28 0.67 12.08 -3.66
C ARG A 28 2.16 12.36 -3.40
N GLY A 29 2.44 12.82 -2.20
CA GLY A 29 3.81 13.13 -1.81
C GLY A 29 4.41 11.99 -0.99
N TRP A 30 3.71 10.88 -0.97
CA TRP A 30 4.16 9.71 -0.24
C TRP A 30 5.14 8.94 -1.13
N SER A 31 5.47 7.74 -0.68
CA SER A 31 6.39 6.88 -1.43
C SER A 31 6.00 5.41 -1.27
N VAL A 32 5.91 4.73 -2.39
CA VAL A 32 5.55 3.32 -2.38
C VAL A 32 6.24 2.62 -1.22
N GLY A 33 7.57 2.63 -1.28
CA GLY A 33 8.35 2.00 -0.23
C GLY A 33 7.91 2.47 1.16
N HIS A 34 7.59 3.75 1.24
CA HIS A 34 7.13 4.33 2.50
C HIS A 34 5.76 3.77 2.86
N LEU A 35 4.85 3.88 1.90
CA LEU A 35 3.49 3.39 2.11
C LEU A 35 3.54 2.03 2.80
N LYS A 36 4.17 1.08 2.11
CA LYS A 36 4.29 -0.27 2.65
C LYS A 36 4.48 -0.19 4.17
N ALA A 37 5.58 0.44 4.57
CA ALA A 37 5.88 0.57 5.98
C ALA A 37 4.63 1.03 6.73
N HIS A 38 4.09 2.16 6.29
CA HIS A 38 2.90 2.72 6.90
C HIS A 38 1.81 1.64 6.98
N LEU A 39 1.67 0.92 5.87
CA LEU A 39 0.67 -0.14 5.79
C LEU A 39 0.94 -1.16 6.90
N SER A 40 2.13 -1.73 6.86
CA SER A 40 2.52 -2.72 7.85
C SER A 40 1.98 -2.33 9.23
N ARG A 41 1.86 -1.03 9.43
CA ARG A 41 1.37 -0.51 10.69
C ARG A 41 -0.14 -0.77 10.81
N VAL A 42 -0.86 -0.33 9.80
CA VAL A 42 -2.31 -0.51 9.79
C VAL A 42 -2.63 -1.99 9.53
N TYR A 43 -1.62 -2.71 9.03
CA TYR A 43 -1.79 -4.12 8.75
C TYR A 43 -1.49 -4.97 9.99
N PRO A 44 -2.48 -5.83 10.34
CA PRO A 44 -2.35 -6.70 11.50
C PRO A 44 -1.40 -7.86 11.18
N GLU A 45 -0.15 -7.70 11.60
CA GLU A 45 0.86 -8.73 11.38
C GLU A 45 2.26 -8.13 11.50
N ARG A 46 2.34 -6.83 11.25
CA ARG A 46 3.60 -6.12 11.32
C ARG A 46 4.61 -6.74 10.34
N PRO A 47 4.25 -6.65 9.03
CA PRO A 47 5.10 -7.18 7.99
C PRO A 47 6.31 -6.28 7.74
N ARG A 48 6.94 -6.47 6.60
CA ARG A 48 8.11 -5.68 6.24
C ARG A 48 7.78 -4.77 5.05
N PRO A 49 8.51 -3.62 4.99
CA PRO A 49 8.31 -2.66 3.91
C PRO A 49 8.93 -3.16 2.61
N GLU A 50 10.00 -3.93 2.76
CA GLU A 50 10.68 -4.48 1.61
C GLU A 50 10.10 -5.83 1.23
N ASP A 51 8.85 -6.03 1.63
CA ASP A 51 8.16 -7.28 1.33
C ASP A 51 6.77 -6.96 0.75
N GLN A 52 6.06 -6.09 1.45
CA GLN A 52 4.74 -5.70 1.01
C GLN A 52 4.70 -5.52 -0.51
N ARG A 53 3.91 -6.36 -1.15
CA ARG A 53 3.78 -6.31 -2.60
C ARG A 53 2.62 -5.38 -3.00
N LEU A 54 2.99 -4.23 -3.53
CA LEU A 54 2.00 -3.25 -3.95
C LEU A 54 1.67 -3.47 -5.43
N ILE A 55 0.37 -3.56 -5.70
CA ILE A 55 -0.09 -3.76 -7.07
C ILE A 55 -1.26 -2.82 -7.36
N TYR A 56 -1.13 -2.09 -8.45
CA TYR A 56 -2.16 -1.15 -8.85
C TYR A 56 -2.69 -1.48 -10.25
N SER A 57 -3.80 -2.19 -10.27
CA SER A 57 -4.42 -2.58 -11.54
C SER A 57 -3.70 -3.79 -12.12
N GLY A 58 -2.79 -4.35 -11.32
CA GLY A 58 -2.03 -5.51 -11.74
C GLY A 58 -0.54 -5.19 -11.80
N LYS A 59 -0.24 -3.94 -12.10
CA LYS A 59 1.14 -3.50 -12.17
C LYS A 59 1.70 -3.32 -10.75
N LEU A 60 2.81 -4.00 -10.49
CA LEU A 60 3.45 -3.93 -9.20
C LEU A 60 4.15 -2.58 -9.05
N LEU A 61 4.21 -2.10 -7.82
CA LEU A 61 4.85 -0.84 -7.53
C LEU A 61 6.29 -1.08 -7.09
N LEU A 62 7.12 -0.06 -7.27
CA LEU A 62 8.52 -0.16 -6.90
C LEU A 62 8.69 0.26 -5.44
N ASP A 63 9.32 1.41 -5.26
CA ASP A 63 9.55 1.93 -3.92
C ASP A 63 9.93 3.41 -4.01
N HIS A 64 10.88 3.68 -4.88
CA HIS A 64 11.35 5.05 -5.07
C HIS A 64 10.29 5.84 -5.85
N GLN A 65 9.28 5.13 -6.32
CA GLN A 65 8.21 5.75 -7.08
C GLN A 65 7.30 6.54 -6.15
N CYS A 66 6.85 7.69 -6.65
CA CYS A 66 5.97 8.55 -5.88
C CYS A 66 4.53 8.23 -6.26
N LEU A 67 3.61 8.64 -5.40
CA LEU A 67 2.20 8.40 -5.62
C LEU A 67 1.68 9.43 -6.64
N ARG A 68 2.25 10.62 -6.57
CA ARG A 68 1.86 11.69 -7.47
C ARG A 68 1.97 11.23 -8.92
N ASP A 69 2.93 10.36 -9.16
CA ASP A 69 3.15 9.83 -10.50
C ASP A 69 2.34 8.54 -10.69
N LEU A 70 2.60 7.59 -9.80
CA LEU A 70 1.91 6.31 -9.86
C LEU A 70 0.40 6.57 -10.04
N LEU A 71 -0.19 7.16 -9.01
CA LEU A 71 -1.61 7.46 -9.04
C LEU A 71 -1.89 8.47 -10.15
N PRO A 72 -2.98 8.19 -10.91
CA PRO A 72 -3.36 9.07 -12.01
C PRO A 72 -4.01 10.35 -11.49
N LYS A 73 -4.62 11.08 -12.40
CA LYS A 73 -5.28 12.32 -12.05
C LYS A 73 -6.10 12.12 -10.77
N GLN A 74 -6.89 11.06 -10.77
CA GLN A 74 -7.72 10.74 -9.62
C GLN A 74 -8.50 9.45 -9.87
N GLU A 75 -9.25 9.46 -10.97
CA GLU A 75 -10.05 8.30 -11.34
C GLU A 75 -10.66 7.66 -10.09
N LYS A 76 -11.55 8.41 -9.47
CA LYS A 76 -12.20 7.93 -8.25
C LYS A 76 -11.16 7.41 -7.27
N ARG A 77 -11.65 6.93 -6.14
CA ARG A 77 -10.76 6.40 -5.12
C ARG A 77 -9.70 5.50 -5.75
N HIS A 78 -8.57 5.38 -5.05
CA HIS A 78 -7.48 4.55 -5.53
C HIS A 78 -7.57 3.17 -4.89
N VAL A 79 -7.71 2.16 -5.74
CA VAL A 79 -7.80 0.80 -5.27
C VAL A 79 -6.47 0.07 -5.55
N LEU A 80 -5.79 -0.27 -4.46
CA LEU A 80 -4.53 -0.96 -4.57
C LEU A 80 -4.69 -2.40 -4.09
N HIS A 81 -3.67 -3.20 -4.36
CA HIS A 81 -3.69 -4.60 -3.98
C HIS A 81 -2.37 -4.97 -3.29
N LEU A 82 -2.41 -4.97 -1.96
CA LEU A 82 -1.22 -5.29 -1.18
C LEU A 82 -1.24 -6.79 -0.86
N VAL A 83 -0.22 -7.48 -1.36
CA VAL A 83 -0.10 -8.91 -1.13
C VAL A 83 0.87 -9.16 0.03
N CYS A 84 0.42 -9.98 0.96
CA CYS A 84 1.24 -10.30 2.12
C CYS A 84 2.30 -11.32 1.69
N ASN A 85 3.51 -11.08 2.16
CA ASN A 85 4.63 -11.96 1.83
C ASN A 85 4.60 -13.18 2.76
N VAL A 86 5.77 -13.75 2.98
CA VAL A 86 5.88 -14.93 3.83
C VAL A 86 5.94 -14.47 5.29
N LYS A 87 6.61 -15.28 6.10
CA LYS A 87 6.74 -14.99 7.52
C LYS A 87 8.23 -14.93 7.88
N SER A 88 8.94 -14.05 7.19
CA SER A 88 10.36 -13.89 7.43
C SER A 88 11.04 -15.26 7.47
N GLY A 89 11.56 -15.65 6.32
CA GLY A 89 12.24 -16.93 6.20
C GLY A 89 13.09 -17.22 7.45
N PRO A 90 13.37 -18.54 7.66
CA PRO A 90 14.16 -18.94 8.81
C PRO A 90 15.64 -18.65 8.58
N SER A 91 16.30 -18.22 9.65
CA SER A 91 17.71 -17.89 9.59
C SER A 91 18.33 -17.96 10.99
N SER A 92 19.31 -18.84 11.12
CA SER A 92 19.99 -19.02 12.39
C SER A 92 19.09 -19.76 13.37
N GLY A 93 18.01 -19.09 13.75
CA GLY A 93 17.06 -19.67 14.69
C GLY A 93 15.87 -20.28 13.95
N GLY A 1 -0.06 28.05 11.47
CA GLY A 1 1.01 27.16 11.88
C GLY A 1 1.38 26.20 10.76
N SER A 2 0.66 25.09 10.71
CA SER A 2 0.90 24.09 9.69
C SER A 2 -0.25 24.06 8.68
N SER A 3 0.05 23.58 7.49
CA SER A 3 -0.95 23.50 6.43
C SER A 3 -0.75 22.23 5.62
N GLY A 4 -1.53 21.21 5.96
CA GLY A 4 -1.44 19.93 5.28
C GLY A 4 -2.84 19.36 5.00
N SER A 5 -3.08 18.18 5.55
CA SER A 5 -4.36 17.52 5.37
C SER A 5 -4.75 17.51 3.89
N SER A 6 -4.32 16.46 3.21
CA SER A 6 -4.61 16.32 1.79
C SER A 6 -3.93 15.06 1.24
N GLY A 7 -4.74 14.03 1.05
CA GLY A 7 -4.23 12.77 0.53
C GLY A 7 -5.31 12.03 -0.27
N VAL A 8 -4.90 10.91 -0.87
CA VAL A 8 -5.81 10.12 -1.66
C VAL A 8 -6.15 8.84 -0.92
N THR A 9 -7.32 8.29 -1.22
CA THR A 9 -7.77 7.07 -0.57
C THR A 9 -7.29 5.86 -1.36
N LEU A 10 -6.53 5.00 -0.67
CA LEU A 10 -6.00 3.81 -1.29
C LEU A 10 -6.72 2.58 -0.70
N LEU A 11 -7.39 1.85 -1.59
CA LEU A 11 -8.11 0.66 -1.19
C LEU A 11 -7.18 -0.55 -1.27
N VAL A 12 -6.68 -0.95 -0.11
CA VAL A 12 -5.79 -2.10 -0.04
C VAL A 12 -6.60 -3.38 -0.11
N LYS A 13 -6.58 -3.98 -1.30
CA LYS A 13 -7.31 -5.23 -1.52
C LYS A 13 -6.38 -6.41 -1.25
N SER A 14 -7.00 -7.59 -1.12
CA SER A 14 -6.24 -8.80 -0.86
C SER A 14 -6.67 -9.89 -1.84
N PRO A 15 -5.88 -10.01 -2.94
CA PRO A 15 -6.17 -11.01 -3.95
C PRO A 15 -5.78 -12.42 -3.47
N ASN A 16 -6.55 -12.93 -2.53
CA ASN A 16 -6.30 -14.25 -1.98
C ASN A 16 -7.35 -14.56 -0.92
N GLN A 17 -7.35 -13.74 0.12
CA GLN A 17 -8.29 -13.91 1.22
C GLN A 17 -9.58 -13.15 0.93
N ARG A 18 -9.44 -12.07 0.17
CA ARG A 18 -10.59 -11.25 -0.18
C ARG A 18 -11.54 -11.13 1.00
N HIS A 19 -11.02 -10.55 2.09
CA HIS A 19 -11.81 -10.37 3.29
C HIS A 19 -11.57 -8.96 3.85
N ARG A 20 -12.64 -8.17 3.84
CA ARG A 20 -12.56 -6.81 4.34
C ARG A 20 -11.54 -6.01 3.54
N ASP A 21 -11.80 -4.72 3.41
CA ASP A 21 -10.91 -3.83 2.68
C ASP A 21 -10.25 -2.86 3.66
N LEU A 22 -9.07 -2.40 3.28
CA LEU A 22 -8.32 -1.47 4.11
C LEU A 22 -8.05 -0.19 3.31
N GLU A 23 -8.74 0.88 3.70
CA GLU A 23 -8.59 2.16 3.04
C GLU A 23 -7.71 3.09 3.88
N LEU A 24 -6.55 3.41 3.34
CA LEU A 24 -5.62 4.29 4.02
C LEU A 24 -5.27 5.47 3.11
N SER A 25 -4.58 6.43 3.69
CA SER A 25 -4.18 7.61 2.94
C SER A 25 -3.09 7.25 1.93
N GLY A 26 -3.06 8.00 0.84
CA GLY A 26 -2.08 7.77 -0.21
C GLY A 26 -1.55 9.09 -0.76
N ASP A 27 -1.12 9.95 0.16
CA ASP A 27 -0.58 11.25 -0.23
C ASP A 27 0.27 11.09 -1.49
N ARG A 28 0.01 11.96 -2.46
CA ARG A 28 0.75 11.94 -3.71
C ARG A 28 2.25 12.11 -3.45
N GLY A 29 2.56 12.55 -2.24
CA GLY A 29 3.94 12.75 -1.86
C GLY A 29 4.53 11.49 -1.21
N TRP A 30 3.65 10.71 -0.61
CA TRP A 30 4.06 9.48 0.04
C TRP A 30 5.00 8.73 -0.91
N SER A 31 5.64 7.70 -0.38
CA SER A 31 6.56 6.90 -1.16
C SER A 31 6.22 5.42 -1.01
N VAL A 32 6.24 4.72 -2.14
CA VAL A 32 5.94 3.30 -2.15
C VAL A 32 6.57 2.64 -0.93
N GLY A 33 7.90 2.67 -0.89
CA GLY A 33 8.64 2.09 0.22
C GLY A 33 8.04 2.51 1.56
N HIS A 34 7.71 3.78 1.65
CA HIS A 34 7.13 4.34 2.86
C HIS A 34 5.74 3.73 3.08
N LEU A 35 4.87 3.98 2.12
CA LEU A 35 3.52 3.47 2.19
C LEU A 35 3.53 2.05 2.76
N LYS A 36 4.22 1.17 2.05
CA LYS A 36 4.33 -0.22 2.47
C LYS A 36 4.46 -0.28 4.00
N ALA A 37 5.59 0.23 4.47
CA ALA A 37 5.86 0.25 5.90
C ALA A 37 4.61 0.78 6.64
N HIS A 38 4.16 1.95 6.21
CA HIS A 38 3.00 2.57 6.83
C HIS A 38 1.88 1.54 6.93
N LEU A 39 1.67 0.82 5.84
CA LEU A 39 0.63 -0.19 5.80
C LEU A 39 0.87 -1.21 6.91
N SER A 40 2.01 -1.88 6.81
CA SER A 40 2.38 -2.88 7.80
C SER A 40 1.96 -2.43 9.19
N ARG A 41 1.95 -1.12 9.38
CA ARG A 41 1.57 -0.54 10.66
C ARG A 41 0.06 -0.68 10.86
N VAL A 42 -0.69 -0.25 9.87
CA VAL A 42 -2.14 -0.32 9.93
C VAL A 42 -2.59 -1.75 9.65
N TYR A 43 -1.63 -2.56 9.21
CA TYR A 43 -1.92 -3.95 8.91
C TYR A 43 -1.60 -4.85 10.11
N PRO A 44 -2.63 -5.64 10.53
CA PRO A 44 -2.48 -6.55 11.65
C PRO A 44 -1.65 -7.77 11.25
N GLU A 45 -0.37 -7.72 11.62
CA GLU A 45 0.54 -8.81 11.32
C GLU A 45 1.99 -8.33 11.35
N ARG A 46 2.15 -7.02 11.13
CA ARG A 46 3.47 -6.42 11.13
C ARG A 46 4.35 -7.09 10.08
N PRO A 47 3.93 -6.96 8.80
CA PRO A 47 4.68 -7.54 7.70
C PRO A 47 5.94 -6.72 7.39
N ARG A 48 6.48 -6.94 6.21
CA ARG A 48 7.67 -6.23 5.79
C ARG A 48 7.37 -5.37 4.57
N PRO A 49 8.07 -4.20 4.50
CA PRO A 49 7.88 -3.27 3.39
C PRO A 49 8.58 -3.79 2.13
N GLU A 50 9.63 -4.57 2.34
CA GLU A 50 10.39 -5.13 1.24
C GLU A 50 9.60 -6.27 0.60
N ASP A 51 8.74 -6.89 1.39
CA ASP A 51 7.93 -7.99 0.90
C ASP A 51 6.60 -7.46 0.39
N GLN A 52 5.95 -6.66 1.23
CA GLN A 52 4.66 -6.08 0.86
C GLN A 52 4.66 -5.66 -0.61
N ARG A 53 3.94 -6.43 -1.41
CA ARG A 53 3.85 -6.15 -2.84
C ARG A 53 2.69 -5.20 -3.11
N LEU A 54 3.04 -4.02 -3.60
CA LEU A 54 2.03 -3.02 -3.92
C LEU A 54 1.66 -3.13 -5.40
N ILE A 55 0.36 -3.24 -5.65
CA ILE A 55 -0.14 -3.35 -7.00
C ILE A 55 -1.30 -2.37 -7.20
N TYR A 56 -1.29 -1.70 -8.34
CA TYR A 56 -2.34 -0.74 -8.66
C TYR A 56 -2.98 -1.06 -10.01
N SER A 57 -4.05 -1.82 -9.97
CA SER A 57 -4.76 -2.19 -11.17
C SER A 57 -3.96 -3.24 -11.95
N GLY A 58 -3.18 -4.01 -11.20
CA GLY A 58 -2.35 -5.04 -11.81
C GLY A 58 -0.90 -4.58 -11.95
N LYS A 59 -0.75 -3.28 -12.17
CA LYS A 59 0.58 -2.70 -12.33
C LYS A 59 1.27 -2.62 -10.97
N LEU A 60 2.35 -3.36 -10.84
CA LEU A 60 3.10 -3.39 -9.60
C LEU A 60 3.80 -2.04 -9.40
N LEU A 61 3.95 -1.67 -8.14
CA LEU A 61 4.59 -0.41 -7.81
C LEU A 61 6.05 -0.68 -7.40
N LEU A 62 6.85 0.37 -7.45
CA LEU A 62 8.25 0.26 -7.09
C LEU A 62 8.57 1.25 -5.97
N ASP A 63 9.76 1.13 -5.42
CA ASP A 63 10.19 1.99 -4.33
C ASP A 63 10.65 3.33 -4.92
N HIS A 64 11.24 3.25 -6.11
CA HIS A 64 11.73 4.44 -6.77
C HIS A 64 10.59 5.10 -7.55
N GLN A 65 9.47 5.27 -6.87
CA GLN A 65 8.30 5.87 -7.48
C GLN A 65 7.50 6.66 -6.44
N CYS A 66 6.73 7.62 -6.92
CA CYS A 66 5.91 8.44 -6.05
C CYS A 66 4.44 8.21 -6.41
N LEU A 67 3.59 8.34 -5.40
CA LEU A 67 2.17 8.15 -5.60
C LEU A 67 1.68 9.11 -6.70
N ARG A 68 2.02 10.38 -6.52
CA ARG A 68 1.62 11.39 -7.49
C ARG A 68 1.75 10.85 -8.92
N ASP A 69 2.86 10.17 -9.15
CA ASP A 69 3.11 9.60 -10.47
C ASP A 69 2.29 8.32 -10.63
N LEU A 70 2.54 7.38 -9.74
CA LEU A 70 1.83 6.11 -9.77
C LEU A 70 0.34 6.36 -10.04
N LEU A 71 -0.27 7.12 -9.13
CA LEU A 71 -1.68 7.43 -9.26
C LEU A 71 -1.86 8.51 -10.33
N PRO A 72 -2.96 8.36 -11.12
CA PRO A 72 -3.26 9.29 -12.19
C PRO A 72 -3.80 10.60 -11.63
N LYS A 73 -4.26 11.45 -12.54
CA LYS A 73 -4.80 12.74 -12.14
C LYS A 73 -6.34 12.68 -12.22
N GLN A 74 -6.84 11.47 -12.34
CA GLN A 74 -8.28 11.26 -12.43
C GLN A 74 -8.76 10.36 -11.30
N GLU A 75 -10.05 10.07 -11.32
CA GLU A 75 -10.64 9.21 -10.31
C GLU A 75 -10.48 9.83 -8.92
N LYS A 76 -11.43 9.53 -8.05
CA LYS A 76 -11.40 10.05 -6.70
C LYS A 76 -10.63 9.08 -5.80
N ARG A 77 -11.22 7.90 -5.63
CA ARG A 77 -10.60 6.88 -4.80
C ARG A 77 -9.68 5.99 -5.64
N HIS A 78 -8.79 5.29 -4.96
CA HIS A 78 -7.85 4.41 -5.63
C HIS A 78 -7.89 3.03 -4.98
N VAL A 79 -7.90 2.01 -5.83
CA VAL A 79 -7.93 0.64 -5.35
C VAL A 79 -6.57 -0.01 -5.58
N LEU A 80 -5.89 -0.30 -4.47
CA LEU A 80 -4.58 -0.93 -4.53
C LEU A 80 -4.69 -2.38 -4.07
N HIS A 81 -3.66 -3.15 -4.39
CA HIS A 81 -3.63 -4.55 -4.01
C HIS A 81 -2.30 -4.87 -3.33
N LEU A 82 -2.33 -4.86 -2.01
CA LEU A 82 -1.14 -5.14 -1.23
C LEU A 82 -1.07 -6.64 -0.93
N VAL A 83 -0.20 -7.31 -1.66
CA VAL A 83 -0.02 -8.75 -1.49
C VAL A 83 0.97 -9.01 -0.36
N CYS A 84 0.60 -9.93 0.52
CA CYS A 84 1.45 -10.28 1.65
C CYS A 84 2.29 -11.49 1.25
N ASN A 85 3.56 -11.43 1.63
CA ASN A 85 4.49 -12.51 1.32
C ASN A 85 5.37 -12.79 2.54
N VAL A 86 4.80 -12.50 3.71
CA VAL A 86 5.52 -12.71 4.95
C VAL A 86 6.32 -14.02 4.86
N LYS A 87 7.60 -13.87 4.55
CA LYS A 87 8.49 -15.02 4.42
C LYS A 87 9.60 -14.91 5.46
N SER A 88 9.89 -16.05 6.09
CA SER A 88 10.93 -16.10 7.10
C SER A 88 12.25 -16.56 6.47
N GLY A 89 13.30 -15.80 6.78
CA GLY A 89 14.61 -16.11 6.25
C GLY A 89 15.71 -15.73 7.25
N PRO A 90 16.87 -15.29 6.69
CA PRO A 90 18.00 -14.90 7.52
C PRO A 90 17.75 -13.52 8.14
N SER A 91 17.72 -13.51 9.48
CA SER A 91 17.50 -12.28 10.21
C SER A 91 17.54 -12.55 11.71
N SER A 92 16.68 -13.45 12.15
CA SER A 92 16.61 -13.81 13.55
C SER A 92 16.14 -12.61 14.37
N GLY A 93 15.43 -12.92 15.45
CA GLY A 93 14.90 -11.88 16.33
C GLY A 93 14.36 -10.70 15.52
N GLY A 1 -7.25 16.95 16.22
CA GLY A 1 -7.11 18.16 15.43
C GLY A 1 -7.95 18.09 14.16
N SER A 2 -7.54 18.88 13.17
CA SER A 2 -8.23 18.92 11.90
C SER A 2 -8.67 17.51 11.50
N SER A 3 -9.70 17.46 10.66
CA SER A 3 -10.21 16.18 10.20
C SER A 3 -11.10 16.40 8.97
N GLY A 4 -10.62 15.91 7.83
CA GLY A 4 -11.36 16.04 6.59
C GLY A 4 -10.66 15.29 5.45
N SER A 5 -10.27 16.05 4.44
CA SER A 5 -9.60 15.47 3.29
C SER A 5 -8.14 15.92 3.26
N SER A 6 -7.24 14.94 3.29
CA SER A 6 -5.81 15.23 3.26
C SER A 6 -5.07 14.08 2.59
N GLY A 7 -5.12 14.06 1.27
CA GLY A 7 -4.44 13.03 0.50
C GLY A 7 -5.44 12.26 -0.37
N VAL A 8 -5.07 11.04 -0.71
CA VAL A 8 -5.91 10.19 -1.54
C VAL A 8 -6.31 8.96 -0.75
N THR A 9 -7.25 8.21 -1.32
CA THR A 9 -7.74 7.00 -0.68
C THR A 9 -7.21 5.77 -1.41
N LEU A 10 -6.47 4.94 -0.68
CA LEU A 10 -5.91 3.73 -1.24
C LEU A 10 -6.64 2.52 -0.66
N LEU A 11 -7.33 1.81 -1.53
CA LEU A 11 -8.08 0.63 -1.12
C LEU A 11 -7.18 -0.61 -1.28
N VAL A 12 -6.66 -1.07 -0.15
CA VAL A 12 -5.79 -2.24 -0.15
C VAL A 12 -6.64 -3.50 -0.32
N LYS A 13 -6.76 -3.94 -1.56
CA LYS A 13 -7.53 -5.13 -1.86
C LYS A 13 -6.62 -6.36 -1.81
N SER A 14 -7.25 -7.52 -1.76
CA SER A 14 -6.52 -8.77 -1.71
C SER A 14 -6.89 -9.65 -2.90
N PRO A 15 -5.87 -9.96 -3.73
CA PRO A 15 -6.08 -10.79 -4.91
C PRO A 15 -6.26 -12.26 -4.52
N ASN A 16 -5.97 -12.53 -3.26
CA ASN A 16 -6.09 -13.89 -2.75
C ASN A 16 -7.00 -13.89 -1.51
N GLN A 17 -6.42 -13.49 -0.39
CA GLN A 17 -7.16 -13.44 0.86
C GLN A 17 -8.21 -12.33 0.81
N ARG A 18 -9.28 -12.61 0.08
CA ARG A 18 -10.36 -11.64 -0.06
C ARG A 18 -11.12 -11.49 1.26
N HIS A 19 -10.38 -11.11 2.29
CA HIS A 19 -10.96 -10.94 3.60
C HIS A 19 -11.01 -9.44 3.95
N ARG A 20 -12.18 -8.85 3.71
CA ARG A 20 -12.37 -7.44 3.99
C ARG A 20 -11.35 -6.60 3.22
N ASP A 21 -11.55 -5.29 3.26
CA ASP A 21 -10.66 -4.38 2.57
C ASP A 21 -10.05 -3.40 3.58
N LEU A 22 -9.00 -2.71 3.14
CA LEU A 22 -8.31 -1.76 3.99
C LEU A 22 -8.07 -0.47 3.21
N GLU A 23 -8.64 0.61 3.71
CA GLU A 23 -8.49 1.91 3.07
C GLU A 23 -7.66 2.84 3.96
N LEU A 24 -6.65 3.44 3.35
CA LEU A 24 -5.79 4.36 4.06
C LEU A 24 -5.42 5.52 3.15
N SER A 25 -4.74 6.50 3.74
CA SER A 25 -4.33 7.68 2.98
C SER A 25 -3.20 7.32 2.02
N GLY A 26 -3.15 8.04 0.91
CA GLY A 26 -2.12 7.80 -0.08
C GLY A 26 -1.54 9.12 -0.59
N ASP A 27 -1.09 9.93 0.34
CA ASP A 27 -0.52 11.22 0.01
C ASP A 27 0.35 11.08 -1.25
N ARG A 28 0.08 11.94 -2.21
CA ARG A 28 0.82 11.93 -3.46
C ARG A 28 2.32 12.08 -3.20
N GLY A 29 2.63 12.52 -1.99
CA GLY A 29 4.01 12.72 -1.59
C GLY A 29 4.62 11.42 -1.04
N TRP A 30 3.74 10.61 -0.45
CA TRP A 30 4.18 9.34 0.13
C TRP A 30 5.01 8.62 -0.92
N SER A 31 5.56 7.49 -0.51
CA SER A 31 6.39 6.68 -1.40
C SER A 31 5.99 5.21 -1.30
N VAL A 32 5.83 4.59 -2.47
CA VAL A 32 5.45 3.19 -2.53
C VAL A 32 6.18 2.42 -1.42
N GLY A 33 7.47 2.70 -1.30
CA GLY A 33 8.28 2.04 -0.29
C GLY A 33 7.86 2.48 1.12
N HIS A 34 7.64 3.78 1.26
CA HIS A 34 7.25 4.34 2.54
C HIS A 34 5.87 3.80 2.93
N LEU A 35 4.93 3.97 2.01
CA LEU A 35 3.57 3.50 2.24
C LEU A 35 3.60 2.14 2.94
N LYS A 36 4.29 1.21 2.32
CA LYS A 36 4.41 -0.13 2.88
C LYS A 36 4.57 -0.04 4.39
N ALA A 37 5.69 0.54 4.80
CA ALA A 37 5.97 0.71 6.22
C ALA A 37 4.69 1.11 6.95
N HIS A 38 4.06 2.15 6.43
CA HIS A 38 2.83 2.65 7.02
C HIS A 38 1.75 1.56 6.98
N LEU A 39 1.68 0.90 5.83
CA LEU A 39 0.71 -0.17 5.64
C LEU A 39 0.96 -1.27 6.67
N SER A 40 2.14 -1.87 6.57
CA SER A 40 2.52 -2.93 7.49
C SER A 40 2.02 -2.62 8.88
N ARG A 41 1.94 -1.33 9.19
CA ARG A 41 1.48 -0.89 10.49
C ARG A 41 -0.03 -1.15 10.63
N VAL A 42 -0.81 -0.39 9.90
CA VAL A 42 -2.25 -0.54 9.94
C VAL A 42 -2.62 -2.01 9.76
N TYR A 43 -1.70 -2.74 9.15
CA TYR A 43 -1.92 -4.17 8.91
C TYR A 43 -1.50 -4.99 10.14
N PRO A 44 -2.46 -5.83 10.61
CA PRO A 44 -2.21 -6.67 11.77
C PRO A 44 -1.32 -7.85 11.40
N GLU A 45 -0.03 -7.70 11.71
CA GLU A 45 0.94 -8.75 11.42
C GLU A 45 2.35 -8.17 11.40
N ARG A 46 2.42 -6.88 11.08
CA ARG A 46 3.71 -6.20 11.02
C ARG A 46 4.57 -6.80 9.91
N PRO A 47 4.03 -6.75 8.67
CA PRO A 47 4.74 -7.29 7.52
C PRO A 47 5.87 -6.35 7.08
N ARG A 48 7.05 -6.93 6.93
CA ARG A 48 8.21 -6.17 6.52
C ARG A 48 7.89 -5.30 5.30
N PRO A 49 8.58 -4.13 5.23
CA PRO A 49 8.36 -3.21 4.13
C PRO A 49 9.05 -3.72 2.85
N GLU A 50 10.06 -4.55 3.06
CA GLU A 50 10.80 -5.11 1.94
C GLU A 50 10.18 -6.43 1.50
N ASP A 51 8.87 -6.53 1.70
CA ASP A 51 8.14 -7.72 1.32
C ASP A 51 6.77 -7.34 0.75
N GLN A 52 6.11 -6.43 1.45
CA GLN A 52 4.80 -5.97 1.03
C GLN A 52 4.80 -5.68 -0.48
N ARG A 53 3.86 -6.30 -1.17
CA ARG A 53 3.74 -6.11 -2.60
C ARG A 53 2.57 -5.18 -2.93
N LEU A 54 2.91 -3.97 -3.36
CA LEU A 54 1.91 -2.99 -3.70
C LEU A 54 1.61 -3.07 -5.20
N ILE A 55 0.34 -3.37 -5.50
CA ILE A 55 -0.09 -3.48 -6.88
C ILE A 55 -1.22 -2.48 -7.14
N TYR A 56 -1.12 -1.82 -8.28
CA TYR A 56 -2.12 -0.83 -8.67
C TYR A 56 -2.51 -1.00 -10.13
N SER A 57 -3.82 -1.11 -10.35
CA SER A 57 -4.35 -1.27 -11.69
C SER A 57 -3.81 -2.57 -12.31
N GLY A 58 -3.25 -3.41 -11.44
CA GLY A 58 -2.70 -4.68 -11.89
C GLY A 58 -1.19 -4.58 -12.09
N LYS A 59 -0.67 -3.38 -11.91
CA LYS A 59 0.75 -3.13 -12.07
C LYS A 59 1.41 -3.11 -10.69
N LEU A 60 2.58 -3.72 -10.62
CA LEU A 60 3.34 -3.77 -9.38
C LEU A 60 4.12 -2.47 -9.21
N LEU A 61 4.10 -1.95 -7.99
CA LEU A 61 4.80 -0.73 -7.68
C LEU A 61 6.21 -1.05 -7.16
N LEU A 62 7.08 -0.06 -7.23
CA LEU A 62 8.45 -0.24 -6.78
C LEU A 62 8.53 0.08 -5.29
N ASP A 63 9.05 1.27 -5.00
CA ASP A 63 9.19 1.71 -3.62
C ASP A 63 9.62 3.18 -3.60
N HIS A 64 10.60 3.49 -4.45
CA HIS A 64 11.11 4.85 -4.54
C HIS A 64 10.11 5.72 -5.30
N GLN A 65 9.25 5.06 -6.06
CA GLN A 65 8.25 5.76 -6.85
C GLN A 65 7.31 6.53 -5.92
N CYS A 66 6.81 7.66 -6.44
CA CYS A 66 5.90 8.49 -5.68
C CYS A 66 4.48 8.19 -6.13
N LEU A 67 3.55 8.32 -5.19
CA LEU A 67 2.15 8.06 -5.47
C LEU A 67 1.69 8.98 -6.60
N ARG A 68 2.05 10.25 -6.48
CA ARG A 68 1.69 11.24 -7.48
C ARG A 68 1.77 10.63 -8.88
N ASP A 69 2.99 10.30 -9.28
CA ASP A 69 3.20 9.72 -10.60
C ASP A 69 2.27 8.53 -10.77
N LEU A 70 2.49 7.50 -9.96
CA LEU A 70 1.68 6.30 -10.03
C LEU A 70 0.21 6.70 -10.25
N LEU A 71 -0.45 7.05 -9.14
CA LEU A 71 -1.84 7.45 -9.20
C LEU A 71 -2.05 8.37 -10.41
N PRO A 72 -3.34 8.45 -10.85
CA PRO A 72 -3.68 9.28 -11.99
C PRO A 72 -3.70 10.76 -11.60
N LYS A 73 -4.36 11.56 -12.44
CA LYS A 73 -4.44 12.98 -12.19
C LYS A 73 -5.65 13.26 -11.29
N GLN A 74 -5.61 12.67 -10.09
CA GLN A 74 -6.68 12.85 -9.14
C GLN A 74 -8.02 12.41 -9.74
N GLU A 75 -8.99 12.21 -8.87
CA GLU A 75 -10.31 11.79 -9.31
C GLU A 75 -11.24 11.63 -8.10
N LYS A 76 -10.80 10.81 -7.16
CA LYS A 76 -11.58 10.56 -5.96
C LYS A 76 -10.78 9.68 -5.00
N ARG A 77 -10.40 8.51 -5.49
CA ARG A 77 -9.63 7.57 -4.69
C ARG A 77 -8.85 6.62 -5.60
N HIS A 78 -8.26 5.60 -4.98
CA HIS A 78 -7.49 4.62 -5.71
C HIS A 78 -7.58 3.26 -5.01
N VAL A 79 -7.56 2.21 -5.81
CA VAL A 79 -7.65 0.86 -5.28
C VAL A 79 -6.31 0.15 -5.49
N LEU A 80 -5.67 -0.20 -4.38
CA LEU A 80 -4.40 -0.87 -4.42
C LEU A 80 -4.58 -2.34 -3.98
N HIS A 81 -3.52 -3.10 -4.16
CA HIS A 81 -3.55 -4.51 -3.79
C HIS A 81 -2.25 -4.88 -3.07
N LEU A 82 -2.31 -4.87 -1.76
CA LEU A 82 -1.14 -5.20 -0.95
C LEU A 82 -1.12 -6.71 -0.70
N VAL A 83 -0.21 -7.38 -1.39
CA VAL A 83 -0.07 -8.81 -1.25
C VAL A 83 0.93 -9.12 -0.13
N CYS A 84 0.59 -10.14 0.66
CA CYS A 84 1.45 -10.54 1.76
C CYS A 84 2.51 -11.50 1.23
N ASN A 85 3.73 -11.30 1.69
CA ASN A 85 4.84 -12.14 1.27
C ASN A 85 5.21 -13.09 2.40
N VAL A 86 6.46 -13.54 2.37
CA VAL A 86 6.95 -14.45 3.39
C VAL A 86 8.46 -14.25 3.58
N LYS A 87 8.85 -14.03 4.83
CA LYS A 87 10.25 -13.82 5.15
C LYS A 87 10.95 -15.16 5.28
N SER A 88 12.23 -15.10 5.57
CA SER A 88 13.03 -16.31 5.73
C SER A 88 13.55 -16.41 7.17
N GLY A 89 14.05 -15.29 7.67
CA GLY A 89 14.57 -15.23 9.02
C GLY A 89 13.54 -15.74 10.03
N PRO A 90 13.97 -16.70 10.87
CA PRO A 90 13.10 -17.27 11.88
C PRO A 90 12.90 -16.30 13.05
N SER A 91 14.02 -15.94 13.67
CA SER A 91 13.98 -15.02 14.79
C SER A 91 15.11 -13.99 14.67
N SER A 92 14.82 -12.78 15.12
CA SER A 92 15.81 -11.71 15.06
C SER A 92 15.81 -10.94 16.38
N GLY A 93 14.65 -10.40 16.72
CA GLY A 93 14.52 -9.65 17.95
C GLY A 93 15.76 -8.80 18.23
N GLY A 1 -3.60 11.34 18.14
CA GLY A 1 -3.62 11.18 16.70
C GLY A 1 -3.36 12.52 15.99
N SER A 2 -3.37 12.47 14.67
CA SER A 2 -3.13 13.66 13.87
C SER A 2 -4.42 14.11 13.20
N SER A 3 -4.44 15.38 12.83
CA SER A 3 -5.62 15.95 12.18
C SER A 3 -5.20 16.77 10.96
N GLY A 4 -5.26 16.13 9.80
CA GLY A 4 -4.89 16.79 8.57
C GLY A 4 -5.77 16.32 7.40
N SER A 5 -5.68 15.03 7.12
CA SER A 5 -6.47 14.45 6.04
C SER A 5 -6.21 15.21 4.74
N SER A 6 -5.09 14.89 4.12
CA SER A 6 -4.72 15.54 2.87
C SER A 6 -3.99 14.53 1.96
N GLY A 7 -4.78 13.82 1.17
CA GLY A 7 -4.22 12.83 0.25
C GLY A 7 -5.33 12.06 -0.46
N VAL A 8 -4.97 10.87 -0.92
CA VAL A 8 -5.93 10.02 -1.62
C VAL A 8 -6.24 8.80 -0.75
N THR A 9 -7.28 8.08 -1.15
CA THR A 9 -7.70 6.89 -0.43
C THR A 9 -7.26 5.63 -1.19
N LEU A 10 -6.36 4.90 -0.58
CA LEU A 10 -5.85 3.67 -1.18
C LEU A 10 -6.59 2.48 -0.57
N LEU A 11 -7.25 1.72 -1.44
CA LEU A 11 -7.98 0.55 -1.01
C LEU A 11 -7.10 -0.68 -1.15
N VAL A 12 -6.56 -1.11 -0.01
CA VAL A 12 -5.70 -2.28 0.01
C VAL A 12 -6.56 -3.55 -0.07
N LYS A 13 -6.72 -4.04 -1.29
CA LYS A 13 -7.51 -5.24 -1.52
C LYS A 13 -6.59 -6.46 -1.53
N SER A 14 -7.21 -7.63 -1.41
CA SER A 14 -6.45 -8.87 -1.40
C SER A 14 -6.83 -9.71 -2.63
N PRO A 15 -5.83 -9.86 -3.55
CA PRO A 15 -6.05 -10.62 -4.76
C PRO A 15 -6.04 -12.13 -4.47
N ASN A 16 -7.03 -12.55 -3.70
CA ASN A 16 -7.14 -13.95 -3.33
C ASN A 16 -8.60 -14.40 -3.51
N GLN A 17 -9.50 -13.66 -2.89
CA GLN A 17 -10.91 -13.97 -2.98
C GLN A 17 -11.74 -12.87 -2.31
N ARG A 18 -11.43 -12.64 -1.04
CA ARG A 18 -12.14 -11.62 -0.28
C ARG A 18 -11.58 -11.53 1.14
N HIS A 19 -10.28 -11.27 1.21
CA HIS A 19 -9.60 -11.16 2.50
C HIS A 19 -10.25 -10.04 3.32
N ARG A 20 -10.04 -8.82 2.87
CA ARG A 20 -10.59 -7.66 3.56
C ARG A 20 -10.19 -6.37 2.83
N ASP A 21 -10.94 -5.31 3.12
CA ASP A 21 -10.67 -4.03 2.50
C ASP A 21 -10.08 -3.08 3.55
N LEU A 22 -9.03 -2.39 3.16
CA LEU A 22 -8.37 -1.45 4.06
C LEU A 22 -8.15 -0.12 3.32
N GLU A 23 -8.85 0.89 3.79
CA GLU A 23 -8.74 2.22 3.19
C GLU A 23 -7.84 3.11 4.05
N LEU A 24 -6.80 3.61 3.40
CA LEU A 24 -5.84 4.48 4.08
C LEU A 24 -5.43 5.60 3.13
N SER A 25 -4.90 6.67 3.72
CA SER A 25 -4.46 7.81 2.94
C SER A 25 -3.33 7.40 2.00
N GLY A 26 -3.19 8.16 0.93
CA GLY A 26 -2.16 7.89 -0.06
C GLY A 26 -1.65 9.18 -0.69
N ASP A 27 -1.32 10.13 0.17
CA ASP A 27 -0.81 11.41 -0.28
C ASP A 27 0.13 11.19 -1.47
N ARG A 28 -0.17 11.88 -2.56
CA ARG A 28 0.63 11.77 -3.77
C ARG A 28 2.11 11.91 -3.43
N GLY A 29 2.37 12.54 -2.29
CA GLY A 29 3.73 12.76 -1.85
C GLY A 29 4.32 11.47 -1.25
N TRP A 30 3.46 10.69 -0.64
CA TRP A 30 3.87 9.43 -0.02
C TRP A 30 4.75 8.69 -1.03
N SER A 31 5.42 7.66 -0.54
CA SER A 31 6.29 6.86 -1.38
C SER A 31 5.95 5.38 -1.25
N VAL A 32 5.81 4.73 -2.40
CA VAL A 32 5.48 3.32 -2.42
C VAL A 32 6.21 2.60 -1.27
N GLY A 33 7.53 2.63 -1.35
CA GLY A 33 8.35 1.99 -0.34
C GLY A 33 7.92 2.44 1.06
N HIS A 34 7.58 3.71 1.17
CA HIS A 34 7.16 4.27 2.43
C HIS A 34 5.79 3.71 2.81
N LEU A 35 4.83 3.94 1.92
CA LEU A 35 3.47 3.47 2.15
C LEU A 35 3.52 2.08 2.78
N LYS A 36 4.23 1.18 2.13
CA LYS A 36 4.37 -0.17 2.62
C LYS A 36 4.51 -0.15 4.14
N ALA A 37 5.64 0.39 4.59
CA ALA A 37 5.90 0.48 6.01
C ALA A 37 4.63 0.93 6.75
N HIS A 38 4.08 2.04 6.27
CA HIS A 38 2.88 2.59 6.86
C HIS A 38 1.78 1.52 6.86
N LEU A 39 1.57 0.92 5.71
CA LEU A 39 0.56 -0.11 5.57
C LEU A 39 0.78 -1.18 6.64
N SER A 40 1.95 -1.79 6.59
CA SER A 40 2.29 -2.82 7.55
C SER A 40 1.74 -2.47 8.92
N ARG A 41 1.78 -1.18 9.23
CA ARG A 41 1.29 -0.70 10.52
C ARG A 41 -0.20 -1.00 10.65
N VAL A 42 -0.99 -0.28 9.87
CA VAL A 42 -2.43 -0.46 9.90
C VAL A 42 -2.76 -1.95 9.74
N TYR A 43 -1.83 -2.66 9.13
CA TYR A 43 -2.00 -4.09 8.92
C TYR A 43 -1.56 -4.89 10.15
N PRO A 44 -2.51 -5.70 10.68
CA PRO A 44 -2.23 -6.52 11.84
C PRO A 44 -1.37 -7.73 11.47
N GLU A 45 -0.07 -7.59 11.73
CA GLU A 45 0.86 -8.66 11.44
C GLU A 45 2.28 -8.12 11.36
N ARG A 46 2.38 -6.84 11.00
CA ARG A 46 3.67 -6.19 10.88
C ARG A 46 4.50 -6.83 9.76
N PRO A 47 3.92 -6.77 8.53
CA PRO A 47 4.59 -7.34 7.37
C PRO A 47 5.75 -6.44 6.91
N ARG A 48 6.89 -7.08 6.70
CA ARG A 48 8.07 -6.36 6.27
C ARG A 48 7.74 -5.47 5.06
N PRO A 49 8.44 -4.30 5.00
CA PRO A 49 8.23 -3.37 3.91
C PRO A 49 8.89 -3.87 2.62
N GLU A 50 9.84 -4.76 2.79
CA GLU A 50 10.55 -5.33 1.64
C GLU A 50 9.78 -6.53 1.09
N ASP A 51 8.72 -6.89 1.80
CA ASP A 51 7.91 -8.02 1.39
C ASP A 51 6.60 -7.50 0.79
N GLN A 52 6.05 -6.50 1.45
CA GLN A 52 4.79 -5.90 0.99
C GLN A 52 4.87 -5.61 -0.51
N ARG A 53 3.90 -6.16 -1.24
CA ARG A 53 3.84 -5.97 -2.67
C ARG A 53 2.62 -5.12 -3.05
N LEU A 54 2.91 -3.92 -3.53
CA LEU A 54 1.86 -2.99 -3.93
C LEU A 54 1.57 -3.16 -5.41
N ILE A 55 0.30 -3.38 -5.71
CA ILE A 55 -0.12 -3.57 -7.09
C ILE A 55 -1.33 -2.67 -7.37
N TYR A 56 -1.23 -1.92 -8.46
CA TYR A 56 -2.30 -1.01 -8.85
C TYR A 56 -2.76 -1.30 -10.28
N SER A 57 -3.96 -1.84 -10.39
CA SER A 57 -4.52 -2.17 -11.69
C SER A 57 -3.87 -3.44 -12.24
N GLY A 58 -3.04 -4.05 -11.41
CA GLY A 58 -2.35 -5.27 -11.80
C GLY A 58 -0.85 -5.04 -11.91
N LYS A 59 -0.49 -3.81 -12.27
CA LYS A 59 0.91 -3.46 -12.41
C LYS A 59 1.51 -3.17 -11.04
N LEU A 60 2.67 -3.76 -10.80
CA LEU A 60 3.36 -3.57 -9.53
C LEU A 60 3.93 -2.16 -9.46
N LEU A 61 4.02 -1.65 -8.24
CA LEU A 61 4.53 -0.30 -8.03
C LEU A 61 6.01 -0.40 -7.63
N LEU A 62 6.71 0.71 -7.80
CA LEU A 62 8.12 0.77 -7.46
C LEU A 62 8.32 1.69 -6.26
N ASP A 63 9.35 1.39 -5.48
CA ASP A 63 9.66 2.18 -4.30
C ASP A 63 10.14 3.56 -4.73
N HIS A 64 10.95 3.58 -5.78
CA HIS A 64 11.48 4.82 -6.29
C HIS A 64 10.34 5.67 -6.88
N GLN A 65 9.20 5.01 -7.06
CA GLN A 65 8.04 5.69 -7.60
C GLN A 65 7.23 6.35 -6.49
N CYS A 66 6.78 7.57 -6.77
CA CYS A 66 6.00 8.32 -5.80
C CYS A 66 4.52 8.21 -6.19
N LEU A 67 3.67 8.42 -5.20
CA LEU A 67 2.24 8.36 -5.43
C LEU A 67 1.84 9.43 -6.44
N ARG A 68 2.75 10.36 -6.67
CA ARG A 68 2.51 11.45 -7.61
C ARG A 68 2.59 10.92 -9.05
N ASP A 69 3.53 10.02 -9.28
CA ASP A 69 3.71 9.44 -10.59
C ASP A 69 2.69 8.33 -10.80
N LEU A 70 2.24 7.75 -9.69
CA LEU A 70 1.27 6.68 -9.73
C LEU A 70 -0.14 7.29 -9.66
N LEU A 71 -1.11 6.40 -9.52
CA LEU A 71 -2.50 6.83 -9.44
C LEU A 71 -2.87 7.61 -10.69
N PRO A 72 -4.19 7.65 -10.98
CA PRO A 72 -4.69 8.36 -12.15
C PRO A 72 -4.66 9.88 -11.93
N LYS A 73 -4.90 10.61 -13.00
CA LYS A 73 -4.91 12.06 -12.94
C LYS A 73 -6.33 12.55 -12.65
N GLN A 74 -6.81 12.23 -11.46
CA GLN A 74 -8.14 12.62 -11.06
C GLN A 74 -8.40 12.21 -9.60
N GLU A 75 -9.17 13.05 -8.92
CA GLU A 75 -9.51 12.79 -7.54
C GLU A 75 -10.59 11.72 -7.43
N LYS A 76 -10.19 10.56 -6.93
CA LYS A 76 -11.12 9.45 -6.79
C LYS A 76 -10.42 8.32 -6.04
N ARG A 77 -11.18 7.69 -5.14
CA ARG A 77 -10.65 6.59 -4.35
C ARG A 77 -9.86 5.63 -5.24
N HIS A 78 -8.76 5.13 -4.70
CA HIS A 78 -7.91 4.21 -5.42
C HIS A 78 -7.97 2.83 -4.76
N VAL A 79 -7.85 1.80 -5.59
CA VAL A 79 -7.89 0.44 -5.11
C VAL A 79 -6.53 -0.23 -5.37
N LEU A 80 -5.77 -0.38 -4.29
CA LEU A 80 -4.46 -0.99 -4.38
C LEU A 80 -4.54 -2.45 -3.91
N HIS A 81 -3.49 -3.19 -4.21
CA HIS A 81 -3.44 -4.59 -3.83
C HIS A 81 -2.11 -4.88 -3.13
N LEU A 82 -2.16 -4.88 -1.80
CA LEU A 82 -0.98 -5.14 -1.00
C LEU A 82 -0.84 -6.64 -0.76
N VAL A 83 0.01 -7.27 -1.55
CA VAL A 83 0.23 -8.70 -1.43
C VAL A 83 1.29 -8.95 -0.36
N CYS A 84 0.97 -9.87 0.55
CA CYS A 84 1.88 -10.22 1.61
C CYS A 84 2.85 -11.29 1.10
N ASN A 85 4.10 -11.20 1.55
CA ASN A 85 5.11 -12.14 1.14
C ASN A 85 5.18 -13.29 2.16
N VAL A 86 4.05 -13.51 2.81
CA VAL A 86 3.97 -14.57 3.82
C VAL A 86 2.54 -15.11 3.86
N LYS A 87 2.43 -16.42 3.71
CA LYS A 87 1.13 -17.07 3.72
C LYS A 87 0.92 -17.72 5.10
N SER A 88 -0.35 -17.87 5.45
CA SER A 88 -0.71 -18.47 6.72
C SER A 88 -1.93 -19.38 6.54
N GLY A 89 -2.01 -20.36 7.43
CA GLY A 89 -3.12 -21.31 7.38
C GLY A 89 -2.65 -22.67 6.85
N PRO A 90 -3.66 -23.54 6.54
CA PRO A 90 -3.36 -24.86 6.02
C PRO A 90 -2.93 -24.80 4.56
N SER A 91 -1.72 -24.28 4.36
CA SER A 91 -1.17 -24.15 3.02
C SER A 91 -0.18 -25.28 2.75
N SER A 92 -0.11 -25.68 1.49
CA SER A 92 0.79 -26.75 1.09
C SER A 92 2.23 -26.37 1.44
N GLY A 93 3.09 -27.38 1.43
CA GLY A 93 4.49 -27.18 1.75
C GLY A 93 4.66 -26.56 3.14
N GLY A 1 6.10 22.71 6.93
CA GLY A 1 7.06 21.81 6.32
C GLY A 1 6.46 21.09 5.12
N SER A 2 5.97 19.88 5.38
CA SER A 2 5.36 19.08 4.34
C SER A 2 4.10 18.40 4.86
N SER A 3 3.00 19.14 4.79
CA SER A 3 1.72 18.62 5.26
C SER A 3 0.99 17.91 4.11
N GLY A 4 0.09 17.03 4.49
CA GLY A 4 -0.69 16.28 3.51
C GLY A 4 -1.50 17.23 2.63
N SER A 5 -2.57 17.76 3.20
CA SER A 5 -3.44 18.67 2.49
C SER A 5 -4.02 17.98 1.24
N SER A 6 -5.27 17.57 1.37
CA SER A 6 -5.95 16.90 0.29
C SER A 6 -5.19 15.64 -0.12
N GLY A 7 -5.50 14.55 0.58
CA GLY A 7 -4.84 13.29 0.31
C GLY A 7 -5.76 12.35 -0.48
N VAL A 8 -5.23 11.19 -0.81
CA VAL A 8 -5.99 10.21 -1.57
C VAL A 8 -6.37 9.04 -0.64
N THR A 9 -7.16 8.13 -1.20
CA THR A 9 -7.61 6.98 -0.43
C THR A 9 -7.14 5.68 -1.10
N LEU A 10 -6.20 5.01 -0.44
CA LEU A 10 -5.66 3.77 -0.96
C LEU A 10 -6.45 2.59 -0.37
N LEU A 11 -7.08 1.84 -1.26
CA LEU A 11 -7.87 0.70 -0.84
C LEU A 11 -7.07 -0.58 -1.13
N VAL A 12 -6.52 -1.15 -0.08
CA VAL A 12 -5.74 -2.37 -0.20
C VAL A 12 -6.69 -3.55 -0.38
N LYS A 13 -6.91 -3.90 -1.64
CA LYS A 13 -7.79 -5.02 -1.97
C LYS A 13 -6.97 -6.30 -2.03
N SER A 14 -7.65 -7.41 -1.77
CA SER A 14 -7.00 -8.71 -1.80
C SER A 14 -7.24 -9.39 -3.14
N PRO A 15 -6.12 -9.63 -3.86
CA PRO A 15 -6.19 -10.27 -5.17
C PRO A 15 -6.47 -11.77 -5.03
N ASN A 16 -5.88 -12.35 -3.99
CA ASN A 16 -6.05 -13.77 -3.73
C ASN A 16 -6.88 -13.95 -2.46
N GLN A 17 -6.28 -13.55 -1.34
CA GLN A 17 -6.95 -13.67 -0.06
C GLN A 17 -6.01 -13.22 1.07
N ARG A 18 -5.95 -11.91 1.25
CA ARG A 18 -5.10 -11.34 2.28
C ARG A 18 -5.96 -10.83 3.45
N HIS A 19 -6.81 -9.87 3.14
CA HIS A 19 -7.69 -9.29 4.15
C HIS A 19 -8.82 -8.51 3.47
N ARG A 20 -9.70 -7.96 4.29
CA ARG A 20 -10.83 -7.20 3.78
C ARG A 20 -10.35 -5.83 3.29
N ASP A 21 -11.21 -5.20 2.48
CA ASP A 21 -10.89 -3.90 1.94
C ASP A 21 -10.29 -3.02 3.04
N LEU A 22 -9.10 -2.51 2.76
CA LEU A 22 -8.41 -1.65 3.73
C LEU A 22 -8.15 -0.29 3.08
N GLU A 23 -8.77 0.73 3.66
CA GLU A 23 -8.61 2.08 3.15
C GLU A 23 -7.70 2.88 4.08
N LEU A 24 -6.64 3.43 3.49
CA LEU A 24 -5.69 4.23 4.25
C LEU A 24 -5.22 5.40 3.39
N SER A 25 -4.77 6.45 4.08
CA SER A 25 -4.28 7.63 3.40
C SER A 25 -3.26 7.24 2.33
N GLY A 26 -3.10 8.13 1.35
CA GLY A 26 -2.17 7.90 0.26
C GLY A 26 -1.10 8.99 0.20
N ASP A 27 -1.55 10.18 -0.21
CA ASP A 27 -0.65 11.31 -0.31
C ASP A 27 0.32 11.09 -1.48
N ARG A 28 0.09 11.84 -2.55
CA ARG A 28 0.93 11.72 -3.73
C ARG A 28 2.40 11.89 -3.35
N GLY A 29 2.62 12.48 -2.18
CA GLY A 29 3.97 12.70 -1.69
C GLY A 29 4.56 11.41 -1.11
N TRP A 30 3.68 10.60 -0.53
CA TRP A 30 4.09 9.34 0.06
C TRP A 30 5.01 8.62 -0.94
N SER A 31 5.61 7.55 -0.47
CA SER A 31 6.50 6.77 -1.30
C SER A 31 6.19 5.28 -1.18
N VAL A 32 6.16 4.61 -2.33
CA VAL A 32 5.87 3.18 -2.36
C VAL A 32 6.51 2.50 -1.15
N GLY A 33 7.82 2.69 -1.03
CA GLY A 33 8.56 2.11 0.08
C GLY A 33 7.95 2.51 1.42
N HIS A 34 7.81 3.81 1.60
CA HIS A 34 7.25 4.34 2.83
C HIS A 34 5.84 3.76 3.05
N LEU A 35 4.99 4.00 2.06
CA LEU A 35 3.62 3.52 2.12
C LEU A 35 3.61 2.10 2.73
N LYS A 36 4.31 1.20 2.05
CA LYS A 36 4.39 -0.18 2.52
C LYS A 36 4.49 -0.19 4.05
N ALA A 37 5.56 0.42 4.55
CA ALA A 37 5.78 0.48 5.97
C ALA A 37 4.49 0.94 6.67
N HIS A 38 4.01 2.09 6.24
CA HIS A 38 2.79 2.65 6.81
C HIS A 38 1.69 1.60 6.79
N LEU A 39 1.59 0.89 5.66
CA LEU A 39 0.59 -0.14 5.52
C LEU A 39 0.78 -1.20 6.60
N SER A 40 1.98 -1.78 6.61
CA SER A 40 2.31 -2.81 7.58
C SER A 40 1.71 -2.45 8.94
N ARG A 41 1.61 -1.15 9.19
CA ARG A 41 1.05 -0.66 10.45
C ARG A 41 -0.43 -0.98 10.52
N VAL A 42 -1.20 -0.27 9.70
CA VAL A 42 -2.65 -0.47 9.67
C VAL A 42 -2.96 -1.96 9.53
N TYR A 43 -1.99 -2.68 8.97
CA TYR A 43 -2.14 -4.11 8.78
C TYR A 43 -1.78 -4.88 10.05
N PRO A 44 -2.75 -5.73 10.50
CA PRO A 44 -2.55 -6.52 11.70
C PRO A 44 -1.59 -7.69 11.43
N GLU A 45 -0.34 -7.49 11.80
CA GLU A 45 0.68 -8.51 11.62
C GLU A 45 2.07 -7.89 11.64
N ARG A 46 2.12 -6.61 11.32
CA ARG A 46 3.38 -5.89 11.31
C ARG A 46 4.34 -6.54 10.32
N PRO A 47 3.93 -6.54 9.02
CA PRO A 47 4.75 -7.14 7.98
C PRO A 47 5.93 -6.22 7.63
N ARG A 48 6.72 -6.67 6.65
CA ARG A 48 7.87 -5.90 6.22
C ARG A 48 7.50 -5.03 5.01
N PRO A 49 8.23 -3.89 4.89
CA PRO A 49 7.99 -2.97 3.80
C PRO A 49 8.56 -3.51 2.48
N GLU A 50 9.51 -4.43 2.62
CA GLU A 50 10.14 -5.03 1.46
C GLU A 50 9.27 -6.16 0.92
N ASP A 51 8.74 -6.96 1.85
CA ASP A 51 7.89 -8.09 1.47
C ASP A 51 6.60 -7.55 0.85
N GLN A 52 6.05 -6.53 1.49
CA GLN A 52 4.81 -5.92 1.01
C GLN A 52 4.88 -5.71 -0.50
N ARG A 53 3.91 -6.32 -1.19
CA ARG A 53 3.85 -6.20 -2.64
C ARG A 53 2.68 -5.31 -3.05
N LEU A 54 3.02 -4.14 -3.56
CA LEU A 54 2.00 -3.19 -4.01
C LEU A 54 1.70 -3.42 -5.49
N ILE A 55 0.42 -3.56 -5.78
CA ILE A 55 -0.02 -3.78 -7.16
C ILE A 55 -1.21 -2.88 -7.46
N TYR A 56 -1.10 -2.15 -8.56
CA TYR A 56 -2.16 -1.25 -8.96
C TYR A 56 -2.58 -1.52 -10.41
N SER A 57 -3.74 -2.15 -10.56
CA SER A 57 -4.27 -2.48 -11.87
C SER A 57 -3.59 -3.74 -12.41
N GLY A 58 -2.75 -4.32 -11.57
CA GLY A 58 -2.04 -5.53 -11.93
C GLY A 58 -0.53 -5.29 -11.98
N LYS A 59 -0.17 -4.06 -12.30
CA LYS A 59 1.23 -3.69 -12.38
C LYS A 59 1.76 -3.42 -10.97
N LEU A 60 2.89 -4.05 -10.67
CA LEU A 60 3.52 -3.90 -9.37
C LEU A 60 4.15 -2.51 -9.27
N LEU A 61 4.20 -2.00 -8.05
CA LEU A 61 4.76 -0.68 -7.81
C LEU A 61 6.22 -0.84 -7.36
N LEU A 62 7.00 0.21 -7.61
CA LEU A 62 8.40 0.20 -7.24
C LEU A 62 8.64 1.21 -6.12
N ASP A 63 9.80 1.08 -5.49
CA ASP A 63 10.16 1.96 -4.39
C ASP A 63 10.61 3.31 -4.96
N HIS A 64 11.40 3.23 -6.01
CA HIS A 64 11.91 4.43 -6.66
C HIS A 64 10.80 5.08 -7.49
N GLN A 65 9.70 5.36 -6.82
CA GLN A 65 8.56 5.99 -7.48
C GLN A 65 7.82 6.91 -6.51
N CYS A 66 6.83 7.61 -7.05
CA CYS A 66 6.04 8.53 -6.24
C CYS A 66 4.55 8.23 -6.48
N LEU A 67 3.77 8.45 -5.44
CA LEU A 67 2.35 8.20 -5.51
C LEU A 67 1.73 9.12 -6.58
N ARG A 68 2.32 10.31 -6.69
CA ARG A 68 1.84 11.29 -7.66
C ARG A 68 1.72 10.65 -9.04
N ASP A 69 2.85 10.22 -9.57
CA ASP A 69 2.88 9.59 -10.88
C ASP A 69 2.03 8.32 -10.84
N LEU A 70 2.34 7.45 -9.89
CA LEU A 70 1.62 6.20 -9.74
C LEU A 70 0.12 6.45 -9.97
N LEU A 71 -0.47 7.18 -9.04
CA LEU A 71 -1.88 7.51 -9.13
C LEU A 71 -2.10 8.51 -10.26
N PRO A 72 -3.26 8.35 -10.95
CA PRO A 72 -3.60 9.22 -12.06
C PRO A 72 -4.07 10.59 -11.54
N LYS A 73 -4.72 11.33 -12.43
CA LYS A 73 -5.22 12.65 -12.08
C LYS A 73 -6.65 12.81 -12.60
N GLN A 74 -7.49 11.86 -12.22
CA GLN A 74 -8.88 11.89 -12.66
C GLN A 74 -9.66 10.75 -11.99
N GLU A 75 -9.67 10.77 -10.67
CA GLU A 75 -10.37 9.75 -9.91
C GLU A 75 -10.55 10.20 -8.46
N LYS A 76 -11.57 9.64 -7.82
CA LYS A 76 -11.87 9.98 -6.44
C LYS A 76 -10.93 9.19 -5.52
N ARG A 77 -11.32 7.95 -5.25
CA ARG A 77 -10.53 7.09 -4.40
C ARG A 77 -9.67 6.15 -5.23
N HIS A 78 -8.74 5.49 -4.55
CA HIS A 78 -7.84 4.56 -5.22
C HIS A 78 -7.95 3.19 -4.57
N VAL A 79 -7.68 2.16 -5.36
CA VAL A 79 -7.73 0.80 -4.86
C VAL A 79 -6.42 0.08 -5.18
N LEU A 80 -5.63 -0.12 -4.15
CA LEU A 80 -4.34 -0.78 -4.31
C LEU A 80 -4.46 -2.24 -3.86
N HIS A 81 -3.45 -3.01 -4.20
CA HIS A 81 -3.43 -4.42 -3.85
C HIS A 81 -2.11 -4.77 -3.18
N LEU A 82 -2.13 -4.77 -1.85
CA LEU A 82 -0.93 -5.08 -1.07
C LEU A 82 -0.89 -6.58 -0.80
N VAL A 83 0.09 -7.23 -1.41
CA VAL A 83 0.26 -8.66 -1.24
C VAL A 83 1.48 -8.92 -0.37
N CYS A 84 1.34 -9.90 0.52
CA CYS A 84 2.42 -10.25 1.42
C CYS A 84 3.27 -11.33 0.74
N ASN A 85 4.57 -11.25 0.98
CA ASN A 85 5.51 -12.20 0.41
C ASN A 85 5.70 -13.37 1.37
N VAL A 86 4.78 -13.47 2.32
CA VAL A 86 4.85 -14.54 3.31
C VAL A 86 6.13 -14.40 4.12
N LYS A 87 5.99 -14.64 5.42
CA LYS A 87 7.14 -14.54 6.31
C LYS A 87 7.06 -15.66 7.34
N SER A 88 8.22 -15.98 7.92
CA SER A 88 8.30 -17.04 8.91
C SER A 88 9.16 -16.57 10.10
N GLY A 89 8.50 -15.91 11.04
CA GLY A 89 9.18 -15.41 12.21
C GLY A 89 8.25 -15.39 13.43
N PRO A 90 8.69 -14.67 14.50
CA PRO A 90 7.90 -14.57 15.71
C PRO A 90 6.73 -13.62 15.52
N SER A 91 5.88 -13.96 14.56
CA SER A 91 4.71 -13.15 14.26
C SER A 91 3.44 -13.99 14.41
N SER A 92 2.79 -13.83 15.56
CA SER A 92 1.57 -14.56 15.85
C SER A 92 0.86 -13.94 17.05
N GLY A 93 1.58 -13.89 18.16
CA GLY A 93 1.02 -13.33 19.38
C GLY A 93 -0.21 -14.10 19.83
N GLY A 1 1.68 14.33 12.65
CA GLY A 1 1.45 15.73 12.34
C GLY A 1 1.15 15.92 10.85
N SER A 2 0.31 16.91 10.58
CA SER A 2 -0.08 17.20 9.21
C SER A 2 -0.82 18.54 9.15
N SER A 3 -0.62 19.24 8.04
CA SER A 3 -1.27 20.53 7.86
C SER A 3 -1.88 20.60 6.45
N GLY A 4 -3.18 20.85 6.41
CA GLY A 4 -3.89 20.94 5.15
C GLY A 4 -3.67 19.69 4.29
N SER A 5 -3.84 19.87 2.99
CA SER A 5 -3.65 18.77 2.05
C SER A 5 -4.52 17.58 2.47
N SER A 6 -5.70 17.51 1.86
CA SER A 6 -6.63 16.43 2.15
C SER A 6 -5.92 15.07 2.02
N GLY A 7 -5.44 14.81 0.81
CA GLY A 7 -4.74 13.56 0.55
C GLY A 7 -5.60 12.63 -0.32
N VAL A 8 -4.98 11.55 -0.75
CA VAL A 8 -5.67 10.57 -1.59
C VAL A 8 -6.03 9.34 -0.74
N THR A 9 -6.95 8.56 -1.26
CA THR A 9 -7.38 7.36 -0.56
C THR A 9 -6.97 6.11 -1.35
N LEU A 10 -6.21 5.25 -0.68
CA LEU A 10 -5.74 4.03 -1.30
C LEU A 10 -6.50 2.83 -0.70
N LEU A 11 -7.12 2.08 -1.58
CA LEU A 11 -7.89 0.92 -1.15
C LEU A 11 -7.02 -0.33 -1.30
N VAL A 12 -6.44 -0.75 -0.18
CA VAL A 12 -5.59 -1.93 -0.16
C VAL A 12 -6.47 -3.19 -0.18
N LYS A 13 -6.46 -3.85 -1.33
CA LYS A 13 -7.25 -5.06 -1.51
C LYS A 13 -6.30 -6.27 -1.51
N SER A 14 -6.90 -7.44 -1.35
CA SER A 14 -6.14 -8.67 -1.32
C SER A 14 -6.71 -9.65 -2.35
N PRO A 15 -5.80 -10.20 -3.20
CA PRO A 15 -6.20 -11.14 -4.23
C PRO A 15 -6.48 -12.52 -3.62
N ASN A 16 -7.73 -12.68 -3.19
CA ASN A 16 -8.15 -13.93 -2.59
C ASN A 16 -9.61 -13.82 -2.16
N GLN A 17 -9.94 -12.67 -1.59
CA GLN A 17 -11.30 -12.42 -1.12
C GLN A 17 -11.54 -13.13 0.21
N ARG A 18 -10.97 -12.58 1.25
CA ARG A 18 -11.11 -13.14 2.58
C ARG A 18 -11.11 -12.03 3.63
N HIS A 19 -10.07 -11.21 3.59
CA HIS A 19 -9.95 -10.11 4.53
C HIS A 19 -10.50 -8.83 3.91
N ARG A 20 -11.39 -8.18 4.64
CA ARG A 20 -12.00 -6.95 4.16
C ARG A 20 -10.93 -6.01 3.60
N ASP A 21 -11.37 -5.09 2.77
CA ASP A 21 -10.47 -4.13 2.15
C ASP A 21 -9.94 -3.18 3.22
N LEU A 22 -8.81 -2.55 2.92
CA LEU A 22 -8.19 -1.61 3.84
C LEU A 22 -7.91 -0.30 3.11
N GLU A 23 -8.58 0.75 3.57
CA GLU A 23 -8.42 2.06 2.97
C GLU A 23 -7.58 2.96 3.90
N LEU A 24 -6.56 3.57 3.31
CA LEU A 24 -5.69 4.45 4.06
C LEU A 24 -5.28 5.63 3.18
N SER A 25 -4.62 6.60 3.81
CA SER A 25 -4.18 7.78 3.10
C SER A 25 -3.05 7.43 2.14
N GLY A 26 -2.85 8.30 1.16
CA GLY A 26 -1.80 8.08 0.16
C GLY A 26 -1.25 9.42 -0.33
N ASP A 27 -0.87 10.26 0.63
CA ASP A 27 -0.32 11.57 0.29
C ASP A 27 0.63 11.43 -0.89
N ARG A 28 0.42 12.28 -1.88
CA ARG A 28 1.25 12.26 -3.07
C ARG A 28 2.73 12.31 -2.69
N GLY A 29 2.98 12.77 -1.48
CA GLY A 29 4.34 12.86 -0.98
C GLY A 29 4.85 11.50 -0.50
N TRP A 30 3.93 10.70 0.00
CA TRP A 30 4.26 9.37 0.49
C TRP A 30 5.14 8.70 -0.57
N SER A 31 5.70 7.56 -0.19
CA SER A 31 6.55 6.79 -1.09
C SER A 31 6.16 5.32 -1.06
N VAL A 32 6.01 4.77 -2.26
CA VAL A 32 5.64 3.37 -2.40
C VAL A 32 6.37 2.54 -1.32
N GLY A 33 7.66 2.83 -1.18
CA GLY A 33 8.47 2.13 -0.21
C GLY A 33 8.01 2.42 1.22
N HIS A 34 7.73 3.69 1.45
CA HIS A 34 7.27 4.12 2.76
C HIS A 34 5.86 3.58 3.02
N LEU A 35 4.96 3.88 2.09
CA LEU A 35 3.59 3.43 2.21
C LEU A 35 3.56 2.00 2.75
N LYS A 36 4.28 1.12 2.06
CA LYS A 36 4.36 -0.27 2.45
C LYS A 36 4.43 -0.36 3.98
N ALA A 37 5.49 0.23 4.53
CA ALA A 37 5.68 0.22 5.97
C ALA A 37 4.39 0.67 6.66
N HIS A 38 4.01 1.91 6.36
CA HIS A 38 2.80 2.46 6.94
C HIS A 38 1.69 1.41 6.93
N LEU A 39 1.59 0.71 5.81
CA LEU A 39 0.58 -0.32 5.66
C LEU A 39 0.79 -1.39 6.74
N SER A 40 1.96 -2.00 6.70
CA SER A 40 2.30 -3.04 7.65
C SER A 40 1.76 -2.67 9.05
N ARG A 41 1.69 -1.38 9.28
CA ARG A 41 1.21 -0.88 10.56
C ARG A 41 -0.29 -1.15 10.69
N VAL A 42 -1.06 -0.50 9.84
CA VAL A 42 -2.50 -0.67 9.85
C VAL A 42 -2.85 -2.14 9.64
N TYR A 43 -1.89 -2.86 9.08
CA TYR A 43 -2.07 -4.28 8.80
C TYR A 43 -1.78 -5.11 10.05
N PRO A 44 -2.79 -5.92 10.46
CA PRO A 44 -2.65 -6.78 11.63
C PRO A 44 -1.77 -7.98 11.32
N GLU A 45 -0.50 -7.86 11.68
CA GLU A 45 0.46 -8.93 11.46
C GLU A 45 1.89 -8.39 11.53
N ARG A 46 2.05 -7.16 11.07
CA ARG A 46 3.35 -6.52 11.07
C ARG A 46 4.26 -7.17 10.04
N PRO A 47 3.86 -7.03 8.75
CA PRO A 47 4.63 -7.60 7.66
C PRO A 47 5.89 -6.78 7.39
N ARG A 48 6.54 -7.10 6.28
CA ARG A 48 7.76 -6.39 5.90
C ARG A 48 7.48 -5.48 4.71
N PRO A 49 8.17 -4.30 4.71
CA PRO A 49 8.02 -3.34 3.63
C PRO A 49 8.74 -3.80 2.37
N GLU A 50 9.71 -4.68 2.58
CA GLU A 50 10.49 -5.20 1.46
C GLU A 50 9.77 -6.39 0.83
N ASP A 51 8.69 -6.80 1.47
CA ASP A 51 7.91 -7.93 0.98
C ASP A 51 6.53 -7.43 0.54
N GLN A 52 5.98 -6.53 1.34
CA GLN A 52 4.66 -5.98 1.04
C GLN A 52 4.57 -5.62 -0.45
N ARG A 53 4.01 -6.56 -1.20
CA ARG A 53 3.85 -6.37 -2.63
C ARG A 53 2.74 -5.35 -2.91
N LEU A 54 3.15 -4.18 -3.36
CA LEU A 54 2.20 -3.12 -3.67
C LEU A 54 1.82 -3.20 -5.15
N ILE A 55 0.54 -3.49 -5.38
CA ILE A 55 0.03 -3.60 -6.74
C ILE A 55 -1.06 -2.57 -6.95
N TYR A 56 -0.84 -1.70 -7.93
CA TYR A 56 -1.79 -0.65 -8.25
C TYR A 56 -2.70 -1.08 -9.40
N SER A 57 -2.23 -0.81 -10.61
CA SER A 57 -2.99 -1.15 -11.80
C SER A 57 -2.55 -2.52 -12.33
N GLY A 58 -2.59 -3.50 -11.44
CA GLY A 58 -2.20 -4.86 -11.80
C GLY A 58 -0.68 -4.96 -11.94
N LYS A 59 -0.02 -3.83 -11.78
CA LYS A 59 1.43 -3.78 -11.89
C LYS A 59 2.02 -3.40 -10.53
N LEU A 60 2.95 -4.21 -10.06
CA LEU A 60 3.61 -3.97 -8.79
C LEU A 60 4.33 -2.63 -8.85
N LEU A 61 4.35 -1.95 -7.71
CA LEU A 61 5.00 -0.65 -7.62
C LEU A 61 6.49 -0.86 -7.30
N LEU A 62 7.26 0.19 -7.53
CA LEU A 62 8.69 0.14 -7.28
C LEU A 62 8.95 0.41 -5.79
N ASP A 63 9.14 1.68 -5.48
CA ASP A 63 9.39 2.09 -4.10
C ASP A 63 9.70 3.59 -4.07
N HIS A 64 10.54 4.01 -5.02
CA HIS A 64 10.92 5.41 -5.10
C HIS A 64 9.81 6.19 -5.79
N GLN A 65 9.01 5.49 -6.57
CA GLN A 65 7.91 6.12 -7.29
C GLN A 65 7.05 6.94 -6.33
N CYS A 66 6.41 7.96 -6.88
CA CYS A 66 5.56 8.83 -6.09
C CYS A 66 4.10 8.51 -6.43
N LEU A 67 3.24 8.69 -5.44
CA LEU A 67 1.82 8.42 -5.63
C LEU A 67 1.23 9.47 -6.57
N ARG A 68 2.03 10.48 -6.86
CA ARG A 68 1.60 11.55 -7.74
C ARG A 68 1.60 11.07 -9.19
N ASP A 69 2.58 10.22 -9.50
CA ASP A 69 2.71 9.69 -10.84
C ASP A 69 1.91 8.38 -10.94
N LEU A 70 2.15 7.51 -9.98
CA LEU A 70 1.47 6.23 -9.94
C LEU A 70 -0.03 6.45 -10.15
N LEU A 71 -0.66 7.07 -9.15
CA LEU A 71 -2.07 7.34 -9.22
C LEU A 71 -2.35 8.31 -10.37
N PRO A 72 -3.61 8.23 -10.89
CA PRO A 72 -4.02 9.08 -12.00
C PRO A 72 -4.26 10.51 -11.52
N LYS A 73 -4.54 11.38 -12.48
CA LYS A 73 -4.80 12.78 -12.18
C LYS A 73 -6.30 13.06 -12.36
N GLN A 74 -6.96 13.33 -11.24
CA GLN A 74 -8.38 13.62 -11.26
C GLN A 74 -9.17 12.39 -11.71
N GLU A 75 -9.44 11.51 -10.75
CA GLU A 75 -10.18 10.30 -11.03
C GLU A 75 -10.75 9.72 -9.73
N LYS A 76 -11.51 8.65 -9.89
CA LYS A 76 -12.13 7.99 -8.74
C LYS A 76 -11.04 7.66 -7.71
N ARG A 77 -11.50 7.14 -6.58
CA ARG A 77 -10.58 6.78 -5.51
C ARG A 77 -9.46 5.87 -6.04
N HIS A 78 -8.59 5.46 -5.13
CA HIS A 78 -7.48 4.61 -5.49
C HIS A 78 -7.66 3.23 -4.85
N VAL A 79 -7.40 2.20 -5.64
CA VAL A 79 -7.53 0.83 -5.16
C VAL A 79 -6.21 0.09 -5.40
N LEU A 80 -5.49 -0.15 -4.32
CA LEU A 80 -4.21 -0.84 -4.40
C LEU A 80 -4.39 -2.27 -3.86
N HIS A 81 -3.44 -3.12 -4.23
CA HIS A 81 -3.48 -4.50 -3.79
C HIS A 81 -2.17 -4.85 -3.09
N LEU A 82 -2.24 -4.88 -1.76
CA LEU A 82 -1.06 -5.19 -0.96
C LEU A 82 -1.08 -6.68 -0.62
N VAL A 83 -0.16 -7.40 -1.23
CA VAL A 83 -0.05 -8.84 -1.00
C VAL A 83 1.02 -9.10 0.07
N CYS A 84 0.75 -10.10 0.90
CA CYS A 84 1.68 -10.46 1.95
C CYS A 84 2.57 -11.59 1.44
N ASN A 85 3.87 -11.45 1.71
CA ASN A 85 4.84 -12.44 1.29
C ASN A 85 5.89 -12.63 2.38
N VAL A 86 6.01 -13.87 2.83
CA VAL A 86 6.97 -14.19 3.88
C VAL A 86 7.35 -15.67 3.77
N LYS A 87 8.65 -15.92 3.87
CA LYS A 87 9.16 -17.28 3.78
C LYS A 87 9.70 -17.70 5.15
N SER A 88 10.43 -18.82 5.14
CA SER A 88 11.00 -19.33 6.37
C SER A 88 12.52 -19.46 6.22
N GLY A 89 13.21 -18.40 6.58
CA GLY A 89 14.66 -18.38 6.48
C GLY A 89 15.26 -19.65 7.08
N PRO A 90 16.51 -19.97 6.63
CA PRO A 90 17.21 -21.14 7.12
C PRO A 90 17.74 -20.93 8.54
N SER A 91 16.94 -21.34 9.51
CA SER A 91 17.32 -21.20 10.90
C SER A 91 17.67 -19.74 11.20
N SER A 92 16.65 -18.96 11.49
CA SER A 92 16.84 -17.54 11.80
C SER A 92 17.57 -16.86 10.65
N GLY A 93 16.81 -16.11 9.86
CA GLY A 93 17.37 -15.40 8.72
C GLY A 93 16.60 -14.11 8.45
N GLY A 1 -1.26 17.14 17.45
CA GLY A 1 -2.03 16.79 16.27
C GLY A 1 -2.02 15.27 16.04
N SER A 2 -3.10 14.79 15.44
CA SER A 2 -3.22 13.37 15.15
C SER A 2 -4.00 13.16 13.86
N SER A 3 -5.23 13.67 13.86
CA SER A 3 -6.09 13.55 12.70
C SER A 3 -5.65 14.52 11.61
N GLY A 4 -4.96 13.98 10.62
CA GLY A 4 -4.47 14.79 9.51
C GLY A 4 -5.02 14.29 8.18
N SER A 5 -6.02 15.01 7.68
CA SER A 5 -6.64 14.64 6.42
C SER A 5 -5.90 15.32 5.26
N SER A 6 -5.18 14.51 4.50
CA SER A 6 -4.43 15.03 3.37
C SER A 6 -3.83 13.87 2.58
N GLY A 7 -4.22 13.78 1.32
CA GLY A 7 -3.73 12.73 0.44
C GLY A 7 -4.88 12.07 -0.31
N VAL A 8 -4.60 10.88 -0.85
CA VAL A 8 -5.59 10.14 -1.60
C VAL A 8 -6.02 8.91 -0.79
N THR A 9 -7.02 8.21 -1.32
CA THR A 9 -7.51 7.02 -0.66
C THR A 9 -7.15 5.76 -1.46
N LEU A 10 -6.33 4.93 -0.83
CA LEU A 10 -5.88 3.71 -1.47
C LEU A 10 -6.59 2.52 -0.81
N LEU A 11 -7.33 1.78 -1.62
CA LEU A 11 -8.06 0.62 -1.14
C LEU A 11 -7.18 -0.62 -1.27
N VAL A 12 -6.57 -1.00 -0.16
CA VAL A 12 -5.70 -2.16 -0.12
C VAL A 12 -6.56 -3.43 -0.20
N LYS A 13 -6.69 -3.95 -1.42
CA LYS A 13 -7.46 -5.15 -1.64
C LYS A 13 -6.54 -6.37 -1.59
N SER A 14 -7.14 -7.52 -1.31
CA SER A 14 -6.39 -8.76 -1.24
C SER A 14 -6.83 -9.71 -2.35
N PRO A 15 -5.95 -9.82 -3.39
CA PRO A 15 -6.25 -10.69 -4.51
C PRO A 15 -6.03 -12.16 -4.14
N ASN A 16 -6.97 -12.68 -3.35
CA ASN A 16 -6.90 -14.06 -2.91
C ASN A 16 -7.71 -14.23 -1.63
N GLN A 17 -7.37 -13.43 -0.64
CA GLN A 17 -8.07 -13.47 0.63
C GLN A 17 -9.54 -13.09 0.46
N ARG A 18 -9.74 -12.01 -0.28
CA ARG A 18 -11.09 -11.52 -0.53
C ARG A 18 -11.96 -11.67 0.72
N HIS A 19 -11.71 -10.81 1.69
CA HIS A 19 -12.45 -10.85 2.94
C HIS A 19 -12.82 -9.42 3.35
N ARG A 20 -11.79 -8.62 3.60
CA ARG A 20 -11.98 -7.24 4.00
C ARG A 20 -10.97 -6.33 3.30
N ASP A 21 -11.42 -5.12 3.00
CA ASP A 21 -10.56 -4.15 2.34
C ASP A 21 -9.99 -3.18 3.38
N LEU A 22 -8.84 -2.62 3.05
CA LEU A 22 -8.18 -1.68 3.95
C LEU A 22 -7.93 -0.37 3.20
N GLU A 23 -8.60 0.68 3.66
CA GLU A 23 -8.45 1.99 3.05
C GLU A 23 -7.58 2.89 3.93
N LEU A 24 -6.56 3.46 3.31
CA LEU A 24 -5.65 4.34 4.01
C LEU A 24 -5.24 5.49 3.09
N SER A 25 -4.73 6.55 3.70
CA SER A 25 -4.30 7.71 2.96
C SER A 25 -3.15 7.35 2.02
N GLY A 26 -3.09 8.04 0.89
CA GLY A 26 -2.05 7.79 -0.09
C GLY A 26 -1.51 9.11 -0.65
N ASP A 27 -1.12 9.99 0.27
CA ASP A 27 -0.58 11.29 -0.12
C ASP A 27 0.32 11.10 -1.34
N ARG A 28 0.10 11.94 -2.34
CA ARG A 28 0.88 11.89 -3.56
C ARG A 28 2.37 12.05 -3.23
N GLY A 29 2.63 12.54 -2.03
CA GLY A 29 4.00 12.76 -1.58
C GLY A 29 4.59 11.46 -1.01
N TRP A 30 3.72 10.66 -0.43
CA TRP A 30 4.13 9.40 0.16
C TRP A 30 5.02 8.67 -0.84
N SER A 31 5.67 7.61 -0.37
CA SER A 31 6.54 6.83 -1.22
C SER A 31 6.13 5.36 -1.18
N VAL A 32 6.02 4.78 -2.36
CA VAL A 32 5.63 3.38 -2.49
C VAL A 32 6.29 2.58 -1.36
N GLY A 33 7.61 2.72 -1.27
CA GLY A 33 8.37 2.01 -0.25
C GLY A 33 7.91 2.42 1.15
N HIS A 34 7.67 3.71 1.30
CA HIS A 34 7.23 4.24 2.59
C HIS A 34 5.83 3.71 2.92
N LEU A 35 4.91 3.93 1.98
CA LEU A 35 3.55 3.48 2.15
C LEU A 35 3.55 2.10 2.81
N LYS A 36 4.19 1.16 2.12
CA LYS A 36 4.28 -0.21 2.62
C LYS A 36 4.50 -0.18 4.13
N ALA A 37 5.60 0.43 4.53
CA ALA A 37 5.94 0.53 5.94
C ALA A 37 4.72 1.00 6.71
N HIS A 38 4.10 2.05 6.20
CA HIS A 38 2.91 2.61 6.83
C HIS A 38 1.80 1.56 6.86
N LEU A 39 1.73 0.80 5.78
CA LEU A 39 0.72 -0.24 5.66
C LEU A 39 0.92 -1.27 6.77
N SER A 40 2.09 -1.90 6.76
CA SER A 40 2.41 -2.89 7.76
C SER A 40 1.87 -2.46 9.13
N ARG A 41 1.81 -1.16 9.31
CA ARG A 41 1.32 -0.60 10.57
C ARG A 41 -0.18 -0.84 10.70
N VAL A 42 -0.93 -0.14 9.86
CA VAL A 42 -2.38 -0.27 9.87
C VAL A 42 -2.77 -1.75 9.77
N TYR A 43 -1.84 -2.53 9.26
CA TYR A 43 -2.06 -3.96 9.10
C TYR A 43 -1.73 -4.71 10.41
N PRO A 44 -2.74 -5.49 10.89
CA PRO A 44 -2.59 -6.26 12.11
C PRO A 44 -1.70 -7.48 11.87
N GLU A 45 -0.42 -7.32 12.23
CA GLU A 45 0.53 -8.40 12.07
C GLU A 45 1.96 -7.85 12.04
N ARG A 46 2.07 -6.59 11.64
CA ARG A 46 3.37 -5.94 11.58
C ARG A 46 4.26 -6.64 10.56
N PRO A 47 3.80 -6.68 9.29
CA PRO A 47 4.55 -7.33 8.23
C PRO A 47 5.74 -6.46 7.80
N ARG A 48 6.48 -6.96 6.82
CA ARG A 48 7.64 -6.25 6.32
C ARG A 48 7.31 -5.61 4.97
N PRO A 49 7.86 -4.37 4.78
CA PRO A 49 7.63 -3.63 3.54
C PRO A 49 8.47 -4.22 2.40
N GLU A 50 9.57 -4.85 2.78
CA GLU A 50 10.47 -5.46 1.81
C GLU A 50 9.78 -6.63 1.13
N ASP A 51 8.66 -7.03 1.69
CA ASP A 51 7.89 -8.15 1.14
C ASP A 51 6.56 -7.64 0.60
N GLN A 52 6.02 -6.65 1.29
CA GLN A 52 4.75 -6.06 0.89
C GLN A 52 4.75 -5.79 -0.62
N ARG A 53 3.80 -6.43 -1.29
CA ARG A 53 3.68 -6.27 -2.74
C ARG A 53 2.52 -5.32 -3.06
N LEU A 54 2.89 -4.12 -3.50
CA LEU A 54 1.90 -3.13 -3.85
C LEU A 54 1.58 -3.22 -5.35
N ILE A 55 0.35 -3.63 -5.63
CA ILE A 55 -0.08 -3.77 -7.01
C ILE A 55 -1.31 -2.89 -7.25
N TYR A 56 -1.10 -1.84 -8.03
CA TYR A 56 -2.18 -0.92 -8.35
C TYR A 56 -3.06 -1.46 -9.47
N SER A 57 -2.58 -2.53 -10.09
CA SER A 57 -3.31 -3.15 -11.18
C SER A 57 -2.36 -3.98 -12.04
N GLY A 58 -2.22 -5.24 -11.68
CA GLY A 58 -1.35 -6.15 -12.41
C GLY A 58 -0.02 -5.47 -12.73
N LYS A 59 0.32 -4.47 -11.93
CA LYS A 59 1.56 -3.75 -12.12
C LYS A 59 2.06 -3.23 -10.77
N LEU A 60 3.10 -3.88 -10.27
CA LEU A 60 3.68 -3.50 -9.00
C LEU A 60 4.27 -2.10 -9.10
N LEU A 61 4.28 -1.40 -7.97
CA LEU A 61 4.81 -0.04 -7.94
C LEU A 61 6.30 -0.10 -7.57
N LEU A 62 6.97 1.02 -7.77
CA LEU A 62 8.38 1.11 -7.47
C LEU A 62 8.58 2.02 -6.25
N ASP A 63 9.51 1.62 -5.40
CA ASP A 63 9.81 2.38 -4.19
C ASP A 63 10.33 3.77 -4.58
N HIS A 64 11.01 3.80 -5.72
CA HIS A 64 11.56 5.05 -6.21
C HIS A 64 10.43 5.92 -6.80
N GLN A 65 9.30 5.28 -7.02
CA GLN A 65 8.14 5.97 -7.57
C GLN A 65 7.31 6.59 -6.45
N CYS A 66 6.77 7.76 -6.73
CA CYS A 66 5.96 8.46 -5.76
C CYS A 66 4.47 8.29 -6.16
N LEU A 67 3.62 8.34 -5.14
CA LEU A 67 2.20 8.19 -5.37
C LEU A 67 1.74 9.16 -6.45
N ARG A 68 2.34 10.35 -6.42
CA ARG A 68 2.01 11.38 -7.39
C ARG A 68 1.97 10.78 -8.80
N ASP A 69 3.15 10.47 -9.30
CA ASP A 69 3.27 9.89 -10.64
C ASP A 69 2.33 8.69 -10.75
N LEU A 70 2.30 7.90 -9.69
CA LEU A 70 1.46 6.72 -9.66
C LEU A 70 -0.01 7.14 -9.72
N LEU A 71 -0.88 6.14 -9.81
CA LEU A 71 -2.31 6.40 -9.88
C LEU A 71 -2.60 7.34 -11.04
N PRO A 72 -3.89 7.41 -11.42
CA PRO A 72 -4.32 8.27 -12.52
C PRO A 72 -4.34 9.74 -12.09
N LYS A 73 -4.30 10.61 -13.08
CA LYS A 73 -4.31 12.04 -12.82
C LYS A 73 -5.75 12.51 -12.61
N GLN A 74 -6.03 12.90 -11.37
CA GLN A 74 -7.36 13.38 -11.02
C GLN A 74 -8.40 12.32 -11.39
N GLU A 75 -8.80 11.54 -10.40
CA GLU A 75 -9.79 10.50 -10.61
C GLU A 75 -10.42 10.08 -9.28
N LYS A 76 -11.43 9.24 -9.37
CA LYS A 76 -12.13 8.76 -8.19
C LYS A 76 -11.11 8.13 -7.23
N ARG A 77 -11.64 7.50 -6.20
CA ARG A 77 -10.79 6.85 -5.21
C ARG A 77 -9.76 5.96 -5.89
N HIS A 78 -8.93 5.34 -5.07
CA HIS A 78 -7.89 4.46 -5.58
C HIS A 78 -8.05 3.06 -4.95
N VAL A 79 -7.62 2.06 -5.70
CA VAL A 79 -7.70 0.69 -5.24
C VAL A 79 -6.35 -0.01 -5.47
N LEU A 80 -5.67 -0.29 -4.38
CA LEU A 80 -4.38 -0.94 -4.45
C LEU A 80 -4.51 -2.38 -3.94
N HIS A 81 -3.47 -3.17 -4.19
CA HIS A 81 -3.46 -4.56 -3.76
C HIS A 81 -2.14 -4.87 -3.05
N LEU A 82 -2.23 -4.96 -1.72
CA LEU A 82 -1.06 -5.24 -0.92
C LEU A 82 -1.02 -6.74 -0.60
N VAL A 83 -0.17 -7.44 -1.35
CA VAL A 83 -0.03 -8.88 -1.16
C VAL A 83 0.98 -9.15 -0.04
N CYS A 84 0.53 -9.93 0.94
CA CYS A 84 1.38 -10.27 2.07
C CYS A 84 2.32 -11.41 1.65
N ASN A 85 3.55 -11.31 2.11
CA ASN A 85 4.55 -12.33 1.79
C ASN A 85 5.62 -12.35 2.87
N VAL A 86 5.98 -13.55 3.28
CA VAL A 86 6.99 -13.73 4.32
C VAL A 86 8.06 -14.70 3.82
N LYS A 87 8.79 -15.27 4.77
CA LYS A 87 9.84 -16.22 4.45
C LYS A 87 10.93 -15.51 3.63
N SER A 88 12.16 -15.86 3.91
CA SER A 88 13.29 -15.27 3.21
C SER A 88 14.07 -16.36 2.46
N GLY A 89 14.22 -17.49 3.13
CA GLY A 89 14.93 -18.61 2.53
C GLY A 89 15.22 -19.69 3.58
N PRO A 90 16.02 -20.71 3.15
CA PRO A 90 16.38 -21.80 4.03
C PRO A 90 17.43 -21.36 5.06
N SER A 91 17.01 -20.47 5.94
CA SER A 91 17.89 -19.95 6.96
C SER A 91 17.08 -19.49 8.18
N SER A 92 16.20 -18.53 7.94
CA SER A 92 15.37 -18.00 8.99
C SER A 92 14.51 -19.11 9.59
N GLY A 93 14.21 -18.96 10.87
CA GLY A 93 13.39 -19.94 11.57
C GLY A 93 13.39 -19.68 13.08
N GLY A 1 5.36 14.33 9.72
CA GLY A 1 4.67 15.07 8.68
C GLY A 1 3.56 14.24 8.05
N SER A 2 2.45 14.90 7.75
CA SER A 2 1.31 14.23 7.16
C SER A 2 0.81 13.13 8.08
N SER A 3 -0.40 12.65 7.79
CA SER A 3 -1.00 11.60 8.58
C SER A 3 -2.26 11.08 7.90
N GLY A 4 -3.21 12.00 7.71
CA GLY A 4 -4.46 11.66 7.06
C GLY A 4 -5.49 12.79 7.21
N SER A 5 -5.63 13.56 6.15
CA SER A 5 -6.56 14.67 6.14
C SER A 5 -7.11 14.91 4.73
N SER A 6 -6.19 15.26 3.84
CA SER A 6 -6.56 15.51 2.45
C SER A 6 -5.50 14.92 1.52
N GLY A 7 -5.68 13.64 1.21
CA GLY A 7 -4.76 12.94 0.33
C GLY A 7 -5.52 12.04 -0.65
N VAL A 8 -5.02 10.82 -0.75
CA VAL A 8 -5.64 9.84 -1.65
C VAL A 8 -5.92 8.55 -0.87
N THR A 9 -7.19 8.19 -0.82
CA THR A 9 -7.60 6.99 -0.11
C THR A 9 -7.29 5.74 -0.94
N LEU A 10 -6.32 4.98 -0.47
CA LEU A 10 -5.91 3.77 -1.15
C LEU A 10 -6.71 2.58 -0.61
N LEU A 11 -7.25 1.80 -1.52
CA LEU A 11 -8.04 0.64 -1.14
C LEU A 11 -7.17 -0.61 -1.26
N VAL A 12 -6.69 -1.08 -0.12
CA VAL A 12 -5.85 -2.26 -0.09
C VAL A 12 -6.72 -3.50 -0.29
N LYS A 13 -6.80 -3.93 -1.54
CA LYS A 13 -7.59 -5.10 -1.88
C LYS A 13 -6.68 -6.33 -1.94
N SER A 14 -7.32 -7.50 -1.92
CA SER A 14 -6.58 -8.75 -1.97
C SER A 14 -6.90 -9.49 -3.27
N PRO A 15 -5.89 -9.54 -4.18
CA PRO A 15 -6.05 -10.22 -5.45
C PRO A 15 -5.99 -11.73 -5.27
N ASN A 16 -7.06 -12.26 -4.69
CA ASN A 16 -7.15 -13.69 -4.45
C ASN A 16 -8.61 -14.14 -4.59
N GLN A 17 -9.48 -13.39 -3.94
CA GLN A 17 -10.90 -13.70 -3.99
C GLN A 17 -11.70 -12.67 -3.16
N ARG A 18 -11.35 -11.41 -3.37
CA ARG A 18 -12.02 -10.33 -2.67
C ARG A 18 -12.31 -10.73 -1.23
N HIS A 19 -11.32 -10.50 -0.37
CA HIS A 19 -11.45 -10.85 1.03
C HIS A 19 -11.06 -9.63 1.90
N ARG A 20 -12.08 -8.98 2.44
CA ARG A 20 -11.86 -7.82 3.28
C ARG A 20 -11.11 -6.74 2.49
N ASP A 21 -11.04 -5.56 3.10
CA ASP A 21 -10.35 -4.44 2.47
C ASP A 21 -9.82 -3.50 3.56
N LEU A 22 -8.82 -2.71 3.17
CA LEU A 22 -8.21 -1.78 4.09
C LEU A 22 -7.96 -0.45 3.37
N GLU A 23 -8.69 0.57 3.79
CA GLU A 23 -8.55 1.88 3.21
C GLU A 23 -7.68 2.78 4.08
N LEU A 24 -6.53 3.13 3.54
CA LEU A 24 -5.59 3.97 4.26
C LEU A 24 -5.13 5.12 3.35
N SER A 25 -4.82 6.24 3.99
CA SER A 25 -4.38 7.41 3.25
C SER A 25 -3.29 7.02 2.26
N GLY A 26 -3.01 7.95 1.34
CA GLY A 26 -1.99 7.72 0.33
C GLY A 26 -0.94 8.83 0.35
N ASP A 27 -1.39 10.03 0.06
CA ASP A 27 -0.51 11.18 0.05
C ASP A 27 0.47 11.05 -1.13
N ARG A 28 0.29 11.95 -2.09
CA ARG A 28 1.15 11.95 -3.27
C ARG A 28 2.61 12.16 -2.87
N GLY A 29 2.80 12.60 -1.63
CA GLY A 29 4.13 12.85 -1.12
C GLY A 29 4.74 11.57 -0.53
N TRP A 30 3.87 10.67 -0.12
CA TRP A 30 4.31 9.41 0.44
C TRP A 30 5.27 8.76 -0.54
N SER A 31 5.70 7.55 -0.19
CA SER A 31 6.62 6.81 -1.03
C SER A 31 6.27 5.32 -1.01
N VAL A 32 6.19 4.75 -2.21
CA VAL A 32 5.86 3.34 -2.34
C VAL A 32 6.56 2.55 -1.23
N GLY A 33 7.82 2.92 -1.00
CA GLY A 33 8.61 2.25 0.02
C GLY A 33 8.08 2.57 1.42
N HIS A 34 7.80 3.85 1.63
CA HIS A 34 7.29 4.30 2.91
C HIS A 34 5.88 3.73 3.14
N LEU A 35 5.02 3.98 2.16
CA LEU A 35 3.65 3.50 2.24
C LEU A 35 3.64 2.09 2.84
N LYS A 36 4.29 1.18 2.13
CA LYS A 36 4.36 -0.20 2.58
C LYS A 36 4.50 -0.23 4.10
N ALA A 37 5.58 0.37 4.58
CA ALA A 37 5.85 0.41 6.00
C ALA A 37 4.62 0.94 6.73
N HIS A 38 4.11 2.06 6.23
CA HIS A 38 2.93 2.69 6.82
C HIS A 38 1.78 1.68 6.84
N LEU A 39 1.78 0.81 5.84
CA LEU A 39 0.75 -0.21 5.73
C LEU A 39 0.93 -1.23 6.85
N SER A 40 2.11 -1.83 6.86
CA SER A 40 2.43 -2.84 7.86
C SER A 40 1.82 -2.44 9.22
N ARG A 41 1.78 -1.14 9.45
CA ARG A 41 1.23 -0.62 10.68
C ARG A 41 -0.27 -0.94 10.78
N VAL A 42 -1.03 -0.26 9.93
CA VAL A 42 -2.48 -0.46 9.91
C VAL A 42 -2.78 -1.95 9.77
N TYR A 43 -1.82 -2.67 9.23
CA TYR A 43 -1.96 -4.11 9.03
C TYR A 43 -1.62 -4.87 10.31
N PRO A 44 -2.61 -5.69 10.76
CA PRO A 44 -2.42 -6.48 11.96
C PRO A 44 -1.50 -7.67 11.70
N GLU A 45 -0.24 -7.49 12.07
CA GLU A 45 0.75 -8.53 11.89
C GLU A 45 2.17 -7.94 11.93
N ARG A 46 2.25 -6.67 11.55
CA ARG A 46 3.53 -5.98 11.53
C ARG A 46 4.48 -6.65 10.54
N PRO A 47 4.06 -6.64 9.25
CA PRO A 47 4.87 -7.23 8.19
C PRO A 47 6.05 -6.35 7.84
N ARG A 48 6.64 -6.61 6.68
CA ARG A 48 7.78 -5.84 6.22
C ARG A 48 7.41 -5.03 4.97
N PRO A 49 8.11 -3.88 4.80
CA PRO A 49 7.87 -3.00 3.67
C PRO A 49 8.46 -3.60 2.38
N GLU A 50 9.64 -4.17 2.52
CA GLU A 50 10.32 -4.78 1.40
C GLU A 50 9.53 -5.98 0.89
N ASP A 51 8.69 -6.52 1.77
CA ASP A 51 7.88 -7.67 1.42
C ASP A 51 6.56 -7.19 0.80
N GLN A 52 5.94 -6.25 1.48
CA GLN A 52 4.67 -5.69 1.01
C GLN A 52 4.74 -5.42 -0.50
N ARG A 53 3.80 -6.02 -1.21
CA ARG A 53 3.75 -5.84 -2.66
C ARG A 53 2.53 -5.00 -3.04
N LEU A 54 2.81 -3.79 -3.50
CA LEU A 54 1.76 -2.88 -3.90
C LEU A 54 1.49 -3.05 -5.41
N ILE A 55 0.28 -3.49 -5.71
CA ILE A 55 -0.12 -3.70 -7.10
C ILE A 55 -1.34 -2.84 -7.41
N TYR A 56 -1.16 -1.90 -8.34
CA TYR A 56 -2.23 -1.02 -8.72
C TYR A 56 -2.71 -1.33 -10.14
N SER A 57 -4.00 -1.59 -10.26
CA SER A 57 -4.59 -1.91 -11.55
C SER A 57 -3.85 -3.08 -12.19
N GLY A 58 -3.14 -3.82 -11.35
CA GLY A 58 -2.39 -4.98 -11.82
C GLY A 58 -0.94 -4.59 -12.11
N LYS A 59 -0.58 -3.39 -11.69
CA LYS A 59 0.77 -2.89 -11.90
C LYS A 59 1.49 -2.82 -10.56
N LEU A 60 2.64 -3.46 -10.50
CA LEU A 60 3.44 -3.48 -9.29
C LEU A 60 4.12 -2.12 -9.12
N LEU A 61 4.11 -1.63 -7.88
CA LEU A 61 4.74 -0.36 -7.58
C LEU A 61 6.17 -0.58 -7.15
N LEU A 62 7.00 0.44 -7.34
CA LEU A 62 8.39 0.37 -6.98
C LEU A 62 8.70 1.43 -5.93
N ASP A 63 9.70 1.13 -5.10
CA ASP A 63 10.10 2.06 -4.05
C ASP A 63 10.61 3.35 -4.69
N HIS A 64 11.06 3.23 -5.93
CA HIS A 64 11.58 4.38 -6.65
C HIS A 64 10.43 5.04 -7.44
N GLN A 65 9.30 5.17 -6.78
CA GLN A 65 8.14 5.77 -7.41
C GLN A 65 7.33 6.57 -6.38
N CYS A 66 6.61 7.56 -6.88
CA CYS A 66 5.80 8.41 -6.01
C CYS A 66 4.32 8.09 -6.28
N LEU A 67 3.51 8.32 -5.27
CA LEU A 67 2.09 8.06 -5.38
C LEU A 67 1.47 9.03 -6.38
N ARG A 68 2.27 10.01 -6.78
CA ARG A 68 1.83 11.01 -7.73
C ARG A 68 1.89 10.45 -9.15
N ASP A 69 3.08 10.00 -9.53
CA ASP A 69 3.28 9.44 -10.85
C ASP A 69 2.43 8.17 -11.01
N LEU A 70 2.44 7.36 -9.96
CA LEU A 70 1.67 6.13 -9.95
C LEU A 70 0.19 6.45 -10.17
N LEU A 71 -0.46 6.80 -9.07
CA LEU A 71 -1.88 7.13 -9.11
C LEU A 71 -2.12 8.14 -10.24
N PRO A 72 -3.32 8.02 -10.87
CA PRO A 72 -3.69 8.91 -11.96
C PRO A 72 -4.07 10.29 -11.42
N LYS A 73 -4.56 11.13 -12.33
CA LYS A 73 -4.97 12.47 -11.97
C LYS A 73 -6.42 12.45 -11.48
N GLN A 74 -7.31 12.05 -12.37
CA GLN A 74 -8.73 11.99 -12.05
C GLN A 74 -8.95 10.94 -10.95
N GLU A 75 -10.19 10.93 -10.45
CA GLU A 75 -10.56 9.99 -9.40
C GLU A 75 -9.96 10.43 -8.07
N LYS A 76 -10.80 10.43 -7.04
CA LYS A 76 -10.37 10.82 -5.72
C LYS A 76 -9.63 9.65 -5.06
N ARG A 77 -10.41 8.66 -4.65
CA ARG A 77 -9.86 7.48 -4.01
C ARG A 77 -9.16 6.60 -5.04
N HIS A 78 -8.57 5.52 -4.54
CA HIS A 78 -7.87 4.59 -5.41
C HIS A 78 -7.89 3.19 -4.79
N VAL A 79 -7.86 2.19 -5.66
CA VAL A 79 -7.88 0.81 -5.21
C VAL A 79 -6.52 0.17 -5.47
N LEU A 80 -5.83 -0.17 -4.39
CA LEU A 80 -4.53 -0.79 -4.49
C LEU A 80 -4.63 -2.27 -4.08
N HIS A 81 -3.54 -2.98 -4.29
CA HIS A 81 -3.49 -4.39 -3.95
C HIS A 81 -2.18 -4.71 -3.23
N LEU A 82 -2.25 -4.75 -1.91
CA LEU A 82 -1.08 -5.03 -1.09
C LEU A 82 -0.95 -6.54 -0.91
N VAL A 83 -0.05 -7.13 -1.69
CA VAL A 83 0.18 -8.57 -1.61
C VAL A 83 1.33 -8.85 -0.65
N CYS A 84 1.17 -9.90 0.13
CA CYS A 84 2.18 -10.29 1.10
C CYS A 84 3.11 -11.32 0.44
N ASN A 85 4.40 -11.07 0.56
CA ASN A 85 5.39 -11.96 0.00
C ASN A 85 5.87 -12.95 1.06
N VAL A 86 7.09 -13.43 0.87
CA VAL A 86 7.67 -14.38 1.82
C VAL A 86 9.20 -14.23 1.80
N LYS A 87 9.75 -14.08 3.00
CA LYS A 87 11.20 -13.93 3.13
C LYS A 87 11.85 -15.31 3.09
N SER A 88 13.16 -15.32 3.33
CA SER A 88 13.91 -16.56 3.31
C SER A 88 14.60 -16.76 4.66
N GLY A 89 15.28 -17.90 4.78
CA GLY A 89 15.98 -18.23 6.01
C GLY A 89 16.71 -17.00 6.57
N PRO A 90 16.45 -16.72 7.87
CA PRO A 90 17.08 -15.58 8.53
C PRO A 90 18.54 -15.88 8.85
N SER A 91 19.16 -14.93 9.55
CA SER A 91 20.55 -15.08 9.92
C SER A 91 20.93 -14.00 10.95
N SER A 92 20.79 -12.75 10.54
CA SER A 92 21.10 -11.64 11.40
C SER A 92 19.82 -11.04 11.98
N GLY A 93 19.99 -10.15 12.95
CA GLY A 93 18.87 -9.51 13.59
C GLY A 93 19.30 -8.21 14.28
N GLY A 1 -6.82 10.56 13.70
CA GLY A 1 -5.59 11.30 13.49
C GLY A 1 -5.86 12.80 13.40
N SER A 2 -5.50 13.38 12.26
CA SER A 2 -5.71 14.80 12.05
C SER A 2 -5.75 15.10 10.55
N SER A 3 -6.63 16.01 10.19
CA SER A 3 -6.78 16.40 8.79
C SER A 3 -5.98 17.67 8.51
N GLY A 4 -5.54 17.79 7.27
CA GLY A 4 -4.77 18.95 6.86
C GLY A 4 -4.50 18.93 5.35
N SER A 5 -3.63 18.01 4.95
CA SER A 5 -3.29 17.88 3.54
C SER A 5 -4.35 17.05 2.81
N SER A 6 -4.61 17.44 1.57
CA SER A 6 -5.60 16.74 0.76
C SER A 6 -4.92 15.62 -0.04
N GLY A 7 -4.67 14.52 0.64
CA GLY A 7 -4.04 13.38 0.00
C GLY A 7 -5.05 12.55 -0.80
N VAL A 8 -4.73 11.28 -0.96
CA VAL A 8 -5.61 10.38 -1.70
C VAL A 8 -5.90 9.15 -0.84
N THR A 9 -6.81 8.32 -1.34
CA THR A 9 -7.18 7.10 -0.64
C THR A 9 -6.74 5.87 -1.43
N LEU A 10 -6.19 4.91 -0.71
CA LEU A 10 -5.73 3.67 -1.33
C LEU A 10 -6.49 2.48 -0.73
N LEU A 11 -7.29 1.85 -1.58
CA LEU A 11 -8.07 0.70 -1.15
C LEU A 11 -7.22 -0.56 -1.25
N VAL A 12 -6.63 -0.92 -0.12
CA VAL A 12 -5.78 -2.10 -0.07
C VAL A 12 -6.65 -3.35 -0.22
N LYS A 13 -6.63 -3.90 -1.42
CA LYS A 13 -7.41 -5.10 -1.70
C LYS A 13 -6.56 -6.34 -1.41
N SER A 14 -7.24 -7.47 -1.33
CA SER A 14 -6.57 -8.73 -1.05
C SER A 14 -6.92 -9.76 -2.13
N PRO A 15 -6.09 -9.79 -3.20
CA PRO A 15 -6.30 -10.73 -4.30
C PRO A 15 -5.89 -12.14 -3.90
N ASN A 16 -6.58 -12.66 -2.89
CA ASN A 16 -6.30 -14.00 -2.40
C ASN A 16 -7.58 -14.84 -2.47
N GLN A 17 -8.44 -14.63 -1.48
CA GLN A 17 -9.69 -15.35 -1.41
C GLN A 17 -10.85 -14.37 -1.14
N ARG A 18 -10.75 -13.68 -0.02
CA ARG A 18 -11.77 -12.72 0.36
C ARG A 18 -11.36 -11.98 1.63
N HIS A 19 -10.18 -11.38 1.58
CA HIS A 19 -9.67 -10.63 2.71
C HIS A 19 -10.20 -9.21 2.68
N ARG A 20 -10.79 -8.80 3.79
CA ARG A 20 -11.34 -7.46 3.90
C ARG A 20 -10.39 -6.44 3.27
N ASP A 21 -10.96 -5.28 2.94
CA ASP A 21 -10.18 -4.22 2.33
C ASP A 21 -9.73 -3.24 3.41
N LEU A 22 -8.63 -2.56 3.12
CA LEU A 22 -8.08 -1.59 4.05
C LEU A 22 -7.86 -0.27 3.33
N GLU A 23 -8.70 0.71 3.66
CA GLU A 23 -8.61 2.02 3.06
C GLU A 23 -7.75 2.95 3.92
N LEU A 24 -6.70 3.49 3.31
CA LEU A 24 -5.81 4.38 4.01
C LEU A 24 -5.46 5.57 3.11
N SER A 25 -4.67 6.48 3.65
CA SER A 25 -4.27 7.66 2.91
C SER A 25 -3.15 7.29 1.92
N GLY A 26 -3.06 8.09 0.87
CA GLY A 26 -2.05 7.86 -0.15
C GLY A 26 -1.46 9.19 -0.64
N ASP A 27 -1.05 10.01 0.31
CA ASP A 27 -0.47 11.30 -0.01
C ASP A 27 0.40 11.17 -1.27
N ARG A 28 0.21 12.12 -2.17
CA ARG A 28 0.97 12.11 -3.41
C ARG A 28 2.47 12.24 -3.12
N GLY A 29 2.76 12.62 -1.89
CA GLY A 29 4.15 12.78 -1.47
C GLY A 29 4.71 11.47 -0.91
N TRP A 30 3.81 10.68 -0.36
CA TRP A 30 4.19 9.39 0.23
C TRP A 30 5.07 8.67 -0.79
N SER A 31 5.66 7.57 -0.34
CA SER A 31 6.53 6.77 -1.20
C SER A 31 6.11 5.30 -1.13
N VAL A 32 6.03 4.69 -2.30
CA VAL A 32 5.66 3.29 -2.40
C VAL A 32 6.35 2.50 -1.28
N GLY A 33 7.65 2.72 -1.17
CA GLY A 33 8.44 2.04 -0.15
C GLY A 33 7.99 2.44 1.25
N HIS A 34 7.65 3.71 1.38
CA HIS A 34 7.21 4.25 2.66
C HIS A 34 5.82 3.68 2.99
N LEU A 35 4.90 3.85 2.04
CA LEU A 35 3.55 3.37 2.23
C LEU A 35 3.58 2.00 2.90
N LYS A 36 4.25 1.06 2.24
CA LYS A 36 4.37 -0.28 2.76
C LYS A 36 4.57 -0.22 4.28
N ALA A 37 5.61 0.50 4.68
CA ALA A 37 5.92 0.64 6.09
C ALA A 37 4.66 1.06 6.85
N HIS A 38 4.01 2.10 6.33
CA HIS A 38 2.80 2.60 6.94
C HIS A 38 1.73 1.51 6.95
N LEU A 39 1.65 0.80 5.84
CA LEU A 39 0.68 -0.28 5.71
C LEU A 39 0.92 -1.32 6.81
N SER A 40 2.07 -1.98 6.72
CA SER A 40 2.42 -2.99 7.68
C SER A 40 1.98 -2.56 9.08
N ARG A 41 1.99 -1.24 9.29
CA ARG A 41 1.59 -0.69 10.57
C ARG A 41 0.10 -0.93 10.82
N VAL A 42 -0.72 -0.35 9.95
CA VAL A 42 -2.16 -0.50 10.07
C VAL A 42 -2.54 -1.97 9.86
N TYR A 43 -1.60 -2.70 9.27
CA TYR A 43 -1.82 -4.11 9.01
C TYR A 43 -1.53 -4.96 10.26
N PRO A 44 -2.56 -5.76 10.66
CA PRO A 44 -2.42 -6.61 11.83
C PRO A 44 -1.55 -7.82 11.52
N GLU A 45 -0.28 -7.71 11.88
CA GLU A 45 0.67 -8.78 11.65
C GLU A 45 2.10 -8.25 11.72
N ARG A 46 2.26 -6.99 11.32
CA ARG A 46 3.56 -6.36 11.33
C ARG A 46 4.49 -7.03 10.32
N PRO A 47 4.11 -6.92 9.02
CA PRO A 47 4.89 -7.51 7.95
C PRO A 47 6.17 -6.69 7.69
N ARG A 48 6.75 -6.93 6.52
CA ARG A 48 7.97 -6.23 6.15
C ARG A 48 7.70 -5.29 4.97
N PRO A 49 8.43 -4.15 4.97
CA PRO A 49 8.27 -3.16 3.91
C PRO A 49 8.94 -3.63 2.62
N GLU A 50 9.99 -4.42 2.79
CA GLU A 50 10.73 -4.94 1.65
C GLU A 50 10.12 -6.28 1.19
N ASP A 51 8.80 -6.33 1.25
CA ASP A 51 8.09 -7.54 0.84
C ASP A 51 6.67 -7.16 0.41
N GLN A 52 6.04 -6.34 1.24
CA GLN A 52 4.68 -5.90 0.96
C GLN A 52 4.52 -5.56 -0.52
N ARG A 53 3.96 -6.50 -1.26
CA ARG A 53 3.75 -6.31 -2.69
C ARG A 53 2.59 -5.33 -2.93
N LEU A 54 2.94 -4.19 -3.48
CA LEU A 54 1.95 -3.16 -3.78
C LEU A 54 1.60 -3.20 -5.26
N ILE A 55 0.39 -3.70 -5.53
CA ILE A 55 -0.07 -3.80 -6.90
C ILE A 55 -1.14 -2.73 -7.16
N TYR A 56 -0.75 -1.73 -7.93
CA TYR A 56 -1.67 -0.65 -8.26
C TYR A 56 -2.49 -0.97 -9.51
N SER A 57 -1.93 -0.61 -10.66
CA SER A 57 -2.59 -0.86 -11.92
C SER A 57 -2.08 -2.16 -12.53
N GLY A 58 -2.32 -3.24 -11.81
CA GLY A 58 -1.90 -4.56 -12.27
C GLY A 58 -0.39 -4.61 -12.48
N LYS A 59 0.28 -3.59 -11.93
CA LYS A 59 1.73 -3.51 -12.04
C LYS A 59 2.32 -3.24 -10.66
N LEU A 60 3.01 -4.24 -10.13
CA LEU A 60 3.63 -4.12 -8.82
C LEU A 60 4.35 -2.78 -8.73
N LEU A 61 4.33 -2.21 -7.53
CA LEU A 61 4.98 -0.93 -7.30
C LEU A 61 6.45 -1.16 -6.95
N LEU A 62 7.30 -0.30 -7.48
CA LEU A 62 8.73 -0.39 -7.24
C LEU A 62 9.01 -0.02 -5.79
N ASP A 63 8.97 1.28 -5.52
CA ASP A 63 9.23 1.77 -4.18
C ASP A 63 9.54 3.27 -4.25
N HIS A 64 10.53 3.60 -5.07
CA HIS A 64 10.93 4.98 -5.23
C HIS A 64 9.78 5.79 -5.85
N GLN A 65 9.01 5.10 -6.68
CA GLN A 65 7.88 5.73 -7.35
C GLN A 65 7.04 6.51 -6.34
N CYS A 66 6.50 7.63 -6.80
CA CYS A 66 5.69 8.48 -5.95
C CYS A 66 4.21 8.25 -6.32
N LEU A 67 3.36 8.36 -5.31
CA LEU A 67 1.94 8.18 -5.52
C LEU A 67 1.44 9.19 -6.54
N ARG A 68 2.03 10.38 -6.51
CA ARG A 68 1.66 11.43 -7.42
C ARG A 68 1.61 10.91 -8.86
N ASP A 69 2.77 10.50 -9.35
CA ASP A 69 2.87 9.98 -10.70
C ASP A 69 2.01 8.72 -10.82
N LEU A 70 2.31 7.75 -9.98
CA LEU A 70 1.58 6.50 -9.98
C LEU A 70 0.09 6.79 -10.15
N LEU A 71 -0.51 7.30 -9.09
CA LEU A 71 -1.93 7.63 -9.11
C LEU A 71 -2.18 8.74 -10.14
N PRO A 72 -3.37 8.67 -10.79
CA PRO A 72 -3.73 9.66 -11.79
C PRO A 72 -4.13 10.98 -11.14
N LYS A 73 -4.79 11.82 -11.92
CA LYS A 73 -5.23 13.11 -11.44
C LYS A 73 -6.75 13.22 -11.57
N GLN A 74 -7.43 12.32 -10.89
CA GLN A 74 -8.89 12.29 -10.93
C GLN A 74 -9.45 12.29 -9.51
N GLU A 75 -10.76 12.43 -9.43
CA GLU A 75 -11.45 12.44 -8.14
C GLU A 75 -11.59 11.02 -7.60
N LYS A 76 -11.91 10.11 -8.51
CA LYS A 76 -12.09 8.71 -8.14
C LYS A 76 -10.89 8.25 -7.30
N ARG A 77 -11.20 7.51 -6.25
CA ARG A 77 -10.16 7.00 -5.36
C ARG A 77 -9.28 6.00 -6.10
N HIS A 78 -8.23 5.56 -5.42
CA HIS A 78 -7.31 4.60 -5.99
C HIS A 78 -7.41 3.28 -5.22
N VAL A 79 -7.45 2.20 -5.99
CA VAL A 79 -7.53 0.87 -5.41
C VAL A 79 -6.20 0.15 -5.58
N LEU A 80 -5.60 -0.20 -4.44
CA LEU A 80 -4.33 -0.89 -4.46
C LEU A 80 -4.52 -2.32 -3.95
N HIS A 81 -3.53 -3.16 -4.23
CA HIS A 81 -3.59 -4.55 -3.82
C HIS A 81 -2.30 -4.91 -3.09
N LEU A 82 -2.37 -4.88 -1.77
CA LEU A 82 -1.22 -5.20 -0.94
C LEU A 82 -1.20 -6.70 -0.66
N VAL A 83 -0.33 -7.40 -1.38
CA VAL A 83 -0.20 -8.84 -1.21
C VAL A 83 0.88 -9.14 -0.17
N CYS A 84 0.60 -10.15 0.65
CA CYS A 84 1.53 -10.54 1.69
C CYS A 84 2.57 -11.48 1.07
N ASN A 85 3.81 -11.33 1.53
CA ASN A 85 4.89 -12.16 1.03
C ASN A 85 5.68 -12.72 2.21
N VAL A 86 5.03 -12.75 3.37
CA VAL A 86 5.66 -13.25 4.58
C VAL A 86 4.57 -13.83 5.50
N LYS A 87 4.74 -15.10 5.81
CA LYS A 87 3.80 -15.79 6.68
C LYS A 87 4.56 -16.49 7.81
N SER A 88 5.00 -15.68 8.77
CA SER A 88 5.74 -16.21 9.90
C SER A 88 7.08 -16.80 9.43
N GLY A 89 6.99 -18.01 8.89
CA GLY A 89 8.17 -18.69 8.40
C GLY A 89 8.29 -20.09 9.02
N PRO A 90 9.56 -20.51 9.25
CA PRO A 90 9.82 -21.82 9.83
C PRO A 90 9.50 -21.83 11.33
N SER A 91 8.21 -21.82 11.63
CA SER A 91 7.77 -21.83 13.02
C SER A 91 6.25 -21.96 13.07
N SER A 92 5.77 -22.46 14.20
CA SER A 92 4.35 -22.63 14.39
C SER A 92 3.88 -21.83 15.61
N GLY A 93 3.35 -20.65 15.33
CA GLY A 93 2.87 -19.77 16.40
C GLY A 93 1.56 -19.10 16.00
N GLY A 1 5.00 19.46 9.48
CA GLY A 1 3.86 20.30 9.77
C GLY A 1 3.25 20.86 8.48
N SER A 2 2.10 20.34 8.12
CA SER A 2 1.41 20.78 6.92
C SER A 2 -0.06 21.06 7.24
N SER A 3 -0.38 22.34 7.32
CA SER A 3 -1.73 22.77 7.61
C SER A 3 -2.65 22.43 6.42
N GLY A 4 -3.76 21.79 6.75
CA GLY A 4 -4.72 21.40 5.73
C GLY A 4 -4.13 20.38 4.76
N SER A 5 -4.40 19.11 5.06
CA SER A 5 -3.90 18.03 4.23
C SER A 5 -4.80 16.80 4.36
N SER A 6 -4.84 16.02 3.30
CA SER A 6 -5.65 14.82 3.29
C SER A 6 -4.97 13.72 2.47
N GLY A 7 -4.68 14.05 1.22
CA GLY A 7 -4.02 13.11 0.32
C GLY A 7 -5.05 12.37 -0.54
N VAL A 8 -4.74 11.11 -0.80
CA VAL A 8 -5.62 10.28 -1.61
C VAL A 8 -6.03 9.04 -0.81
N THR A 9 -7.09 8.41 -1.26
CA THR A 9 -7.60 7.21 -0.60
C THR A 9 -7.15 5.96 -1.35
N LEU A 10 -6.32 5.17 -0.69
CA LEU A 10 -5.82 3.94 -1.27
C LEU A 10 -6.61 2.75 -0.73
N LEU A 11 -7.25 2.03 -1.64
CA LEU A 11 -8.04 0.88 -1.26
C LEU A 11 -7.21 -0.39 -1.42
N VAL A 12 -6.73 -0.90 -0.30
CA VAL A 12 -5.92 -2.09 -0.30
C VAL A 12 -6.81 -3.32 -0.53
N LYS A 13 -6.91 -3.71 -1.79
CA LYS A 13 -7.73 -4.85 -2.16
C LYS A 13 -6.86 -6.12 -2.16
N SER A 14 -7.18 -7.01 -1.24
CA SER A 14 -6.43 -8.26 -1.13
C SER A 14 -6.96 -9.27 -2.15
N PRO A 15 -6.08 -9.62 -3.12
CA PRO A 15 -6.44 -10.58 -4.15
C PRO A 15 -6.45 -12.01 -3.60
N ASN A 16 -7.21 -12.85 -4.27
CA ASN A 16 -7.32 -14.24 -3.85
C ASN A 16 -8.10 -14.33 -2.55
N GLN A 17 -7.48 -13.82 -1.49
CA GLN A 17 -8.10 -13.83 -0.18
C GLN A 17 -9.49 -13.20 -0.25
N ARG A 18 -9.53 -11.98 -0.77
CA ARG A 18 -10.79 -11.25 -0.89
C ARG A 18 -11.67 -11.51 0.32
N HIS A 19 -11.51 -10.67 1.33
CA HIS A 19 -12.29 -10.80 2.55
C HIS A 19 -12.66 -9.41 3.07
N ARG A 20 -11.64 -8.64 3.38
CA ARG A 20 -11.84 -7.29 3.89
C ARG A 20 -10.90 -6.31 3.18
N ASP A 21 -11.41 -5.09 2.98
CA ASP A 21 -10.62 -4.06 2.32
C ASP A 21 -10.05 -3.11 3.38
N LEU A 22 -8.93 -2.49 3.03
CA LEU A 22 -8.28 -1.57 3.93
C LEU A 22 -7.99 -0.26 3.19
N GLU A 23 -8.66 0.80 3.65
CA GLU A 23 -8.49 2.11 3.04
C GLU A 23 -7.61 2.99 3.93
N LEU A 24 -6.59 3.56 3.31
CA LEU A 24 -5.67 4.43 4.02
C LEU A 24 -5.26 5.59 3.12
N SER A 25 -4.64 6.59 3.74
CA SER A 25 -4.20 7.76 3.00
C SER A 25 -3.09 7.37 2.02
N GLY A 26 -2.96 8.18 0.97
CA GLY A 26 -1.95 7.94 -0.05
C GLY A 26 -1.36 9.25 -0.56
N ASP A 27 -0.94 10.09 0.38
CA ASP A 27 -0.36 11.37 0.04
C ASP A 27 0.51 11.22 -1.20
N ARG A 28 0.27 12.10 -2.17
CA ARG A 28 1.03 12.07 -3.42
C ARG A 28 2.53 12.20 -3.13
N GLY A 29 2.84 12.63 -1.91
CA GLY A 29 4.22 12.79 -1.51
C GLY A 29 4.78 11.49 -0.93
N TRP A 30 3.88 10.70 -0.34
CA TRP A 30 4.26 9.44 0.26
C TRP A 30 5.13 8.68 -0.76
N SER A 31 5.70 7.58 -0.30
CA SER A 31 6.55 6.76 -1.16
C SER A 31 6.11 5.30 -1.07
N VAL A 32 6.07 4.66 -2.23
CA VAL A 32 5.68 3.26 -2.30
C VAL A 32 6.28 2.50 -1.11
N GLY A 33 7.57 2.68 -0.94
CA GLY A 33 8.28 2.02 0.14
C GLY A 33 7.76 2.50 1.50
N HIS A 34 7.65 3.82 1.63
CA HIS A 34 7.15 4.41 2.87
C HIS A 34 5.76 3.89 3.17
N LEU A 35 4.94 3.83 2.12
CA LEU A 35 3.58 3.36 2.26
C LEU A 35 3.58 1.96 2.87
N LYS A 36 4.23 1.05 2.15
CA LYS A 36 4.32 -0.34 2.61
C LYS A 36 4.53 -0.36 4.12
N ALA A 37 5.62 0.28 4.54
CA ALA A 37 5.95 0.33 5.95
C ALA A 37 4.72 0.79 6.74
N HIS A 38 4.13 1.88 6.27
CA HIS A 38 2.95 2.44 6.91
C HIS A 38 1.84 1.39 6.93
N LEU A 39 1.68 0.72 5.80
CA LEU A 39 0.66 -0.31 5.67
C LEU A 39 0.87 -1.37 6.76
N SER A 40 1.97 -2.10 6.62
CA SER A 40 2.30 -3.15 7.57
C SER A 40 1.95 -2.69 8.99
N ARG A 41 2.02 -1.38 9.19
CA ARG A 41 1.72 -0.82 10.50
C ARG A 41 0.21 -0.91 10.77
N VAL A 42 -0.56 -0.36 9.85
CA VAL A 42 -2.00 -0.38 9.98
C VAL A 42 -2.52 -1.80 9.76
N TYR A 43 -1.67 -2.61 9.14
CA TYR A 43 -2.02 -3.99 8.86
C TYR A 43 -1.78 -4.88 10.09
N PRO A 44 -2.82 -5.70 10.41
CA PRO A 44 -2.74 -6.60 11.55
C PRO A 44 -1.84 -7.80 11.23
N GLU A 45 -0.60 -7.70 11.67
CA GLU A 45 0.37 -8.76 11.44
C GLU A 45 1.79 -8.22 11.53
N ARG A 46 1.90 -6.91 11.30
CA ARG A 46 3.20 -6.26 11.35
C ARG A 46 4.17 -6.93 10.38
N PRO A 47 3.79 -6.91 9.08
CA PRO A 47 4.61 -7.52 8.04
C PRO A 47 5.82 -6.64 7.74
N ARG A 48 6.44 -6.91 6.59
CA ARG A 48 7.61 -6.16 6.16
C ARG A 48 7.31 -5.41 4.86
N PRO A 49 8.01 -4.25 4.70
CA PRO A 49 7.83 -3.43 3.51
C PRO A 49 8.53 -4.06 2.30
N GLU A 50 9.73 -4.57 2.55
CA GLU A 50 10.51 -5.21 1.50
C GLU A 50 9.78 -6.43 0.97
N ASP A 51 9.15 -7.15 1.89
CA ASP A 51 8.42 -8.36 1.54
C ASP A 51 7.08 -7.96 0.90
N GLN A 52 6.35 -7.11 1.59
CA GLN A 52 5.06 -6.65 1.12
C GLN A 52 5.14 -6.32 -0.37
N ARG A 53 3.99 -6.43 -1.03
CA ARG A 53 3.93 -6.15 -2.46
C ARG A 53 2.72 -5.25 -2.76
N LEU A 54 3.01 -4.12 -3.39
CA LEU A 54 1.97 -3.17 -3.73
C LEU A 54 1.68 -3.27 -5.24
N ILE A 55 0.44 -3.63 -5.54
CA ILE A 55 0.03 -3.76 -6.94
C ILE A 55 -1.13 -2.80 -7.20
N TYR A 56 -1.04 -2.12 -8.34
CA TYR A 56 -2.07 -1.17 -8.73
C TYR A 56 -2.53 -1.43 -10.16
N SER A 57 -3.72 -2.02 -10.27
CA SER A 57 -4.29 -2.32 -11.58
C SER A 57 -3.72 -3.65 -12.10
N GLY A 58 -2.75 -4.16 -11.36
CA GLY A 58 -2.12 -5.42 -11.73
C GLY A 58 -0.62 -5.26 -11.88
N LYS A 59 -0.18 -4.02 -11.80
CA LYS A 59 1.24 -3.71 -11.93
C LYS A 59 1.79 -3.32 -10.55
N LEU A 60 2.90 -3.94 -10.20
CA LEU A 60 3.53 -3.66 -8.92
C LEU A 60 4.10 -2.24 -8.93
N LEU A 61 4.35 -1.73 -7.73
CA LEU A 61 4.89 -0.39 -7.60
C LEU A 61 6.36 -0.48 -7.17
N LEU A 62 7.06 0.63 -7.37
CA LEU A 62 8.47 0.70 -7.02
C LEU A 62 8.65 1.60 -5.80
N ASP A 63 9.42 1.10 -4.84
CA ASP A 63 9.68 1.85 -3.63
C ASP A 63 10.15 3.26 -3.99
N HIS A 64 10.66 3.38 -5.20
CA HIS A 64 11.14 4.67 -5.68
C HIS A 64 9.98 5.47 -6.27
N GLN A 65 9.02 4.74 -6.84
CA GLN A 65 7.86 5.37 -7.44
C GLN A 65 7.11 6.20 -6.40
N CYS A 66 6.36 7.17 -6.90
CA CYS A 66 5.59 8.04 -6.02
C CYS A 66 4.10 7.87 -6.35
N LEU A 67 3.28 8.11 -5.36
CA LEU A 67 1.83 7.99 -5.53
C LEU A 67 1.37 8.98 -6.60
N ARG A 68 1.89 10.20 -6.49
CA ARG A 68 1.53 11.24 -7.44
C ARG A 68 1.47 10.67 -8.86
N ASP A 69 2.59 10.13 -9.31
CA ASP A 69 2.66 9.55 -10.64
C ASP A 69 1.75 8.34 -10.71
N LEU A 70 2.02 7.38 -9.84
CA LEU A 70 1.23 6.16 -9.79
C LEU A 70 -0.25 6.51 -9.99
N LEU A 71 -0.82 7.16 -8.99
CA LEU A 71 -2.21 7.56 -9.03
C LEU A 71 -2.39 8.64 -10.09
N PRO A 72 -3.51 8.54 -10.85
CA PRO A 72 -3.80 9.51 -11.89
C PRO A 72 -4.31 10.82 -11.29
N LYS A 73 -4.90 11.64 -12.15
CA LYS A 73 -5.42 12.93 -11.73
C LYS A 73 -6.66 13.27 -12.55
N GLN A 74 -7.81 13.07 -11.94
CA GLN A 74 -9.07 13.35 -12.60
C GLN A 74 -10.20 13.53 -11.58
N GLU A 75 -10.82 12.40 -11.24
CA GLU A 75 -11.90 12.42 -10.27
C GLU A 75 -12.30 10.98 -9.92
N LYS A 76 -11.44 10.33 -9.15
CA LYS A 76 -11.70 8.96 -8.74
C LYS A 76 -10.64 8.53 -7.72
N ARG A 77 -11.01 7.56 -6.90
CA ARG A 77 -10.10 7.06 -5.88
C ARG A 77 -9.09 6.09 -6.51
N HIS A 78 -8.37 5.39 -5.64
CA HIS A 78 -7.37 4.44 -6.08
C HIS A 78 -7.43 3.19 -5.20
N VAL A 79 -7.49 2.04 -5.86
CA VAL A 79 -7.55 0.77 -5.14
C VAL A 79 -6.21 0.03 -5.32
N LEU A 80 -5.43 0.04 -4.26
CA LEU A 80 -4.14 -0.61 -4.28
C LEU A 80 -4.30 -2.07 -3.85
N HIS A 81 -3.28 -2.86 -4.13
CA HIS A 81 -3.30 -4.27 -3.78
C HIS A 81 -2.03 -4.63 -3.01
N LEU A 82 -2.16 -4.64 -1.69
CA LEU A 82 -1.03 -4.96 -0.84
C LEU A 82 -0.97 -6.47 -0.60
N VAL A 83 -0.11 -7.12 -1.36
CA VAL A 83 0.04 -8.58 -1.25
C VAL A 83 1.02 -8.89 -0.13
N CYS A 84 0.65 -9.86 0.69
CA CYS A 84 1.48 -10.28 1.80
C CYS A 84 2.38 -11.43 1.33
N ASN A 85 3.45 -11.65 2.08
CA ASN A 85 4.39 -12.71 1.75
C ASN A 85 3.99 -13.98 2.50
N VAL A 86 2.70 -14.11 2.75
CA VAL A 86 2.18 -15.27 3.45
C VAL A 86 2.74 -15.30 4.87
N LYS A 87 1.84 -15.37 5.83
CA LYS A 87 2.24 -15.41 7.24
C LYS A 87 3.41 -14.43 7.45
N SER A 88 3.10 -13.16 7.32
CA SER A 88 4.11 -12.12 7.51
C SER A 88 5.37 -12.48 6.71
N GLY A 89 6.39 -11.66 6.90
CA GLY A 89 7.65 -11.87 6.21
C GLY A 89 8.28 -13.21 6.62
N PRO A 90 9.65 -13.21 6.68
CA PRO A 90 10.38 -14.41 7.05
C PRO A 90 10.28 -14.65 8.56
N SER A 91 10.57 -13.60 9.32
CA SER A 91 10.53 -13.69 10.77
C SER A 91 11.13 -15.02 11.23
N SER A 92 12.45 -15.06 11.29
CA SER A 92 13.15 -16.26 11.71
C SER A 92 14.32 -15.89 12.61
N GLY A 93 14.24 -16.35 13.86
CA GLY A 93 15.28 -16.07 14.82
C GLY A 93 16.17 -17.30 15.04
N GLY A 1 -10.69 20.59 13.71
CA GLY A 1 -11.08 21.08 12.40
C GLY A 1 -9.88 21.67 11.65
N SER A 2 -10.02 22.93 11.26
CA SER A 2 -8.96 23.61 10.54
C SER A 2 -8.63 22.85 9.25
N SER A 3 -7.98 23.56 8.33
CA SER A 3 -7.60 22.96 7.07
C SER A 3 -6.48 21.95 7.28
N GLY A 4 -6.84 20.68 7.17
CA GLY A 4 -5.88 19.59 7.34
C GLY A 4 -5.56 18.94 6.01
N SER A 5 -4.44 18.22 6.00
CA SER A 5 -4.00 17.53 4.80
C SER A 5 -4.77 16.21 4.65
N SER A 6 -5.63 16.17 3.64
CA SER A 6 -6.42 14.98 3.38
C SER A 6 -5.61 13.99 2.54
N GLY A 7 -5.34 14.39 1.30
CA GLY A 7 -4.59 13.55 0.39
C GLY A 7 -5.52 12.68 -0.45
N VAL A 8 -5.09 11.45 -0.65
CA VAL A 8 -5.87 10.50 -1.43
C VAL A 8 -6.23 9.28 -0.55
N THR A 9 -7.07 8.43 -1.10
CA THR A 9 -7.50 7.24 -0.37
C THR A 9 -7.13 5.99 -1.17
N LEU A 10 -6.20 5.22 -0.60
CA LEU A 10 -5.75 4.00 -1.24
C LEU A 10 -6.54 2.81 -0.68
N LEU A 11 -7.03 1.99 -1.59
CA LEU A 11 -7.81 0.82 -1.19
C LEU A 11 -6.94 -0.43 -1.33
N VAL A 12 -6.42 -0.89 -0.20
CA VAL A 12 -5.57 -2.06 -0.18
C VAL A 12 -6.45 -3.32 -0.32
N LYS A 13 -6.60 -3.77 -1.55
CA LYS A 13 -7.39 -4.96 -1.83
C LYS A 13 -6.48 -6.18 -1.85
N SER A 14 -7.11 -7.35 -1.78
CA SER A 14 -6.38 -8.60 -1.79
C SER A 14 -6.75 -9.41 -3.04
N PRO A 15 -5.75 -9.56 -3.95
CA PRO A 15 -5.96 -10.31 -5.17
C PRO A 15 -5.99 -11.81 -4.90
N ASN A 16 -6.98 -12.21 -4.12
CA ASN A 16 -7.14 -13.62 -3.77
C ASN A 16 -8.25 -13.77 -2.73
N GLN A 17 -7.94 -13.32 -1.52
CA GLN A 17 -8.90 -13.39 -0.44
C GLN A 17 -10.19 -12.66 -0.81
N ARG A 18 -10.01 -11.50 -1.42
CA ARG A 18 -11.15 -10.69 -1.84
C ARG A 18 -12.26 -10.74 -0.78
N HIS A 19 -11.96 -10.17 0.37
CA HIS A 19 -12.92 -10.16 1.46
C HIS A 19 -12.95 -8.77 2.10
N ARG A 20 -11.98 -8.52 2.97
CA ARG A 20 -11.88 -7.24 3.65
C ARG A 20 -10.89 -6.33 2.93
N ASP A 21 -11.14 -5.03 3.02
CA ASP A 21 -10.28 -4.06 2.39
C ASP A 21 -9.68 -3.14 3.46
N LEU A 22 -8.86 -2.20 3.00
CA LEU A 22 -8.22 -1.26 3.91
C LEU A 22 -8.03 0.08 3.19
N GLU A 23 -8.75 1.08 3.65
CA GLU A 23 -8.66 2.41 3.07
C GLU A 23 -7.80 3.32 3.94
N LEU A 24 -6.63 3.66 3.41
CA LEU A 24 -5.70 4.52 4.14
C LEU A 24 -5.30 5.69 3.23
N SER A 25 -4.56 6.61 3.82
CA SER A 25 -4.10 7.79 3.10
C SER A 25 -2.95 7.39 2.16
N GLY A 26 -2.83 8.15 1.07
CA GLY A 26 -1.80 7.88 0.09
C GLY A 26 -1.26 9.19 -0.49
N ASP A 27 -0.96 10.12 0.40
CA ASP A 27 -0.44 11.42 0.00
C ASP A 27 0.45 11.24 -1.24
N ARG A 28 0.23 12.11 -2.21
CA ARG A 28 1.01 12.06 -3.45
C ARG A 28 2.50 12.16 -3.14
N GLY A 29 2.79 12.59 -1.93
CA GLY A 29 4.18 12.73 -1.51
C GLY A 29 4.71 11.42 -0.92
N TRP A 30 3.80 10.64 -0.35
CA TRP A 30 4.17 9.37 0.23
C TRP A 30 5.07 8.63 -0.76
N SER A 31 5.69 7.56 -0.27
CA SER A 31 6.58 6.76 -1.09
C SER A 31 6.20 5.29 -1.00
N VAL A 32 6.18 4.64 -2.16
CA VAL A 32 5.83 3.24 -2.22
C VAL A 32 6.45 2.50 -1.02
N GLY A 33 7.77 2.54 -0.97
CA GLY A 33 8.50 1.89 0.10
C GLY A 33 7.97 2.33 1.47
N HIS A 34 7.72 3.63 1.58
CA HIS A 34 7.22 4.19 2.82
C HIS A 34 5.82 3.63 3.10
N LEU A 35 4.93 3.85 2.15
CA LEU A 35 3.56 3.37 2.27
C LEU A 35 3.57 1.98 2.92
N LYS A 36 4.26 1.06 2.25
CA LYS A 36 4.35 -0.31 2.75
C LYS A 36 4.52 -0.29 4.27
N ALA A 37 5.61 0.33 4.70
CA ALA A 37 5.91 0.43 6.12
C ALA A 37 4.65 0.88 6.86
N HIS A 38 3.99 1.88 6.30
CA HIS A 38 2.77 2.41 6.90
C HIS A 38 1.69 1.33 6.89
N LEU A 39 1.53 0.70 5.74
CA LEU A 39 0.54 -0.35 5.59
C LEU A 39 0.71 -1.38 6.71
N SER A 40 1.85 -2.06 6.68
CA SER A 40 2.14 -3.07 7.67
C SER A 40 1.65 -2.61 9.04
N ARG A 41 1.75 -1.31 9.27
CA ARG A 41 1.32 -0.73 10.53
C ARG A 41 -0.19 -0.94 10.73
N VAL A 42 -0.96 -0.27 9.89
CA VAL A 42 -2.41 -0.38 9.95
C VAL A 42 -2.81 -1.85 9.83
N TYR A 43 -1.92 -2.62 9.24
CA TYR A 43 -2.17 -4.04 9.05
C TYR A 43 -1.91 -4.82 10.33
N PRO A 44 -2.95 -5.59 10.76
CA PRO A 44 -2.85 -6.38 11.97
C PRO A 44 -1.97 -7.62 11.74
N GLU A 45 -0.71 -7.49 12.11
CA GLU A 45 0.23 -8.59 11.95
C GLU A 45 1.67 -8.07 12.01
N ARG A 46 1.84 -6.85 11.51
CA ARG A 46 3.15 -6.23 11.50
C ARG A 46 4.07 -6.94 10.51
N PRO A 47 3.69 -6.88 9.21
CA PRO A 47 4.46 -7.52 8.16
C PRO A 47 5.73 -6.72 7.85
N ARG A 48 6.30 -7.00 6.70
CA ARG A 48 7.51 -6.32 6.27
C ARG A 48 7.23 -5.42 5.07
N PRO A 49 8.04 -4.33 4.95
CA PRO A 49 7.87 -3.38 3.86
C PRO A 49 8.42 -3.97 2.56
N GLU A 50 9.43 -4.82 2.70
CA GLU A 50 10.03 -5.46 1.54
C GLU A 50 9.10 -6.53 0.96
N ASP A 51 8.63 -7.39 1.84
CA ASP A 51 7.73 -8.46 1.43
C ASP A 51 6.46 -7.85 0.83
N GLN A 52 5.91 -6.89 1.55
CA GLN A 52 4.69 -6.22 1.09
C GLN A 52 4.81 -5.87 -0.39
N ARG A 53 3.90 -6.44 -1.17
CA ARG A 53 3.89 -6.19 -2.61
C ARG A 53 2.72 -5.27 -2.98
N LEU A 54 3.07 -4.07 -3.42
CA LEU A 54 2.06 -3.09 -3.81
C LEU A 54 1.80 -3.21 -5.31
N ILE A 55 0.58 -3.63 -5.63
CA ILE A 55 0.19 -3.79 -7.02
C ILE A 55 -0.93 -2.80 -7.35
N TYR A 56 -0.92 -2.34 -8.59
CA TYR A 56 -1.92 -1.39 -9.04
C TYR A 56 -2.28 -1.62 -10.51
N SER A 57 -3.47 -2.18 -10.72
CA SER A 57 -3.94 -2.47 -12.06
C SER A 57 -3.24 -3.72 -12.61
N GLY A 58 -2.39 -4.29 -11.77
CA GLY A 58 -1.67 -5.49 -12.16
C GLY A 58 -0.16 -5.21 -12.27
N LYS A 59 0.16 -3.93 -12.38
CA LYS A 59 1.55 -3.52 -12.49
C LYS A 59 2.12 -3.30 -11.09
N LEU A 60 3.07 -4.16 -10.73
CA LEU A 60 3.71 -4.07 -9.43
C LEU A 60 4.38 -2.71 -9.28
N LEU A 61 4.22 -2.12 -8.11
CA LEU A 61 4.80 -0.81 -7.83
C LEU A 61 6.24 -1.01 -7.34
N LEU A 62 7.00 0.08 -7.41
CA LEU A 62 8.39 0.06 -6.98
C LEU A 62 8.59 1.10 -5.88
N ASP A 63 9.76 1.03 -5.25
CA ASP A 63 10.09 1.95 -4.18
C ASP A 63 10.49 3.30 -4.79
N HIS A 64 11.23 3.23 -5.89
CA HIS A 64 11.67 4.43 -6.57
C HIS A 64 10.52 4.99 -7.44
N GLN A 65 9.38 5.18 -6.79
CA GLN A 65 8.22 5.71 -7.47
C GLN A 65 7.51 6.75 -6.61
N CYS A 66 6.43 7.28 -7.15
CA CYS A 66 5.64 8.29 -6.44
C CYS A 66 4.16 8.00 -6.67
N LEU A 67 3.37 8.31 -5.65
CA LEU A 67 1.94 8.09 -5.73
C LEU A 67 1.34 9.05 -6.75
N ARG A 68 1.82 10.28 -6.73
CA ARG A 68 1.34 11.29 -7.66
C ARG A 68 1.22 10.71 -9.07
N ASP A 69 2.27 10.00 -9.47
CA ASP A 69 2.29 9.38 -10.79
C ASP A 69 1.49 8.09 -10.74
N LEU A 70 1.94 7.18 -9.90
CA LEU A 70 1.27 5.89 -9.76
C LEU A 70 -0.24 6.09 -9.84
N LEU A 71 -0.75 6.90 -8.92
CA LEU A 71 -2.17 7.19 -8.87
C LEU A 71 -2.51 8.23 -9.95
N PRO A 72 -3.71 8.05 -10.57
CA PRO A 72 -4.16 8.97 -11.59
C PRO A 72 -4.63 10.30 -10.98
N LYS A 73 -5.29 11.10 -11.81
CA LYS A 73 -5.80 12.38 -11.37
C LYS A 73 -7.17 12.63 -12.02
N GLN A 74 -8.18 11.99 -11.45
CA GLN A 74 -9.54 12.15 -11.96
C GLN A 74 -10.55 11.72 -10.90
N GLU A 75 -10.54 12.46 -9.80
CA GLU A 75 -11.46 12.18 -8.70
C GLU A 75 -11.45 10.68 -8.38
N LYS A 76 -12.36 10.29 -7.50
CA LYS A 76 -12.46 8.90 -7.09
C LYS A 76 -11.18 8.49 -6.37
N ARG A 77 -11.37 7.74 -5.29
CA ARG A 77 -10.24 7.28 -4.50
C ARG A 77 -9.35 6.36 -5.34
N HIS A 78 -8.42 5.70 -4.66
CA HIS A 78 -7.50 4.80 -5.33
C HIS A 78 -7.65 3.38 -4.74
N VAL A 79 -7.37 2.41 -5.59
CA VAL A 79 -7.48 1.01 -5.18
C VAL A 79 -6.15 0.31 -5.45
N LEU A 80 -5.46 -0.04 -4.37
CA LEU A 80 -4.18 -0.72 -4.47
C LEU A 80 -4.34 -2.18 -4.05
N HIS A 81 -3.30 -2.95 -4.29
CA HIS A 81 -3.32 -4.36 -3.95
C HIS A 81 -2.01 -4.73 -3.24
N LEU A 82 -2.09 -4.77 -1.91
CA LEU A 82 -0.93 -5.11 -1.10
C LEU A 82 -0.86 -6.63 -0.92
N VAL A 83 0.07 -7.24 -1.63
CA VAL A 83 0.25 -8.68 -1.55
C VAL A 83 1.35 -9.00 -0.54
N CYS A 84 1.08 -9.98 0.30
CA CYS A 84 2.04 -10.39 1.32
C CYS A 84 2.96 -11.45 0.70
N ASN A 85 4.18 -11.49 1.23
CA ASN A 85 5.16 -12.44 0.74
C ASN A 85 5.61 -13.34 1.90
N VAL A 86 6.79 -13.93 1.72
CA VAL A 86 7.34 -14.81 2.74
C VAL A 86 7.79 -13.97 3.94
N LYS A 87 6.80 -13.39 4.61
CA LYS A 87 7.07 -12.56 5.77
C LYS A 87 7.71 -13.42 6.86
N SER A 88 8.78 -12.90 7.44
CA SER A 88 9.49 -13.61 8.49
C SER A 88 8.90 -13.25 9.85
N GLY A 89 8.49 -14.27 10.58
CA GLY A 89 7.91 -14.06 11.89
C GLY A 89 8.75 -14.73 12.98
N PRO A 90 8.07 -15.13 14.08
CA PRO A 90 8.74 -15.79 15.19
C PRO A 90 9.10 -17.23 14.85
N SER A 91 8.09 -17.96 14.40
CA SER A 91 8.27 -19.36 14.03
C SER A 91 8.24 -19.51 12.51
N SER A 92 8.71 -20.65 12.06
CA SER A 92 8.74 -20.93 10.63
C SER A 92 8.79 -22.44 10.39
N GLY A 93 7.78 -22.94 9.68
CA GLY A 93 7.70 -24.35 9.38
C GLY A 93 6.65 -24.62 8.29
N GLY A 1 -14.60 21.75 12.98
CA GLY A 1 -13.23 21.42 12.64
C GLY A 1 -12.82 22.10 11.34
N SER A 2 -11.54 21.93 10.99
CA SER A 2 -11.02 22.53 9.77
C SER A 2 -10.37 21.44 8.91
N SER A 3 -9.46 20.70 9.53
CA SER A 3 -8.77 19.62 8.82
C SER A 3 -7.99 20.20 7.64
N GLY A 4 -6.92 19.50 7.28
CA GLY A 4 -6.09 19.92 6.17
C GLY A 4 -5.01 18.88 5.86
N SER A 5 -4.50 18.95 4.65
CA SER A 5 -3.46 18.03 4.22
C SER A 5 -3.84 16.60 4.63
N SER A 6 -4.58 15.94 3.76
CA SER A 6 -5.00 14.58 4.01
C SER A 6 -4.31 13.62 3.05
N GLY A 7 -4.55 13.85 1.76
CA GLY A 7 -3.96 13.01 0.73
C GLY A 7 -5.04 12.28 -0.07
N VAL A 8 -4.75 11.02 -0.37
CA VAL A 8 -5.68 10.21 -1.13
C VAL A 8 -5.99 8.93 -0.34
N THR A 9 -7.06 8.27 -0.75
CA THR A 9 -7.48 7.05 -0.09
C THR A 9 -7.14 5.83 -0.96
N LEU A 10 -6.21 5.03 -0.46
CA LEU A 10 -5.79 3.84 -1.19
C LEU A 10 -6.57 2.63 -0.66
N LEU A 11 -7.24 1.94 -1.58
CA LEU A 11 -8.02 0.77 -1.23
C LEU A 11 -7.15 -0.48 -1.38
N VAL A 12 -6.63 -0.94 -0.26
CA VAL A 12 -5.79 -2.12 -0.25
C VAL A 12 -6.66 -3.37 -0.39
N LYS A 13 -6.52 -4.02 -1.54
CA LYS A 13 -7.29 -5.23 -1.83
C LYS A 13 -6.34 -6.42 -1.91
N SER A 14 -6.93 -7.60 -1.86
CA SER A 14 -6.15 -8.82 -1.94
C SER A 14 -6.74 -9.76 -2.99
N PRO A 15 -5.84 -10.28 -3.87
CA PRO A 15 -6.27 -11.19 -4.93
C PRO A 15 -6.58 -12.57 -4.37
N ASN A 16 -7.68 -12.64 -3.64
CA ASN A 16 -8.11 -13.91 -3.05
C ASN A 16 -9.58 -13.81 -2.64
N GLN A 17 -9.92 -12.69 -2.03
CA GLN A 17 -11.28 -12.46 -1.60
C GLN A 17 -11.56 -13.23 -0.30
N ARG A 18 -10.77 -12.92 0.71
CA ARG A 18 -10.92 -13.57 2.01
C ARG A 18 -10.90 -12.53 3.13
N HIS A 19 -9.92 -11.64 3.06
CA HIS A 19 -9.78 -10.60 4.04
C HIS A 19 -10.62 -9.38 3.65
N ARG A 20 -10.63 -8.39 4.53
CA ARG A 20 -11.38 -7.18 4.27
C ARG A 20 -10.47 -6.09 3.69
N ASP A 21 -11.07 -5.20 2.92
CA ASP A 21 -10.32 -4.12 2.30
C ASP A 21 -9.77 -3.21 3.39
N LEU A 22 -8.81 -2.37 3.00
CA LEU A 22 -8.18 -1.45 3.92
C LEU A 22 -8.03 -0.08 3.25
N GLU A 23 -8.81 0.88 3.73
CA GLU A 23 -8.77 2.22 3.20
C GLU A 23 -7.86 3.11 4.04
N LEU A 24 -6.67 3.37 3.52
CA LEU A 24 -5.72 4.20 4.22
C LEU A 24 -5.31 5.38 3.32
N SER A 25 -4.68 6.36 3.93
CA SER A 25 -4.23 7.54 3.21
C SER A 25 -3.14 7.15 2.20
N GLY A 26 -2.93 8.03 1.23
CA GLY A 26 -1.93 7.80 0.21
C GLY A 26 -1.42 9.12 -0.37
N ASP A 27 -1.06 10.03 0.53
CA ASP A 27 -0.55 11.32 0.12
C ASP A 27 0.35 11.15 -1.10
N ARG A 28 0.07 11.95 -2.12
CA ARG A 28 0.84 11.90 -3.36
C ARG A 28 2.34 11.98 -3.04
N GLY A 29 2.64 12.49 -1.86
CA GLY A 29 4.02 12.63 -1.43
C GLY A 29 4.57 11.30 -0.91
N TRP A 30 3.67 10.52 -0.33
CA TRP A 30 4.05 9.22 0.21
C TRP A 30 4.94 8.52 -0.81
N SER A 31 5.64 7.50 -0.35
CA SER A 31 6.53 6.74 -1.20
C SER A 31 6.14 5.26 -1.19
N VAL A 32 6.04 4.69 -2.38
CA VAL A 32 5.69 3.29 -2.52
C VAL A 32 6.38 2.48 -1.41
N GLY A 33 7.66 2.77 -1.23
CA GLY A 33 8.44 2.08 -0.22
C GLY A 33 7.97 2.46 1.19
N HIS A 34 7.69 3.73 1.38
CA HIS A 34 7.23 4.23 2.66
C HIS A 34 5.84 3.67 2.94
N LEU A 35 4.94 3.88 1.99
CA LEU A 35 3.57 3.40 2.13
C LEU A 35 3.58 2.02 2.79
N LYS A 36 4.27 1.10 2.13
CA LYS A 36 4.36 -0.26 2.64
C LYS A 36 4.49 -0.23 4.17
N ALA A 37 5.57 0.39 4.62
CA ALA A 37 5.81 0.50 6.05
C ALA A 37 4.52 0.93 6.76
N HIS A 38 4.01 2.07 6.34
CA HIS A 38 2.78 2.61 6.92
C HIS A 38 1.70 1.52 6.93
N LEU A 39 1.62 0.80 5.81
CA LEU A 39 0.64 -0.27 5.68
C LEU A 39 0.85 -1.29 6.80
N SER A 40 2.02 -1.94 6.75
CA SER A 40 2.36 -2.94 7.74
C SER A 40 1.88 -2.50 9.12
N ARG A 41 1.85 -1.18 9.30
CA ARG A 41 1.42 -0.61 10.57
C ARG A 41 -0.10 -0.83 10.76
N VAL A 42 -0.84 -0.42 9.75
CA VAL A 42 -2.29 -0.57 9.79
C VAL A 42 -2.65 -2.03 9.50
N TYR A 43 -1.69 -2.76 8.96
CA TYR A 43 -1.90 -4.16 8.64
C TYR A 43 -1.66 -5.05 9.86
N PRO A 44 -2.67 -5.90 10.16
CA PRO A 44 -2.58 -6.81 11.29
C PRO A 44 -1.63 -7.98 10.98
N GLU A 45 -0.41 -7.84 11.45
CA GLU A 45 0.59 -8.87 11.23
C GLU A 45 2.00 -8.30 11.42
N ARG A 46 2.12 -7.01 11.14
CA ARG A 46 3.40 -6.34 11.28
C ARG A 46 4.41 -6.92 10.29
N PRO A 47 4.08 -6.79 8.98
CA PRO A 47 4.94 -7.30 7.93
C PRO A 47 6.16 -6.39 7.74
N ARG A 48 6.84 -6.59 6.62
CA ARG A 48 8.02 -5.80 6.30
C ARG A 48 7.75 -4.91 5.09
N PRO A 49 8.46 -3.75 5.07
CA PRO A 49 8.31 -2.80 3.97
C PRO A 49 9.01 -3.31 2.70
N GLU A 50 10.15 -3.97 2.92
CA GLU A 50 10.92 -4.51 1.81
C GLU A 50 10.44 -5.90 1.46
N ASP A 51 9.12 -6.05 1.42
CA ASP A 51 8.51 -7.32 1.10
C ASP A 51 7.10 -7.10 0.55
N GLN A 52 6.36 -6.24 1.23
CA GLN A 52 5.01 -5.91 0.82
C GLN A 52 4.91 -5.83 -0.70
N ARG A 53 3.83 -6.37 -1.23
CA ARG A 53 3.61 -6.34 -2.66
C ARG A 53 2.50 -5.36 -3.02
N LEU A 54 2.91 -4.18 -3.46
CA LEU A 54 1.96 -3.15 -3.83
C LEU A 54 1.69 -3.24 -5.33
N ILE A 55 0.44 -3.53 -5.66
CA ILE A 55 0.03 -3.64 -7.04
C ILE A 55 -1.08 -2.64 -7.34
N TYR A 56 -0.70 -1.55 -7.97
CA TYR A 56 -1.65 -0.50 -8.32
C TYR A 56 -2.39 -0.84 -9.61
N SER A 57 -1.82 -0.41 -10.73
CA SER A 57 -2.41 -0.66 -12.02
C SER A 57 -1.84 -1.95 -12.62
N GLY A 58 -2.23 -3.06 -12.02
CA GLY A 58 -1.77 -4.36 -12.49
C GLY A 58 -0.26 -4.36 -12.71
N LYS A 59 0.41 -3.44 -12.03
CA LYS A 59 1.85 -3.32 -12.15
C LYS A 59 2.45 -3.01 -10.77
N LEU A 60 3.11 -4.00 -10.20
CA LEU A 60 3.72 -3.85 -8.90
C LEU A 60 4.49 -2.53 -8.86
N LEU A 61 4.28 -1.79 -7.77
CA LEU A 61 4.94 -0.51 -7.58
C LEU A 61 6.41 -0.75 -7.23
N LEU A 62 7.18 0.33 -7.32
CA LEU A 62 8.61 0.26 -7.01
C LEU A 62 8.81 0.51 -5.52
N ASP A 63 9.35 1.68 -5.22
CA ASP A 63 9.61 2.06 -3.84
C ASP A 63 9.92 3.55 -3.77
N HIS A 64 11.02 3.93 -4.41
CA HIS A 64 11.44 5.31 -4.43
C HIS A 64 10.44 6.14 -5.25
N GLN A 65 9.61 5.43 -6.00
CA GLN A 65 8.61 6.08 -6.82
C GLN A 65 7.78 7.06 -5.99
N CYS A 66 6.83 7.70 -6.66
CA CYS A 66 5.96 8.65 -5.99
C CYS A 66 4.51 8.28 -6.30
N LEU A 67 3.64 8.59 -5.36
CA LEU A 67 2.23 8.29 -5.51
C LEU A 67 1.64 9.20 -6.60
N ARG A 68 2.05 10.46 -6.56
CA ARG A 68 1.58 11.42 -7.53
C ARG A 68 1.57 10.81 -8.94
N ASP A 69 2.73 10.32 -9.35
CA ASP A 69 2.86 9.70 -10.66
C ASP A 69 1.96 8.47 -10.73
N LEU A 70 2.26 7.51 -9.86
CA LEU A 70 1.48 6.28 -9.82
C LEU A 70 0.01 6.61 -10.00
N LEU A 71 -0.57 7.23 -8.97
CA LEU A 71 -1.97 7.61 -9.00
C LEU A 71 -2.20 8.62 -10.13
N PRO A 72 -3.46 8.62 -10.63
CA PRO A 72 -3.82 9.53 -11.71
C PRO A 72 -3.98 10.97 -11.18
N LYS A 73 -4.30 11.86 -12.11
CA LYS A 73 -4.48 13.27 -11.75
C LYS A 73 -5.72 13.41 -10.87
N GLN A 74 -6.88 13.21 -11.48
CA GLN A 74 -8.14 13.31 -10.77
C GLN A 74 -8.78 11.93 -10.63
N GLU A 75 -9.32 11.68 -9.45
CA GLU A 75 -9.97 10.41 -9.16
C GLU A 75 -10.46 10.37 -7.72
N LYS A 76 -11.67 9.85 -7.56
CA LYS A 76 -12.26 9.75 -6.24
C LYS A 76 -11.28 9.07 -5.28
N ARG A 77 -11.11 7.76 -5.48
CA ARG A 77 -10.20 7.00 -4.64
C ARG A 77 -9.43 5.99 -5.49
N HIS A 78 -8.29 5.56 -4.96
CA HIS A 78 -7.45 4.60 -5.66
C HIS A 78 -7.55 3.24 -4.97
N VAL A 79 -7.51 2.20 -5.78
CA VAL A 79 -7.60 0.84 -5.25
C VAL A 79 -6.27 0.13 -5.47
N LEU A 80 -5.57 -0.13 -4.38
CA LEU A 80 -4.29 -0.80 -4.44
C LEU A 80 -4.44 -2.25 -3.97
N HIS A 81 -3.41 -3.03 -4.20
CA HIS A 81 -3.41 -4.44 -3.81
C HIS A 81 -2.13 -4.76 -3.06
N LEU A 82 -2.27 -4.96 -1.76
CA LEU A 82 -1.14 -5.28 -0.91
C LEU A 82 -1.17 -6.78 -0.58
N VAL A 83 -0.16 -7.48 -1.07
CA VAL A 83 -0.06 -8.91 -0.82
C VAL A 83 1.16 -9.19 0.05
N CYS A 84 1.10 -10.31 0.76
CA CYS A 84 2.18 -10.70 1.65
C CYS A 84 3.31 -11.27 0.79
N ASN A 85 4.53 -11.01 1.24
CA ASN A 85 5.71 -11.49 0.52
C ASN A 85 6.25 -12.74 1.23
N VAL A 86 7.53 -12.97 1.04
CA VAL A 86 8.18 -14.12 1.65
C VAL A 86 9.69 -13.85 1.76
N LYS A 87 10.20 -14.10 2.96
CA LYS A 87 11.63 -13.89 3.21
C LYS A 87 12.39 -15.18 2.93
N SER A 88 13.71 -15.05 2.86
CA SER A 88 14.56 -16.19 2.58
C SER A 88 15.29 -16.62 3.86
N GLY A 89 14.67 -17.55 4.58
CA GLY A 89 15.25 -18.04 5.81
C GLY A 89 14.63 -19.39 6.20
N PRO A 90 15.22 -20.01 7.26
CA PRO A 90 14.74 -21.29 7.74
C PRO A 90 13.43 -21.13 8.51
N SER A 91 12.78 -22.27 8.75
CA SER A 91 11.52 -22.26 9.48
C SER A 91 11.64 -23.12 10.73
N SER A 92 12.00 -24.38 10.52
CA SER A 92 12.16 -25.31 11.63
C SER A 92 13.64 -25.61 11.85
N GLY A 93 14.08 -25.40 13.09
CA GLY A 93 15.46 -25.64 13.45
C GLY A 93 15.58 -26.80 14.44
#